data_1EIG
# 
_entry.id   1EIG 
# 
_audit_conform.dict_name       mmcif_pdbx.dic 
_audit_conform.dict_version    5.399 
_audit_conform.dict_location   http://mmcif.pdb.org/dictionaries/ascii/mmcif_pdbx.dic 
# 
loop_
_database_2.database_id 
_database_2.database_code 
_database_2.pdbx_database_accession 
_database_2.pdbx_DOI 
PDB   1EIG         pdb_00001eig 10.2210/pdb1eig/pdb 
RCSB  RCSB010606   ?            ?                   
WWPDB D_1000010606 ?            ?                   
# 
loop_
_pdbx_audit_revision_history.ordinal 
_pdbx_audit_revision_history.data_content_type 
_pdbx_audit_revision_history.major_revision 
_pdbx_audit_revision_history.minor_revision 
_pdbx_audit_revision_history.revision_date 
1 'Structure model' 1 0 2000-12-06 
2 'Structure model' 1 1 2008-04-27 
3 'Structure model' 1 2 2011-07-13 
4 'Structure model' 1 3 2022-02-16 
5 'Structure model' 1 4 2024-11-20 
# 
_pdbx_audit_revision_details.ordinal             1 
_pdbx_audit_revision_details.revision_ordinal    1 
_pdbx_audit_revision_details.data_content_type   'Structure model' 
_pdbx_audit_revision_details.provider            repository 
_pdbx_audit_revision_details.type                'Initial release' 
_pdbx_audit_revision_details.description         ? 
_pdbx_audit_revision_details.details             ? 
# 
loop_
_pdbx_audit_revision_group.ordinal 
_pdbx_audit_revision_group.revision_ordinal 
_pdbx_audit_revision_group.data_content_type 
_pdbx_audit_revision_group.group 
1 2 'Structure model' 'Version format compliance' 
2 3 'Structure model' 'Version format compliance' 
3 4 'Structure model' 'Data collection'           
4 4 'Structure model' 'Database references'       
5 4 'Structure model' 'Derived calculations'      
6 5 'Structure model' 'Data collection'           
7 5 'Structure model' 'Structure summary'         
# 
loop_
_pdbx_audit_revision_category.ordinal 
_pdbx_audit_revision_category.revision_ordinal 
_pdbx_audit_revision_category.data_content_type 
_pdbx_audit_revision_category.category 
1 4 'Structure model' database_2                
2 4 'Structure model' pdbx_nmr_software         
3 4 'Structure model' pdbx_struct_assembly      
4 4 'Structure model' pdbx_struct_oper_list     
5 5 'Structure model' chem_comp_atom            
6 5 'Structure model' chem_comp_bond            
7 5 'Structure model' pdbx_entry_details        
8 5 'Structure model' pdbx_modification_feature 
9 5 'Structure model' pdbx_nmr_spectrometer     
# 
loop_
_pdbx_audit_revision_item.ordinal 
_pdbx_audit_revision_item.revision_ordinal 
_pdbx_audit_revision_item.data_content_type 
_pdbx_audit_revision_item.item 
1 4 'Structure model' '_database_2.pdbx_DOI'                
2 4 'Structure model' '_database_2.pdbx_database_accession' 
3 4 'Structure model' '_pdbx_nmr_software.name'             
4 5 'Structure model' '_pdbx_nmr_spectrometer.model'        
# 
_pdbx_database_status.status_code                     REL 
_pdbx_database_status.entry_id                        1EIG 
_pdbx_database_status.recvd_initial_deposition_date   2000-02-25 
_pdbx_database_status.deposit_site                    RCSB 
_pdbx_database_status.process_site                    RCSB 
_pdbx_database_status.status_code_mr                  REL 
_pdbx_database_status.SG_entry                        . 
_pdbx_database_status.pdb_format_compatible           Y 
_pdbx_database_status.status_code_sf                  ? 
_pdbx_database_status.status_code_cs                  ? 
_pdbx_database_status.status_code_nmr_data            ? 
_pdbx_database_status.methods_development_category    ? 
# 
_pdbx_database_related.db_name        PDB 
_pdbx_database_related.db_id          1EIH 
_pdbx_database_related.details        '20 structures' 
_pdbx_database_related.content_type   unspecified 
# 
loop_
_audit_author.name 
_audit_author.pdbx_ordinal 
'Mayer, K.L.' 1 
'Stone, M.J.' 2 
# 
_citation.id                        primary 
_citation.title                     'NMR solution structure and receptor peptide binding of the CC chemokine eotaxin-2.' 
_citation.journal_abbrev            Biochemistry 
_citation.journal_volume            39 
_citation.page_first                8382 
_citation.page_last                 8395 
_citation.year                      2000 
_citation.journal_id_ASTM           BICHAW 
_citation.country                   US 
_citation.journal_id_ISSN           0006-2960 
_citation.journal_id_CSD            0033 
_citation.book_publisher            ? 
_citation.pdbx_database_id_PubMed   10913244 
_citation.pdbx_database_id_DOI      10.1021/bi000523j 
# 
loop_
_citation_author.citation_id 
_citation_author.name 
_citation_author.ordinal 
_citation_author.identifier_ORCID 
primary 'Mayer, K.L.' 1 ? 
primary 'Stone, M.J.' 2 ? 
# 
_entity.id                         1 
_entity.type                       polymer 
_entity.src_method                 man 
_entity.pdbx_description           EOTAXIN-2 
_entity.formula_weight             8323.781 
_entity.pdbx_number_of_molecules   1 
_entity.pdbx_ec                    ? 
_entity.pdbx_mutation              ? 
_entity.pdbx_fragment              ? 
_entity.details                    ? 
# 
_entity_poly.entity_id                      1 
_entity_poly.type                           'polypeptide(L)' 
_entity_poly.nstd_linkage                   no 
_entity_poly.nstd_monomer                   no 
_entity_poly.pdbx_seq_one_letter_code       VVIPSPCCMFFVSKRIPENRVVSYQLSSRSTCLKAGVIFTTKKGQQSCGDPKQEWVQRYMKNLDAKQKKASPR 
_entity_poly.pdbx_seq_one_letter_code_can   VVIPSPCCMFFVSKRIPENRVVSYQLSSRSTCLKAGVIFTTKKGQQSCGDPKQEWVQRYMKNLDAKQKKASPR 
_entity_poly.pdbx_strand_id                 A 
_entity_poly.pdbx_target_identifier         ? 
# 
loop_
_entity_poly_seq.entity_id 
_entity_poly_seq.num 
_entity_poly_seq.mon_id 
_entity_poly_seq.hetero 
1 1  VAL n 
1 2  VAL n 
1 3  ILE n 
1 4  PRO n 
1 5  SER n 
1 6  PRO n 
1 7  CYS n 
1 8  CYS n 
1 9  MET n 
1 10 PHE n 
1 11 PHE n 
1 12 VAL n 
1 13 SER n 
1 14 LYS n 
1 15 ARG n 
1 16 ILE n 
1 17 PRO n 
1 18 GLU n 
1 19 ASN n 
1 20 ARG n 
1 21 VAL n 
1 22 VAL n 
1 23 SER n 
1 24 TYR n 
1 25 GLN n 
1 26 LEU n 
1 27 SER n 
1 28 SER n 
1 29 ARG n 
1 30 SER n 
1 31 THR n 
1 32 CYS n 
1 33 LEU n 
1 34 LYS n 
1 35 ALA n 
1 36 GLY n 
1 37 VAL n 
1 38 ILE n 
1 39 PHE n 
1 40 THR n 
1 41 THR n 
1 42 LYS n 
1 43 LYS n 
1 44 GLY n 
1 45 GLN n 
1 46 GLN n 
1 47 SER n 
1 48 CYS n 
1 49 GLY n 
1 50 ASP n 
1 51 PRO n 
1 52 LYS n 
1 53 GLN n 
1 54 GLU n 
1 55 TRP n 
1 56 VAL n 
1 57 GLN n 
1 58 ARG n 
1 59 TYR n 
1 60 MET n 
1 61 LYS n 
1 62 ASN n 
1 63 LEU n 
1 64 ASP n 
1 65 ALA n 
1 66 LYS n 
1 67 GLN n 
1 68 LYS n 
1 69 LYS n 
1 70 ALA n 
1 71 SER n 
1 72 PRO n 
1 73 ARG n 
# 
_entity_src_gen.entity_id                          1 
_entity_src_gen.pdbx_src_id                        1 
_entity_src_gen.pdbx_alt_source_flag               sample 
_entity_src_gen.pdbx_seq_type                      ? 
_entity_src_gen.pdbx_beg_seq_num                   ? 
_entity_src_gen.pdbx_end_seq_num                   ? 
_entity_src_gen.gene_src_common_name               human 
_entity_src_gen.gene_src_genus                     Homo 
_entity_src_gen.pdbx_gene_src_gene                 ? 
_entity_src_gen.gene_src_species                   ? 
_entity_src_gen.gene_src_strain                    ? 
_entity_src_gen.gene_src_tissue                    ? 
_entity_src_gen.gene_src_tissue_fraction           ? 
_entity_src_gen.gene_src_details                   ? 
_entity_src_gen.pdbx_gene_src_fragment             ? 
_entity_src_gen.pdbx_gene_src_scientific_name      'Homo sapiens' 
_entity_src_gen.pdbx_gene_src_ncbi_taxonomy_id     9606 
_entity_src_gen.pdbx_gene_src_variant              ? 
_entity_src_gen.pdbx_gene_src_cell_line            ? 
_entity_src_gen.pdbx_gene_src_atcc                 ? 
_entity_src_gen.pdbx_gene_src_organ                ? 
_entity_src_gen.pdbx_gene_src_organelle            ? 
_entity_src_gen.pdbx_gene_src_cell                 ? 
_entity_src_gen.pdbx_gene_src_cellular_location    ? 
_entity_src_gen.host_org_common_name               ? 
_entity_src_gen.pdbx_host_org_scientific_name      'Escherichia coli' 
_entity_src_gen.pdbx_host_org_ncbi_taxonomy_id     562 
_entity_src_gen.host_org_genus                     Escherichia 
_entity_src_gen.pdbx_host_org_gene                 ? 
_entity_src_gen.pdbx_host_org_organ                ? 
_entity_src_gen.host_org_species                   ? 
_entity_src_gen.pdbx_host_org_tissue               ? 
_entity_src_gen.pdbx_host_org_tissue_fraction      ? 
_entity_src_gen.pdbx_host_org_strain               ? 
_entity_src_gen.pdbx_host_org_variant              ? 
_entity_src_gen.pdbx_host_org_cell_line            ? 
_entity_src_gen.pdbx_host_org_atcc                 ? 
_entity_src_gen.pdbx_host_org_culture_collection   ? 
_entity_src_gen.pdbx_host_org_cell                 ? 
_entity_src_gen.pdbx_host_org_organelle            ? 
_entity_src_gen.pdbx_host_org_cellular_location    ? 
_entity_src_gen.pdbx_host_org_vector_type          ? 
_entity_src_gen.pdbx_host_org_vector               ? 
_entity_src_gen.host_org_details                   ? 
_entity_src_gen.expression_system_id               ? 
_entity_src_gen.plasmid_name                       PET28A 
_entity_src_gen.plasmid_details                    ? 
_entity_src_gen.pdbx_description                   ? 
# 
loop_
_chem_comp.id 
_chem_comp.type 
_chem_comp.mon_nstd_flag 
_chem_comp.name 
_chem_comp.pdbx_synonyms 
_chem_comp.formula 
_chem_comp.formula_weight 
ALA 'L-peptide linking' y ALANINE         ? 'C3 H7 N O2'     89.093  
ARG 'L-peptide linking' y ARGININE        ? 'C6 H15 N4 O2 1' 175.209 
ASN 'L-peptide linking' y ASPARAGINE      ? 'C4 H8 N2 O3'    132.118 
ASP 'L-peptide linking' y 'ASPARTIC ACID' ? 'C4 H7 N O4'     133.103 
CYS 'L-peptide linking' y CYSTEINE        ? 'C3 H7 N O2 S'   121.158 
GLN 'L-peptide linking' y GLUTAMINE       ? 'C5 H10 N2 O3'   146.144 
GLU 'L-peptide linking' y 'GLUTAMIC ACID' ? 'C5 H9 N O4'     147.129 
GLY 'peptide linking'   y GLYCINE         ? 'C2 H5 N O2'     75.067  
ILE 'L-peptide linking' y ISOLEUCINE      ? 'C6 H13 N O2'    131.173 
LEU 'L-peptide linking' y LEUCINE         ? 'C6 H13 N O2'    131.173 
LYS 'L-peptide linking' y LYSINE          ? 'C6 H15 N2 O2 1' 147.195 
MET 'L-peptide linking' y METHIONINE      ? 'C5 H11 N O2 S'  149.211 
PHE 'L-peptide linking' y PHENYLALANINE   ? 'C9 H11 N O2'    165.189 
PRO 'L-peptide linking' y PROLINE         ? 'C5 H9 N O2'     115.130 
SER 'L-peptide linking' y SERINE          ? 'C3 H7 N O3'     105.093 
THR 'L-peptide linking' y THREONINE       ? 'C4 H9 N O3'     119.119 
TRP 'L-peptide linking' y TRYPTOPHAN      ? 'C11 H12 N2 O2'  204.225 
TYR 'L-peptide linking' y TYROSINE        ? 'C9 H11 N O3'    181.189 
VAL 'L-peptide linking' y VALINE          ? 'C5 H11 N O2'    117.146 
# 
loop_
_pdbx_poly_seq_scheme.asym_id 
_pdbx_poly_seq_scheme.entity_id 
_pdbx_poly_seq_scheme.seq_id 
_pdbx_poly_seq_scheme.mon_id 
_pdbx_poly_seq_scheme.ndb_seq_num 
_pdbx_poly_seq_scheme.pdb_seq_num 
_pdbx_poly_seq_scheme.auth_seq_num 
_pdbx_poly_seq_scheme.pdb_mon_id 
_pdbx_poly_seq_scheme.auth_mon_id 
_pdbx_poly_seq_scheme.pdb_strand_id 
_pdbx_poly_seq_scheme.pdb_ins_code 
_pdbx_poly_seq_scheme.hetero 
A 1 1  VAL 1  1  1  VAL VAL A . n 
A 1 2  VAL 2  2  2  VAL VAL A . n 
A 1 3  ILE 3  3  3  ILE ILE A . n 
A 1 4  PRO 4  4  4  PRO PRO A . n 
A 1 5  SER 5  5  5  SER SER A . n 
A 1 6  PRO 6  6  6  PRO PRO A . n 
A 1 7  CYS 7  7  7  CYS CYS A . n 
A 1 8  CYS 8  8  8  CYS CYS A . n 
A 1 9  MET 9  9  9  MET MET A . n 
A 1 10 PHE 10 10 10 PHE PHE A . n 
A 1 11 PHE 11 11 11 PHE PHE A . n 
A 1 12 VAL 12 12 12 VAL VAL A . n 
A 1 13 SER 13 13 13 SER SER A . n 
A 1 14 LYS 14 14 14 LYS LYS A . n 
A 1 15 ARG 15 15 15 ARG ARG A . n 
A 1 16 ILE 16 16 16 ILE ILE A . n 
A 1 17 PRO 17 17 17 PRO PRO A . n 
A 1 18 GLU 18 18 18 GLU GLU A . n 
A 1 19 ASN 19 19 19 ASN ASN A . n 
A 1 20 ARG 20 20 20 ARG ARG A . n 
A 1 21 VAL 21 21 21 VAL VAL A . n 
A 1 22 VAL 22 22 22 VAL VAL A . n 
A 1 23 SER 23 23 23 SER SER A . n 
A 1 24 TYR 24 24 24 TYR TYR A . n 
A 1 25 GLN 25 25 25 GLN GLN A . n 
A 1 26 LEU 26 26 26 LEU LEU A . n 
A 1 27 SER 27 27 27 SER SER A . n 
A 1 28 SER 28 28 28 SER SER A . n 
A 1 29 ARG 29 29 29 ARG ARG A . n 
A 1 30 SER 30 30 30 SER SER A . n 
A 1 31 THR 31 31 31 THR THR A . n 
A 1 32 CYS 32 32 32 CYS CYS A . n 
A 1 33 LEU 33 33 33 LEU LEU A . n 
A 1 34 LYS 34 34 34 LYS LYS A . n 
A 1 35 ALA 35 35 35 ALA ALA A . n 
A 1 36 GLY 36 36 36 GLY GLY A . n 
A 1 37 VAL 37 37 37 VAL VAL A . n 
A 1 38 ILE 38 38 38 ILE ILE A . n 
A 1 39 PHE 39 39 39 PHE PHE A . n 
A 1 40 THR 40 40 40 THR THR A . n 
A 1 41 THR 41 41 41 THR THR A . n 
A 1 42 LYS 42 42 42 LYS LYS A . n 
A 1 43 LYS 43 43 43 LYS LYS A . n 
A 1 44 GLY 44 44 44 GLY GLY A . n 
A 1 45 GLN 45 45 45 GLN GLN A . n 
A 1 46 GLN 46 46 46 GLN GLN A . n 
A 1 47 SER 47 47 47 SER SER A . n 
A 1 48 CYS 48 48 48 CYS CYS A . n 
A 1 49 GLY 49 49 49 GLY GLY A . n 
A 1 50 ASP 50 50 50 ASP ASP A . n 
A 1 51 PRO 51 51 51 PRO PRO A . n 
A 1 52 LYS 52 52 52 LYS LYS A . n 
A 1 53 GLN 53 53 53 GLN GLN A . n 
A 1 54 GLU 54 54 54 GLU GLU A . n 
A 1 55 TRP 55 55 55 TRP TRP A . n 
A 1 56 VAL 56 56 56 VAL VAL A . n 
A 1 57 GLN 57 57 57 GLN GLN A . n 
A 1 58 ARG 58 58 58 ARG ARG A . n 
A 1 59 TYR 59 59 59 TYR TYR A . n 
A 1 60 MET 60 60 60 MET MET A . n 
A 1 61 LYS 61 61 61 LYS LYS A . n 
A 1 62 ASN 62 62 62 ASN ASN A . n 
A 1 63 LEU 63 63 63 LEU LEU A . n 
A 1 64 ASP 64 64 64 ASP ASP A . n 
A 1 65 ALA 65 65 65 ALA ALA A . n 
A 1 66 LYS 66 66 66 LYS LYS A . n 
A 1 67 GLN 67 67 67 GLN GLN A . n 
A 1 68 LYS 68 68 68 LYS LYS A . n 
A 1 69 LYS 69 69 69 LYS LYS A . n 
A 1 70 ALA 70 70 70 ALA ALA A . n 
A 1 71 SER 71 71 71 SER SER A . n 
A 1 72 PRO 72 72 72 PRO PRO A . n 
A 1 73 ARG 73 73 73 ARG ARG A . n 
# 
_cell.entry_id           1EIG 
_cell.length_a           1.000 
_cell.length_b           1.000 
_cell.length_c           1.000 
_cell.angle_alpha        90.00 
_cell.angle_beta         90.00 
_cell.angle_gamma        90.00 
_cell.Z_PDB              1 
_cell.pdbx_unique_axis   ? 
# 
_symmetry.entry_id                         1EIG 
_symmetry.space_group_name_H-M             'P 1' 
_symmetry.pdbx_full_space_group_name_H-M   ? 
_symmetry.cell_setting                     ? 
_symmetry.Int_Tables_number                1 
# 
_exptl.entry_id          1EIG 
_exptl.method            'SOLUTION NMR' 
_exptl.crystals_number   ? 
# 
_struct.entry_id                  1EIG 
_struct.title                     'SOLUTION STRUCTURE OF THE HUMAN CHEMOKINE EOTAXIN-2' 
_struct.pdbx_model_details        ? 
_struct.pdbx_CASP_flag            ? 
_struct.pdbx_model_type_details   'minimized average' 
# 
_struct_keywords.entry_id        1EIG 
_struct_keywords.pdbx_keywords   CYTOKINE 
_struct_keywords.text            'chemokine, chemotactic cytokine, eosinophil chemoattractant, CYTOKINE' 
# 
_struct_asym.id                            A 
_struct_asym.pdbx_blank_PDB_chainid_flag   N 
_struct_asym.pdbx_modified                 N 
_struct_asym.entity_id                     1 
_struct_asym.details                       ? 
# 
_struct_ref.id                         1 
_struct_ref.db_name                    UNP 
_struct_ref.db_code                    CCL24_HUMAN 
_struct_ref.entity_id                  1 
_struct_ref.pdbx_db_accession          O00175 
_struct_ref.pdbx_align_begin           27 
_struct_ref.pdbx_seq_one_letter_code   VVIPSPCCMFFVSKRIPENRVVSYQLSSRSTCLKAGVIFTTKKGQQFCGDPKQEWVQRYMKNLDAKQKKASPR 
_struct_ref.pdbx_db_isoform            ? 
# 
_struct_ref_seq.align_id                      1 
_struct_ref_seq.ref_id                        1 
_struct_ref_seq.pdbx_PDB_id_code              1EIG 
_struct_ref_seq.pdbx_strand_id                A 
_struct_ref_seq.seq_align_beg                 1 
_struct_ref_seq.pdbx_seq_align_beg_ins_code   ? 
_struct_ref_seq.seq_align_end                 73 
_struct_ref_seq.pdbx_seq_align_end_ins_code   ? 
_struct_ref_seq.pdbx_db_accession             O00175 
_struct_ref_seq.db_align_beg                  27 
_struct_ref_seq.pdbx_db_align_beg_ins_code    ? 
_struct_ref_seq.db_align_end                  99 
_struct_ref_seq.pdbx_db_align_end_ins_code    ? 
_struct_ref_seq.pdbx_auth_seq_align_beg       1 
_struct_ref_seq.pdbx_auth_seq_align_end       73 
# 
_struct_ref_seq_dif.align_id                     1 
_struct_ref_seq_dif.pdbx_pdb_id_code             1EIG 
_struct_ref_seq_dif.mon_id                       SER 
_struct_ref_seq_dif.pdbx_pdb_strand_id           A 
_struct_ref_seq_dif.seq_num                      47 
_struct_ref_seq_dif.pdbx_pdb_ins_code            ? 
_struct_ref_seq_dif.pdbx_seq_db_name             UNP 
_struct_ref_seq_dif.pdbx_seq_db_accession_code   O00175 
_struct_ref_seq_dif.db_mon_id                    PHE 
_struct_ref_seq_dif.pdbx_seq_db_seq_num          73 
_struct_ref_seq_dif.details                      'SEE REMARK 999' 
_struct_ref_seq_dif.pdbx_auth_seq_num            47 
_struct_ref_seq_dif.pdbx_ordinal                 1 
# 
_pdbx_struct_assembly.id                   1 
_pdbx_struct_assembly.details              author_defined_assembly 
_pdbx_struct_assembly.method_details       ? 
_pdbx_struct_assembly.oligomeric_details   monomeric 
_pdbx_struct_assembly.oligomeric_count     1 
# 
_pdbx_struct_assembly_gen.assembly_id       1 
_pdbx_struct_assembly_gen.oper_expression   1 
_pdbx_struct_assembly_gen.asym_id_list      A 
# 
_pdbx_struct_oper_list.id                   1 
_pdbx_struct_oper_list.type                 'identity operation' 
_pdbx_struct_oper_list.name                 1_555 
_pdbx_struct_oper_list.symmetry_operation   x,y,z 
_pdbx_struct_oper_list.matrix[1][1]         1.0000000000 
_pdbx_struct_oper_list.matrix[1][2]         0.0000000000 
_pdbx_struct_oper_list.matrix[1][3]         0.0000000000 
_pdbx_struct_oper_list.vector[1]            0.0000000000 
_pdbx_struct_oper_list.matrix[2][1]         0.0000000000 
_pdbx_struct_oper_list.matrix[2][2]         1.0000000000 
_pdbx_struct_oper_list.matrix[2][3]         0.0000000000 
_pdbx_struct_oper_list.vector[2]            0.0000000000 
_pdbx_struct_oper_list.matrix[3][1]         0.0000000000 
_pdbx_struct_oper_list.matrix[3][2]         0.0000000000 
_pdbx_struct_oper_list.matrix[3][3]         1.0000000000 
_pdbx_struct_oper_list.vector[3]            0.0000000000 
# 
_struct_biol.id   1 
# 
_struct_conf.conf_type_id            HELX_P 
_struct_conf.id                      HELX_P1 
_struct_conf.pdbx_PDB_helix_id       1 
_struct_conf.beg_label_comp_id       GLN 
_struct_conf.beg_label_asym_id       A 
_struct_conf.beg_label_seq_id        53 
_struct_conf.pdbx_beg_PDB_ins_code   ? 
_struct_conf.end_label_comp_id       GLN 
_struct_conf.end_label_asym_id       A 
_struct_conf.end_label_seq_id        67 
_struct_conf.pdbx_end_PDB_ins_code   ? 
_struct_conf.beg_auth_comp_id        GLN 
_struct_conf.beg_auth_asym_id        A 
_struct_conf.beg_auth_seq_id         53 
_struct_conf.end_auth_comp_id        GLN 
_struct_conf.end_auth_asym_id        A 
_struct_conf.end_auth_seq_id         67 
_struct_conf.pdbx_PDB_helix_class    1 
_struct_conf.details                 ? 
_struct_conf.pdbx_PDB_helix_length   15 
# 
_struct_conf_type.id          HELX_P 
_struct_conf_type.criteria    ? 
_struct_conf_type.reference   ? 
# 
loop_
_struct_conn.id 
_struct_conn.conn_type_id 
_struct_conn.pdbx_leaving_atom_flag 
_struct_conn.pdbx_PDB_id 
_struct_conn.ptnr1_label_asym_id 
_struct_conn.ptnr1_label_comp_id 
_struct_conn.ptnr1_label_seq_id 
_struct_conn.ptnr1_label_atom_id 
_struct_conn.pdbx_ptnr1_label_alt_id 
_struct_conn.pdbx_ptnr1_PDB_ins_code 
_struct_conn.pdbx_ptnr1_standard_comp_id 
_struct_conn.ptnr1_symmetry 
_struct_conn.ptnr2_label_asym_id 
_struct_conn.ptnr2_label_comp_id 
_struct_conn.ptnr2_label_seq_id 
_struct_conn.ptnr2_label_atom_id 
_struct_conn.pdbx_ptnr2_label_alt_id 
_struct_conn.pdbx_ptnr2_PDB_ins_code 
_struct_conn.ptnr1_auth_asym_id 
_struct_conn.ptnr1_auth_comp_id 
_struct_conn.ptnr1_auth_seq_id 
_struct_conn.ptnr2_auth_asym_id 
_struct_conn.ptnr2_auth_comp_id 
_struct_conn.ptnr2_auth_seq_id 
_struct_conn.ptnr2_symmetry 
_struct_conn.pdbx_ptnr3_label_atom_id 
_struct_conn.pdbx_ptnr3_label_seq_id 
_struct_conn.pdbx_ptnr3_label_comp_id 
_struct_conn.pdbx_ptnr3_label_asym_id 
_struct_conn.pdbx_ptnr3_label_alt_id 
_struct_conn.pdbx_ptnr3_PDB_ins_code 
_struct_conn.details 
_struct_conn.pdbx_dist_value 
_struct_conn.pdbx_value_order 
_struct_conn.pdbx_role 
disulf1 disulf ? ? A CYS 7 SG ? ? ? 1_555 A CYS 32 SG ? ? A CYS 7 A CYS 32 1_555 ? ? ? ? ? ? ? 2.019 ? ? 
disulf2 disulf ? ? A CYS 8 SG ? ? ? 1_555 A CYS 48 SG ? ? A CYS 8 A CYS 48 1_555 ? ? ? ? ? ? ? 2.019 ? ? 
# 
_struct_conn_type.id          disulf 
_struct_conn_type.criteria    ? 
_struct_conn_type.reference   ? 
# 
loop_
_pdbx_modification_feature.ordinal 
_pdbx_modification_feature.label_comp_id 
_pdbx_modification_feature.label_asym_id 
_pdbx_modification_feature.label_seq_id 
_pdbx_modification_feature.label_alt_id 
_pdbx_modification_feature.modified_residue_label_comp_id 
_pdbx_modification_feature.modified_residue_label_asym_id 
_pdbx_modification_feature.modified_residue_label_seq_id 
_pdbx_modification_feature.modified_residue_label_alt_id 
_pdbx_modification_feature.auth_comp_id 
_pdbx_modification_feature.auth_asym_id 
_pdbx_modification_feature.auth_seq_id 
_pdbx_modification_feature.PDB_ins_code 
_pdbx_modification_feature.symmetry 
_pdbx_modification_feature.modified_residue_auth_comp_id 
_pdbx_modification_feature.modified_residue_auth_asym_id 
_pdbx_modification_feature.modified_residue_auth_seq_id 
_pdbx_modification_feature.modified_residue_PDB_ins_code 
_pdbx_modification_feature.modified_residue_symmetry 
_pdbx_modification_feature.comp_id_linking_atom 
_pdbx_modification_feature.modified_residue_id_linking_atom 
_pdbx_modification_feature.modified_residue_id 
_pdbx_modification_feature.ref_pcm_id 
_pdbx_modification_feature.ref_comp_id 
_pdbx_modification_feature.type 
_pdbx_modification_feature.category 
1 CYS A 7 ? CYS A 32 ? CYS A 7 ? 1_555 CYS A 32 ? 1_555 SG SG . . . None 'Disulfide bridge' 
2 CYS A 8 ? CYS A 48 ? CYS A 8 ? 1_555 CYS A 48 ? 1_555 SG SG . . . None 'Disulfide bridge' 
# 
_struct_sheet.id               A 
_struct_sheet.type             ? 
_struct_sheet.number_strands   3 
_struct_sheet.details          ? 
# 
loop_
_struct_sheet_order.sheet_id 
_struct_sheet_order.range_id_1 
_struct_sheet_order.range_id_2 
_struct_sheet_order.offset 
_struct_sheet_order.sense 
A 1 2 ? anti-parallel 
A 2 3 ? anti-parallel 
# 
loop_
_struct_sheet_range.sheet_id 
_struct_sheet_range.id 
_struct_sheet_range.beg_label_comp_id 
_struct_sheet_range.beg_label_asym_id 
_struct_sheet_range.beg_label_seq_id 
_struct_sheet_range.pdbx_beg_PDB_ins_code 
_struct_sheet_range.end_label_comp_id 
_struct_sheet_range.end_label_asym_id 
_struct_sheet_range.end_label_seq_id 
_struct_sheet_range.pdbx_end_PDB_ins_code 
_struct_sheet_range.beg_auth_comp_id 
_struct_sheet_range.beg_auth_asym_id 
_struct_sheet_range.beg_auth_seq_id 
_struct_sheet_range.end_auth_comp_id 
_struct_sheet_range.end_auth_asym_id 
_struct_sheet_range.end_auth_seq_id 
A 1 VAL A 21 ? LEU A 26 ? VAL A 21 LEU A 26 
A 2 VAL A 37 ? THR A 41 ? VAL A 37 THR A 41 
A 3 SER A 47 ? GLY A 49 ? SER A 47 GLY A 49 
# 
loop_
_pdbx_struct_sheet_hbond.sheet_id 
_pdbx_struct_sheet_hbond.range_id_1 
_pdbx_struct_sheet_hbond.range_id_2 
_pdbx_struct_sheet_hbond.range_1_label_atom_id 
_pdbx_struct_sheet_hbond.range_1_label_comp_id 
_pdbx_struct_sheet_hbond.range_1_label_asym_id 
_pdbx_struct_sheet_hbond.range_1_label_seq_id 
_pdbx_struct_sheet_hbond.range_1_PDB_ins_code 
_pdbx_struct_sheet_hbond.range_1_auth_atom_id 
_pdbx_struct_sheet_hbond.range_1_auth_comp_id 
_pdbx_struct_sheet_hbond.range_1_auth_asym_id 
_pdbx_struct_sheet_hbond.range_1_auth_seq_id 
_pdbx_struct_sheet_hbond.range_2_label_atom_id 
_pdbx_struct_sheet_hbond.range_2_label_comp_id 
_pdbx_struct_sheet_hbond.range_2_label_asym_id 
_pdbx_struct_sheet_hbond.range_2_label_seq_id 
_pdbx_struct_sheet_hbond.range_2_PDB_ins_code 
_pdbx_struct_sheet_hbond.range_2_auth_atom_id 
_pdbx_struct_sheet_hbond.range_2_auth_comp_id 
_pdbx_struct_sheet_hbond.range_2_auth_asym_id 
_pdbx_struct_sheet_hbond.range_2_auth_seq_id 
A 1 2 N GLN A 25 ? N GLN A 25 O ILE A 38 ? O ILE A 38 
A 2 3 N PHE A 39 ? N PHE A 39 O SER A 47 ? O SER A 47 
# 
_pdbx_entry_details.entry_id                   1EIG 
_pdbx_entry_details.compound_details           ? 
_pdbx_entry_details.source_details             ? 
_pdbx_entry_details.nonpolymer_details         ? 
_pdbx_entry_details.sequence_details           ? 
_pdbx_entry_details.has_ligand_of_interest     ? 
_pdbx_entry_details.has_protein_modification   Y 
# 
_pdbx_validate_close_contact.id               1 
_pdbx_validate_close_contact.PDB_model_num    1 
_pdbx_validate_close_contact.auth_atom_id_1   O 
_pdbx_validate_close_contact.auth_asym_id_1   A 
_pdbx_validate_close_contact.auth_comp_id_1   PRO 
_pdbx_validate_close_contact.auth_seq_id_1    17 
_pdbx_validate_close_contact.PDB_ins_code_1   ? 
_pdbx_validate_close_contact.label_alt_id_1   ? 
_pdbx_validate_close_contact.auth_atom_id_2   H 
_pdbx_validate_close_contact.auth_asym_id_2   A 
_pdbx_validate_close_contact.auth_comp_id_2   ARG 
_pdbx_validate_close_contact.auth_seq_id_2    20 
_pdbx_validate_close_contact.PDB_ins_code_2   ? 
_pdbx_validate_close_contact.label_alt_id_2   ? 
_pdbx_validate_close_contact.dist             1.57 
# 
loop_
_pdbx_validate_torsion.id 
_pdbx_validate_torsion.PDB_model_num 
_pdbx_validate_torsion.auth_comp_id 
_pdbx_validate_torsion.auth_asym_id 
_pdbx_validate_torsion.auth_seq_id 
_pdbx_validate_torsion.PDB_ins_code 
_pdbx_validate_torsion.label_alt_id 
_pdbx_validate_torsion.phi 
_pdbx_validate_torsion.psi 
1  1 PRO A 4  ? ? -71.99  -90.36  
2  1 SER A 5  ? ? -165.30 52.52   
3  1 PRO A 6  ? ? -72.25  -160.84 
4  1 LYS A 14 ? ? -168.37 -155.50 
5  1 ARG A 15 ? ? -85.60  -154.52 
6  1 GLN A 46 ? ? -160.46 102.74  
7  1 LYS A 66 ? ? -92.59  -70.80  
8  1 GLN A 67 ? ? -49.70  -71.62  
9  1 LYS A 68 ? ? -62.81  85.12   
10 1 LYS A 69 ? ? -66.87  77.95   
11 1 ALA A 70 ? ? -54.95  -82.65  
# 
loop_
_pdbx_validate_planes.id 
_pdbx_validate_planes.PDB_model_num 
_pdbx_validate_planes.auth_comp_id 
_pdbx_validate_planes.auth_asym_id 
_pdbx_validate_planes.auth_seq_id 
_pdbx_validate_planes.PDB_ins_code 
_pdbx_validate_planes.label_alt_id 
_pdbx_validate_planes.rmsd 
_pdbx_validate_planes.type 
1 1 ARG A 15 ? ? 0.306 'SIDE CHAIN' 
2 1 ARG A 20 ? ? 0.304 'SIDE CHAIN' 
3 1 ARG A 29 ? ? 0.308 'SIDE CHAIN' 
4 1 ARG A 58 ? ? 0.297 'SIDE CHAIN' 
5 1 ARG A 73 ? ? 0.306 'SIDE CHAIN' 
# 
_pdbx_nmr_ensemble.entry_id                             1EIG 
_pdbx_nmr_ensemble.conformers_calculated_total_number   ? 
_pdbx_nmr_ensemble.conformers_submitted_total_number    1 
_pdbx_nmr_ensemble.conformer_selection_criteria         ? 
# 
_pdbx_nmr_representative.entry_id             1EIG 
_pdbx_nmr_representative.conformer_id         ? 
_pdbx_nmr_representative.selection_criteria   'minimized average structure' 
# 
loop_
_pdbx_nmr_sample_details.solution_id 
_pdbx_nmr_sample_details.contents 
_pdbx_nmr_sample_details.solvent_system 
1 '1 mM eotaxin-2 U-15N/13C; 20 mM NAOAc' '90% H2O/10% D2O' 
2 '1 mM eotaxin-2 U-15N,13C; 20 mM NaOAc' '90% H2O/10% D2O' 
3 '1 mM eotaxin-2 U-15N,13C; 20 mM NaOAc' '100% D2O'        
4 '1 mM eotaxin-2 10% 13C; 20 mM NaOAc'   '100% D2O'        
# 
_pdbx_nmr_exptl_sample_conditions.conditions_id       1 
_pdbx_nmr_exptl_sample_conditions.temperature         298 
_pdbx_nmr_exptl_sample_conditions.pressure            ambient 
_pdbx_nmr_exptl_sample_conditions.pH                  4.1 
_pdbx_nmr_exptl_sample_conditions.ionic_strength      '20 mM acetate' 
_pdbx_nmr_exptl_sample_conditions.pressure_units      ? 
_pdbx_nmr_exptl_sample_conditions.temperature_units   K 
# 
_pdbx_nmr_details.entry_id   1EIG 
_pdbx_nmr_details.text       'This structure was determined using triple-resonance NMR spectroscopy' 
# 
_pdbx_nmr_refine.entry_id           1EIG 
_pdbx_nmr_refine.method             'Hybrid distance geometry/simulated annealing' 
_pdbx_nmr_refine.details            
;1000 steps at 2000K, cooled to 1000K for 3 ps (1000 steps at 3 fs/step), slow cooled from 1000K to 100K (6000 steps at 5 fs/step), 200 steps restrained energy minimization
;
_pdbx_nmr_refine.software_ordinal   1 
# 
loop_
_pdbx_nmr_software.classification 
_pdbx_nmr_software.name 
_pdbx_nmr_software.version 
_pdbx_nmr_software.authors 
_pdbx_nmr_software.ordinal 
collection           VNMR   ?  ?       1 
processing           Felix  98 ?       2 
'structure solution' X-PLOR 98 Brunger 3 
refinement           X-PLOR 98 Brunger 4 
# 
loop_
_chem_comp_atom.comp_id 
_chem_comp_atom.atom_id 
_chem_comp_atom.type_symbol 
_chem_comp_atom.pdbx_aromatic_flag 
_chem_comp_atom.pdbx_stereo_config 
_chem_comp_atom.pdbx_ordinal 
ALA N    N N N 1   
ALA CA   C N S 2   
ALA C    C N N 3   
ALA O    O N N 4   
ALA CB   C N N 5   
ALA OXT  O N N 6   
ALA H    H N N 7   
ALA H2   H N N 8   
ALA HA   H N N 9   
ALA HB1  H N N 10  
ALA HB2  H N N 11  
ALA HB3  H N N 12  
ALA HXT  H N N 13  
ARG N    N N N 14  
ARG CA   C N S 15  
ARG C    C N N 16  
ARG O    O N N 17  
ARG CB   C N N 18  
ARG CG   C N N 19  
ARG CD   C N N 20  
ARG NE   N N N 21  
ARG CZ   C N N 22  
ARG NH1  N N N 23  
ARG NH2  N N N 24  
ARG OXT  O N N 25  
ARG H    H N N 26  
ARG H2   H N N 27  
ARG HA   H N N 28  
ARG HB2  H N N 29  
ARG HB3  H N N 30  
ARG HG2  H N N 31  
ARG HG3  H N N 32  
ARG HD2  H N N 33  
ARG HD3  H N N 34  
ARG HE   H N N 35  
ARG HH11 H N N 36  
ARG HH12 H N N 37  
ARG HH21 H N N 38  
ARG HH22 H N N 39  
ARG HXT  H N N 40  
ASN N    N N N 41  
ASN CA   C N S 42  
ASN C    C N N 43  
ASN O    O N N 44  
ASN CB   C N N 45  
ASN CG   C N N 46  
ASN OD1  O N N 47  
ASN ND2  N N N 48  
ASN OXT  O N N 49  
ASN H    H N N 50  
ASN H2   H N N 51  
ASN HA   H N N 52  
ASN HB2  H N N 53  
ASN HB3  H N N 54  
ASN HD21 H N N 55  
ASN HD22 H N N 56  
ASN HXT  H N N 57  
ASP N    N N N 58  
ASP CA   C N S 59  
ASP C    C N N 60  
ASP O    O N N 61  
ASP CB   C N N 62  
ASP CG   C N N 63  
ASP OD1  O N N 64  
ASP OD2  O N N 65  
ASP OXT  O N N 66  
ASP H    H N N 67  
ASP H2   H N N 68  
ASP HA   H N N 69  
ASP HB2  H N N 70  
ASP HB3  H N N 71  
ASP HD2  H N N 72  
ASP HXT  H N N 73  
CYS N    N N N 74  
CYS CA   C N R 75  
CYS C    C N N 76  
CYS O    O N N 77  
CYS CB   C N N 78  
CYS SG   S N N 79  
CYS OXT  O N N 80  
CYS H    H N N 81  
CYS H2   H N N 82  
CYS HA   H N N 83  
CYS HB2  H N N 84  
CYS HB3  H N N 85  
CYS HG   H N N 86  
CYS HXT  H N N 87  
GLN N    N N N 88  
GLN CA   C N S 89  
GLN C    C N N 90  
GLN O    O N N 91  
GLN CB   C N N 92  
GLN CG   C N N 93  
GLN CD   C N N 94  
GLN OE1  O N N 95  
GLN NE2  N N N 96  
GLN OXT  O N N 97  
GLN H    H N N 98  
GLN H2   H N N 99  
GLN HA   H N N 100 
GLN HB2  H N N 101 
GLN HB3  H N N 102 
GLN HG2  H N N 103 
GLN HG3  H N N 104 
GLN HE21 H N N 105 
GLN HE22 H N N 106 
GLN HXT  H N N 107 
GLU N    N N N 108 
GLU CA   C N S 109 
GLU C    C N N 110 
GLU O    O N N 111 
GLU CB   C N N 112 
GLU CG   C N N 113 
GLU CD   C N N 114 
GLU OE1  O N N 115 
GLU OE2  O N N 116 
GLU OXT  O N N 117 
GLU H    H N N 118 
GLU H2   H N N 119 
GLU HA   H N N 120 
GLU HB2  H N N 121 
GLU HB3  H N N 122 
GLU HG2  H N N 123 
GLU HG3  H N N 124 
GLU HE2  H N N 125 
GLU HXT  H N N 126 
GLY N    N N N 127 
GLY CA   C N N 128 
GLY C    C N N 129 
GLY O    O N N 130 
GLY OXT  O N N 131 
GLY H    H N N 132 
GLY H2   H N N 133 
GLY HA2  H N N 134 
GLY HA3  H N N 135 
GLY HXT  H N N 136 
ILE N    N N N 137 
ILE CA   C N S 138 
ILE C    C N N 139 
ILE O    O N N 140 
ILE CB   C N S 141 
ILE CG1  C N N 142 
ILE CG2  C N N 143 
ILE CD1  C N N 144 
ILE OXT  O N N 145 
ILE H    H N N 146 
ILE H2   H N N 147 
ILE HA   H N N 148 
ILE HB   H N N 149 
ILE HG12 H N N 150 
ILE HG13 H N N 151 
ILE HG21 H N N 152 
ILE HG22 H N N 153 
ILE HG23 H N N 154 
ILE HD11 H N N 155 
ILE HD12 H N N 156 
ILE HD13 H N N 157 
ILE HXT  H N N 158 
LEU N    N N N 159 
LEU CA   C N S 160 
LEU C    C N N 161 
LEU O    O N N 162 
LEU CB   C N N 163 
LEU CG   C N N 164 
LEU CD1  C N N 165 
LEU CD2  C N N 166 
LEU OXT  O N N 167 
LEU H    H N N 168 
LEU H2   H N N 169 
LEU HA   H N N 170 
LEU HB2  H N N 171 
LEU HB3  H N N 172 
LEU HG   H N N 173 
LEU HD11 H N N 174 
LEU HD12 H N N 175 
LEU HD13 H N N 176 
LEU HD21 H N N 177 
LEU HD22 H N N 178 
LEU HD23 H N N 179 
LEU HXT  H N N 180 
LYS N    N N N 181 
LYS CA   C N S 182 
LYS C    C N N 183 
LYS O    O N N 184 
LYS CB   C N N 185 
LYS CG   C N N 186 
LYS CD   C N N 187 
LYS CE   C N N 188 
LYS NZ   N N N 189 
LYS OXT  O N N 190 
LYS H    H N N 191 
LYS H2   H N N 192 
LYS HA   H N N 193 
LYS HB2  H N N 194 
LYS HB3  H N N 195 
LYS HG2  H N N 196 
LYS HG3  H N N 197 
LYS HD2  H N N 198 
LYS HD3  H N N 199 
LYS HE2  H N N 200 
LYS HE3  H N N 201 
LYS HZ1  H N N 202 
LYS HZ2  H N N 203 
LYS HZ3  H N N 204 
LYS HXT  H N N 205 
MET N    N N N 206 
MET CA   C N S 207 
MET C    C N N 208 
MET O    O N N 209 
MET CB   C N N 210 
MET CG   C N N 211 
MET SD   S N N 212 
MET CE   C N N 213 
MET OXT  O N N 214 
MET H    H N N 215 
MET H2   H N N 216 
MET HA   H N N 217 
MET HB2  H N N 218 
MET HB3  H N N 219 
MET HG2  H N N 220 
MET HG3  H N N 221 
MET HE1  H N N 222 
MET HE2  H N N 223 
MET HE3  H N N 224 
MET HXT  H N N 225 
PHE N    N N N 226 
PHE CA   C N S 227 
PHE C    C N N 228 
PHE O    O N N 229 
PHE CB   C N N 230 
PHE CG   C Y N 231 
PHE CD1  C Y N 232 
PHE CD2  C Y N 233 
PHE CE1  C Y N 234 
PHE CE2  C Y N 235 
PHE CZ   C Y N 236 
PHE OXT  O N N 237 
PHE H    H N N 238 
PHE H2   H N N 239 
PHE HA   H N N 240 
PHE HB2  H N N 241 
PHE HB3  H N N 242 
PHE HD1  H N N 243 
PHE HD2  H N N 244 
PHE HE1  H N N 245 
PHE HE2  H N N 246 
PHE HZ   H N N 247 
PHE HXT  H N N 248 
PRO N    N N N 249 
PRO CA   C N S 250 
PRO C    C N N 251 
PRO O    O N N 252 
PRO CB   C N N 253 
PRO CG   C N N 254 
PRO CD   C N N 255 
PRO OXT  O N N 256 
PRO H    H N N 257 
PRO HA   H N N 258 
PRO HB2  H N N 259 
PRO HB3  H N N 260 
PRO HG2  H N N 261 
PRO HG3  H N N 262 
PRO HD2  H N N 263 
PRO HD3  H N N 264 
PRO HXT  H N N 265 
SER N    N N N 266 
SER CA   C N S 267 
SER C    C N N 268 
SER O    O N N 269 
SER CB   C N N 270 
SER OG   O N N 271 
SER OXT  O N N 272 
SER H    H N N 273 
SER H2   H N N 274 
SER HA   H N N 275 
SER HB2  H N N 276 
SER HB3  H N N 277 
SER HG   H N N 278 
SER HXT  H N N 279 
THR N    N N N 280 
THR CA   C N S 281 
THR C    C N N 282 
THR O    O N N 283 
THR CB   C N R 284 
THR OG1  O N N 285 
THR CG2  C N N 286 
THR OXT  O N N 287 
THR H    H N N 288 
THR H2   H N N 289 
THR HA   H N N 290 
THR HB   H N N 291 
THR HG1  H N N 292 
THR HG21 H N N 293 
THR HG22 H N N 294 
THR HG23 H N N 295 
THR HXT  H N N 296 
TRP N    N N N 297 
TRP CA   C N S 298 
TRP C    C N N 299 
TRP O    O N N 300 
TRP CB   C N N 301 
TRP CG   C Y N 302 
TRP CD1  C Y N 303 
TRP CD2  C Y N 304 
TRP NE1  N Y N 305 
TRP CE2  C Y N 306 
TRP CE3  C Y N 307 
TRP CZ2  C Y N 308 
TRP CZ3  C Y N 309 
TRP CH2  C Y N 310 
TRP OXT  O N N 311 
TRP H    H N N 312 
TRP H2   H N N 313 
TRP HA   H N N 314 
TRP HB2  H N N 315 
TRP HB3  H N N 316 
TRP HD1  H N N 317 
TRP HE1  H N N 318 
TRP HE3  H N N 319 
TRP HZ2  H N N 320 
TRP HZ3  H N N 321 
TRP HH2  H N N 322 
TRP HXT  H N N 323 
TYR N    N N N 324 
TYR CA   C N S 325 
TYR C    C N N 326 
TYR O    O N N 327 
TYR CB   C N N 328 
TYR CG   C Y N 329 
TYR CD1  C Y N 330 
TYR CD2  C Y N 331 
TYR CE1  C Y N 332 
TYR CE2  C Y N 333 
TYR CZ   C Y N 334 
TYR OH   O N N 335 
TYR OXT  O N N 336 
TYR H    H N N 337 
TYR H2   H N N 338 
TYR HA   H N N 339 
TYR HB2  H N N 340 
TYR HB3  H N N 341 
TYR HD1  H N N 342 
TYR HD2  H N N 343 
TYR HE1  H N N 344 
TYR HE2  H N N 345 
TYR HH   H N N 346 
TYR HXT  H N N 347 
VAL N    N N N 348 
VAL CA   C N S 349 
VAL C    C N N 350 
VAL O    O N N 351 
VAL CB   C N N 352 
VAL CG1  C N N 353 
VAL CG2  C N N 354 
VAL OXT  O N N 355 
VAL H    H N N 356 
VAL H2   H N N 357 
VAL HA   H N N 358 
VAL HB   H N N 359 
VAL HG11 H N N 360 
VAL HG12 H N N 361 
VAL HG13 H N N 362 
VAL HG21 H N N 363 
VAL HG22 H N N 364 
VAL HG23 H N N 365 
VAL HXT  H N N 366 
# 
loop_
_chem_comp_bond.comp_id 
_chem_comp_bond.atom_id_1 
_chem_comp_bond.atom_id_2 
_chem_comp_bond.value_order 
_chem_comp_bond.pdbx_aromatic_flag 
_chem_comp_bond.pdbx_stereo_config 
_chem_comp_bond.pdbx_ordinal 
ALA N   CA   sing N N 1   
ALA N   H    sing N N 2   
ALA N   H2   sing N N 3   
ALA CA  C    sing N N 4   
ALA CA  CB   sing N N 5   
ALA CA  HA   sing N N 6   
ALA C   O    doub N N 7   
ALA C   OXT  sing N N 8   
ALA CB  HB1  sing N N 9   
ALA CB  HB2  sing N N 10  
ALA CB  HB3  sing N N 11  
ALA OXT HXT  sing N N 12  
ARG N   CA   sing N N 13  
ARG N   H    sing N N 14  
ARG N   H2   sing N N 15  
ARG CA  C    sing N N 16  
ARG CA  CB   sing N N 17  
ARG CA  HA   sing N N 18  
ARG C   O    doub N N 19  
ARG C   OXT  sing N N 20  
ARG CB  CG   sing N N 21  
ARG CB  HB2  sing N N 22  
ARG CB  HB3  sing N N 23  
ARG CG  CD   sing N N 24  
ARG CG  HG2  sing N N 25  
ARG CG  HG3  sing N N 26  
ARG CD  NE   sing N N 27  
ARG CD  HD2  sing N N 28  
ARG CD  HD3  sing N N 29  
ARG NE  CZ   sing N N 30  
ARG NE  HE   sing N N 31  
ARG CZ  NH1  sing N N 32  
ARG CZ  NH2  doub N N 33  
ARG NH1 HH11 sing N N 34  
ARG NH1 HH12 sing N N 35  
ARG NH2 HH21 sing N N 36  
ARG NH2 HH22 sing N N 37  
ARG OXT HXT  sing N N 38  
ASN N   CA   sing N N 39  
ASN N   H    sing N N 40  
ASN N   H2   sing N N 41  
ASN CA  C    sing N N 42  
ASN CA  CB   sing N N 43  
ASN CA  HA   sing N N 44  
ASN C   O    doub N N 45  
ASN C   OXT  sing N N 46  
ASN CB  CG   sing N N 47  
ASN CB  HB2  sing N N 48  
ASN CB  HB3  sing N N 49  
ASN CG  OD1  doub N N 50  
ASN CG  ND2  sing N N 51  
ASN ND2 HD21 sing N N 52  
ASN ND2 HD22 sing N N 53  
ASN OXT HXT  sing N N 54  
ASP N   CA   sing N N 55  
ASP N   H    sing N N 56  
ASP N   H2   sing N N 57  
ASP CA  C    sing N N 58  
ASP CA  CB   sing N N 59  
ASP CA  HA   sing N N 60  
ASP C   O    doub N N 61  
ASP C   OXT  sing N N 62  
ASP CB  CG   sing N N 63  
ASP CB  HB2  sing N N 64  
ASP CB  HB3  sing N N 65  
ASP CG  OD1  doub N N 66  
ASP CG  OD2  sing N N 67  
ASP OD2 HD2  sing N N 68  
ASP OXT HXT  sing N N 69  
CYS N   CA   sing N N 70  
CYS N   H    sing N N 71  
CYS N   H2   sing N N 72  
CYS CA  C    sing N N 73  
CYS CA  CB   sing N N 74  
CYS CA  HA   sing N N 75  
CYS C   O    doub N N 76  
CYS C   OXT  sing N N 77  
CYS CB  SG   sing N N 78  
CYS CB  HB2  sing N N 79  
CYS CB  HB3  sing N N 80  
CYS SG  HG   sing N N 81  
CYS OXT HXT  sing N N 82  
GLN N   CA   sing N N 83  
GLN N   H    sing N N 84  
GLN N   H2   sing N N 85  
GLN CA  C    sing N N 86  
GLN CA  CB   sing N N 87  
GLN CA  HA   sing N N 88  
GLN C   O    doub N N 89  
GLN C   OXT  sing N N 90  
GLN CB  CG   sing N N 91  
GLN CB  HB2  sing N N 92  
GLN CB  HB3  sing N N 93  
GLN CG  CD   sing N N 94  
GLN CG  HG2  sing N N 95  
GLN CG  HG3  sing N N 96  
GLN CD  OE1  doub N N 97  
GLN CD  NE2  sing N N 98  
GLN NE2 HE21 sing N N 99  
GLN NE2 HE22 sing N N 100 
GLN OXT HXT  sing N N 101 
GLU N   CA   sing N N 102 
GLU N   H    sing N N 103 
GLU N   H2   sing N N 104 
GLU CA  C    sing N N 105 
GLU CA  CB   sing N N 106 
GLU CA  HA   sing N N 107 
GLU C   O    doub N N 108 
GLU C   OXT  sing N N 109 
GLU CB  CG   sing N N 110 
GLU CB  HB2  sing N N 111 
GLU CB  HB3  sing N N 112 
GLU CG  CD   sing N N 113 
GLU CG  HG2  sing N N 114 
GLU CG  HG3  sing N N 115 
GLU CD  OE1  doub N N 116 
GLU CD  OE2  sing N N 117 
GLU OE2 HE2  sing N N 118 
GLU OXT HXT  sing N N 119 
GLY N   CA   sing N N 120 
GLY N   H    sing N N 121 
GLY N   H2   sing N N 122 
GLY CA  C    sing N N 123 
GLY CA  HA2  sing N N 124 
GLY CA  HA3  sing N N 125 
GLY C   O    doub N N 126 
GLY C   OXT  sing N N 127 
GLY OXT HXT  sing N N 128 
ILE N   CA   sing N N 129 
ILE N   H    sing N N 130 
ILE N   H2   sing N N 131 
ILE CA  C    sing N N 132 
ILE CA  CB   sing N N 133 
ILE CA  HA   sing N N 134 
ILE C   O    doub N N 135 
ILE C   OXT  sing N N 136 
ILE CB  CG1  sing N N 137 
ILE CB  CG2  sing N N 138 
ILE CB  HB   sing N N 139 
ILE CG1 CD1  sing N N 140 
ILE CG1 HG12 sing N N 141 
ILE CG1 HG13 sing N N 142 
ILE CG2 HG21 sing N N 143 
ILE CG2 HG22 sing N N 144 
ILE CG2 HG23 sing N N 145 
ILE CD1 HD11 sing N N 146 
ILE CD1 HD12 sing N N 147 
ILE CD1 HD13 sing N N 148 
ILE OXT HXT  sing N N 149 
LEU N   CA   sing N N 150 
LEU N   H    sing N N 151 
LEU N   H2   sing N N 152 
LEU CA  C    sing N N 153 
LEU CA  CB   sing N N 154 
LEU CA  HA   sing N N 155 
LEU C   O    doub N N 156 
LEU C   OXT  sing N N 157 
LEU CB  CG   sing N N 158 
LEU CB  HB2  sing N N 159 
LEU CB  HB3  sing N N 160 
LEU CG  CD1  sing N N 161 
LEU CG  CD2  sing N N 162 
LEU CG  HG   sing N N 163 
LEU CD1 HD11 sing N N 164 
LEU CD1 HD12 sing N N 165 
LEU CD1 HD13 sing N N 166 
LEU CD2 HD21 sing N N 167 
LEU CD2 HD22 sing N N 168 
LEU CD2 HD23 sing N N 169 
LEU OXT HXT  sing N N 170 
LYS N   CA   sing N N 171 
LYS N   H    sing N N 172 
LYS N   H2   sing N N 173 
LYS CA  C    sing N N 174 
LYS CA  CB   sing N N 175 
LYS CA  HA   sing N N 176 
LYS C   O    doub N N 177 
LYS C   OXT  sing N N 178 
LYS CB  CG   sing N N 179 
LYS CB  HB2  sing N N 180 
LYS CB  HB3  sing N N 181 
LYS CG  CD   sing N N 182 
LYS CG  HG2  sing N N 183 
LYS CG  HG3  sing N N 184 
LYS CD  CE   sing N N 185 
LYS CD  HD2  sing N N 186 
LYS CD  HD3  sing N N 187 
LYS CE  NZ   sing N N 188 
LYS CE  HE2  sing N N 189 
LYS CE  HE3  sing N N 190 
LYS NZ  HZ1  sing N N 191 
LYS NZ  HZ2  sing N N 192 
LYS NZ  HZ3  sing N N 193 
LYS OXT HXT  sing N N 194 
MET N   CA   sing N N 195 
MET N   H    sing N N 196 
MET N   H2   sing N N 197 
MET CA  C    sing N N 198 
MET CA  CB   sing N N 199 
MET CA  HA   sing N N 200 
MET C   O    doub N N 201 
MET C   OXT  sing N N 202 
MET CB  CG   sing N N 203 
MET CB  HB2  sing N N 204 
MET CB  HB3  sing N N 205 
MET CG  SD   sing N N 206 
MET CG  HG2  sing N N 207 
MET CG  HG3  sing N N 208 
MET SD  CE   sing N N 209 
MET CE  HE1  sing N N 210 
MET CE  HE2  sing N N 211 
MET CE  HE3  sing N N 212 
MET OXT HXT  sing N N 213 
PHE N   CA   sing N N 214 
PHE N   H    sing N N 215 
PHE N   H2   sing N N 216 
PHE CA  C    sing N N 217 
PHE CA  CB   sing N N 218 
PHE CA  HA   sing N N 219 
PHE C   O    doub N N 220 
PHE C   OXT  sing N N 221 
PHE CB  CG   sing N N 222 
PHE CB  HB2  sing N N 223 
PHE CB  HB3  sing N N 224 
PHE CG  CD1  doub Y N 225 
PHE CG  CD2  sing Y N 226 
PHE CD1 CE1  sing Y N 227 
PHE CD1 HD1  sing N N 228 
PHE CD2 CE2  doub Y N 229 
PHE CD2 HD2  sing N N 230 
PHE CE1 CZ   doub Y N 231 
PHE CE1 HE1  sing N N 232 
PHE CE2 CZ   sing Y N 233 
PHE CE2 HE2  sing N N 234 
PHE CZ  HZ   sing N N 235 
PHE OXT HXT  sing N N 236 
PRO N   CA   sing N N 237 
PRO N   CD   sing N N 238 
PRO N   H    sing N N 239 
PRO CA  C    sing N N 240 
PRO CA  CB   sing N N 241 
PRO CA  HA   sing N N 242 
PRO C   O    doub N N 243 
PRO C   OXT  sing N N 244 
PRO CB  CG   sing N N 245 
PRO CB  HB2  sing N N 246 
PRO CB  HB3  sing N N 247 
PRO CG  CD   sing N N 248 
PRO CG  HG2  sing N N 249 
PRO CG  HG3  sing N N 250 
PRO CD  HD2  sing N N 251 
PRO CD  HD3  sing N N 252 
PRO OXT HXT  sing N N 253 
SER N   CA   sing N N 254 
SER N   H    sing N N 255 
SER N   H2   sing N N 256 
SER CA  C    sing N N 257 
SER CA  CB   sing N N 258 
SER CA  HA   sing N N 259 
SER C   O    doub N N 260 
SER C   OXT  sing N N 261 
SER CB  OG   sing N N 262 
SER CB  HB2  sing N N 263 
SER CB  HB3  sing N N 264 
SER OG  HG   sing N N 265 
SER OXT HXT  sing N N 266 
THR N   CA   sing N N 267 
THR N   H    sing N N 268 
THR N   H2   sing N N 269 
THR CA  C    sing N N 270 
THR CA  CB   sing N N 271 
THR CA  HA   sing N N 272 
THR C   O    doub N N 273 
THR C   OXT  sing N N 274 
THR CB  OG1  sing N N 275 
THR CB  CG2  sing N N 276 
THR CB  HB   sing N N 277 
THR OG1 HG1  sing N N 278 
THR CG2 HG21 sing N N 279 
THR CG2 HG22 sing N N 280 
THR CG2 HG23 sing N N 281 
THR OXT HXT  sing N N 282 
TRP N   CA   sing N N 283 
TRP N   H    sing N N 284 
TRP N   H2   sing N N 285 
TRP CA  C    sing N N 286 
TRP CA  CB   sing N N 287 
TRP CA  HA   sing N N 288 
TRP C   O    doub N N 289 
TRP C   OXT  sing N N 290 
TRP CB  CG   sing N N 291 
TRP CB  HB2  sing N N 292 
TRP CB  HB3  sing N N 293 
TRP CG  CD1  doub Y N 294 
TRP CG  CD2  sing Y N 295 
TRP CD1 NE1  sing Y N 296 
TRP CD1 HD1  sing N N 297 
TRP CD2 CE2  doub Y N 298 
TRP CD2 CE3  sing Y N 299 
TRP NE1 CE2  sing Y N 300 
TRP NE1 HE1  sing N N 301 
TRP CE2 CZ2  sing Y N 302 
TRP CE3 CZ3  doub Y N 303 
TRP CE3 HE3  sing N N 304 
TRP CZ2 CH2  doub Y N 305 
TRP CZ2 HZ2  sing N N 306 
TRP CZ3 CH2  sing Y N 307 
TRP CZ3 HZ3  sing N N 308 
TRP CH2 HH2  sing N N 309 
TRP OXT HXT  sing N N 310 
TYR N   CA   sing N N 311 
TYR N   H    sing N N 312 
TYR N   H2   sing N N 313 
TYR CA  C    sing N N 314 
TYR CA  CB   sing N N 315 
TYR CA  HA   sing N N 316 
TYR C   O    doub N N 317 
TYR C   OXT  sing N N 318 
TYR CB  CG   sing N N 319 
TYR CB  HB2  sing N N 320 
TYR CB  HB3  sing N N 321 
TYR CG  CD1  doub Y N 322 
TYR CG  CD2  sing Y N 323 
TYR CD1 CE1  sing Y N 324 
TYR CD1 HD1  sing N N 325 
TYR CD2 CE2  doub Y N 326 
TYR CD2 HD2  sing N N 327 
TYR CE1 CZ   doub Y N 328 
TYR CE1 HE1  sing N N 329 
TYR CE2 CZ   sing Y N 330 
TYR CE2 HE2  sing N N 331 
TYR CZ  OH   sing N N 332 
TYR OH  HH   sing N N 333 
TYR OXT HXT  sing N N 334 
VAL N   CA   sing N N 335 
VAL N   H    sing N N 336 
VAL N   H2   sing N N 337 
VAL CA  C    sing N N 338 
VAL CA  CB   sing N N 339 
VAL CA  HA   sing N N 340 
VAL C   O    doub N N 341 
VAL C   OXT  sing N N 342 
VAL CB  CG1  sing N N 343 
VAL CB  CG2  sing N N 344 
VAL CB  HB   sing N N 345 
VAL CG1 HG11 sing N N 346 
VAL CG1 HG12 sing N N 347 
VAL CG1 HG13 sing N N 348 
VAL CG2 HG21 sing N N 349 
VAL CG2 HG22 sing N N 350 
VAL CG2 HG23 sing N N 351 
VAL OXT HXT  sing N N 352 
# 
_pdbx_nmr_spectrometer.spectrometer_id   1 
_pdbx_nmr_spectrometer.model             'UNITY INOVA' 
_pdbx_nmr_spectrometer.manufacturer      Varian 
_pdbx_nmr_spectrometer.field_strength    500 
_pdbx_nmr_spectrometer.type              ? 
# 
_atom_sites.entry_id                    1EIG 
_atom_sites.fract_transf_matrix[1][1]   1.000000 
_atom_sites.fract_transf_matrix[1][2]   0.000000 
_atom_sites.fract_transf_matrix[1][3]   0.000000 
_atom_sites.fract_transf_matrix[2][1]   0.000000 
_atom_sites.fract_transf_matrix[2][2]   1.000000 
_atom_sites.fract_transf_matrix[2][3]   0.000000 
_atom_sites.fract_transf_matrix[3][1]   0.000000 
_atom_sites.fract_transf_matrix[3][2]   0.000000 
_atom_sites.fract_transf_matrix[3][3]   1.000000 
_atom_sites.fract_transf_vector[1]      0.00000 
_atom_sites.fract_transf_vector[2]      0.00000 
_atom_sites.fract_transf_vector[3]      0.00000 
# 
loop_
_atom_type.symbol 
C 
H 
N 
O 
S 
# 
loop_
_atom_site.group_PDB 
_atom_site.id 
_atom_site.type_symbol 
_atom_site.label_atom_id 
_atom_site.label_alt_id 
_atom_site.label_comp_id 
_atom_site.label_asym_id 
_atom_site.label_entity_id 
_atom_site.label_seq_id 
_atom_site.pdbx_PDB_ins_code 
_atom_site.Cartn_x 
_atom_site.Cartn_y 
_atom_site.Cartn_z 
_atom_site.occupancy 
_atom_site.B_iso_or_equiv 
_atom_site.pdbx_formal_charge 
_atom_site.auth_seq_id 
_atom_site.auth_comp_id 
_atom_site.auth_asym_id 
_atom_site.auth_atom_id 
_atom_site.pdbx_PDB_model_num 
ATOM 1    N N    . VAL A 1 1  ? -1.198  5.776   11.053  1.00 5.47  ? 1  VAL A N    1 
ATOM 2    C CA   . VAL A 1 1  ? -2.582  5.265   10.835  1.00 5.10  ? 1  VAL A CA   1 
ATOM 3    C C    . VAL A 1 1  ? -2.549  3.767   10.519  1.00 4.59  ? 1  VAL A C    1 
ATOM 4    O O    . VAL A 1 1  ? -1.502  3.191   10.302  1.00 4.50  ? 1  VAL A O    1 
ATOM 5    C CB   . VAL A 1 1  ? -3.113  6.057   9.640   1.00 5.47  ? 1  VAL A CB   1 
ATOM 6    C CG1  . VAL A 1 1  ? -2.272  5.743   8.402   1.00 5.55  ? 1  VAL A CG1  1 
ATOM 7    C CG2  . VAL A 1 1  ? -4.570  5.667   9.378   1.00 6.04  ? 1  VAL A CG2  1 
ATOM 8    H H1   . VAL A 1 1  ? -0.553  5.334   10.369  1.00 5.80  ? 1  VAL A H1   1 
ATOM 9    H H2   . VAL A 1 1  ? -0.891  5.544   12.020  1.00 5.61  ? 1  VAL A H2   1 
ATOM 10   H H3   . VAL A 1 1  ? -1.185  6.807   10.922  1.00 5.58  ? 1  VAL A H3   1 
ATOM 11   H HA   . VAL A 1 1  ? -3.194  5.453   11.704  1.00 5.20  ? 1  VAL A HA   1 
ATOM 12   H HB   . VAL A 1 1  ? -3.055  7.114   9.856   1.00 5.73  ? 1  VAL A HB   1 
ATOM 13   H HG11 . VAL A 1 1  ? -2.394  4.703   8.139   1.00 5.72  ? 1  VAL A HG11 1 
ATOM 14   H HG12 . VAL A 1 1  ? -1.232  5.942   8.614   1.00 5.81  ? 1  VAL A HG12 1 
ATOM 15   H HG13 . VAL A 1 1  ? -2.598  6.363   7.580   1.00 5.61  ? 1  VAL A HG13 1 
ATOM 16   H HG21 . VAL A 1 1  ? -4.609  4.663   8.982   1.00 6.15  ? 1  VAL A HG21 1 
ATOM 17   H HG22 . VAL A 1 1  ? -5.003  6.352   8.666   1.00 6.37  ? 1  VAL A HG22 1 
ATOM 18   H HG23 . VAL A 1 1  ? -5.126  5.710   10.303  1.00 6.35  ? 1  VAL A HG23 1 
ATOM 19   N N    . VAL A 1 2  ? -3.689  3.131   10.492  1.00 4.37  ? 2  VAL A N    1 
ATOM 20   C CA   . VAL A 1 2  ? -3.720  1.670   10.191  1.00 3.97  ? 2  VAL A CA   1 
ATOM 21   C C    . VAL A 1 2  ? -5.037  1.295   9.517   1.00 3.51  ? 2  VAL A C    1 
ATOM 22   O O    . VAL A 1 2  ? -6.103  1.410   10.089  1.00 3.48  ? 2  VAL A O    1 
ATOM 23   C CB   . VAL A 1 2  ? -3.596  0.983   11.552  1.00 4.33  ? 2  VAL A CB   1 
ATOM 24   C CG1  . VAL A 1 2  ? -4.722  1.460   12.470  1.00 4.66  ? 2  VAL A CG1  1 
ATOM 25   C CG2  . VAL A 1 2  ? -3.699  -0.534  11.367  1.00 4.65  ? 2  VAL A CG2  1 
ATOM 26   H H    . VAL A 1 2  ? -4.523  3.613   10.670  1.00 4.57  ? 2  VAL A H    1 
ATOM 27   H HA   . VAL A 1 2  ? -2.889  1.393   9.560   1.00 3.86  ? 2  VAL A HA   1 
ATOM 28   H HB   . VAL A 1 2  ? -2.642  1.231   11.993  1.00 4.55  ? 2  VAL A HB   1 
ATOM 29   H HG11 . VAL A 1 2  ? -5.276  2.248   11.981  1.00 4.89  ? 2  VAL A HG11 1 
ATOM 30   H HG12 . VAL A 1 2  ? -4.299  1.836   13.391  1.00 4.79  ? 2  VAL A HG12 1 
ATOM 31   H HG13 . VAL A 1 2  ? -5.384  0.636   12.687  1.00 4.99  ? 2  VAL A HG13 1 
ATOM 32   H HG21 . VAL A 1 2  ? -2.988  -1.024  12.015  1.00 4.71  ? 2  VAL A HG21 1 
ATOM 33   H HG22 . VAL A 1 2  ? -3.484  -0.786  10.339  1.00 5.00  ? 2  VAL A HG22 1 
ATOM 34   H HG23 . VAL A 1 2  ? -4.698  -0.859  11.617  1.00 4.95  ? 2  VAL A HG23 1 
ATOM 35   N N    . ILE A 1 3  ? -4.962  0.841   8.300   1.00 3.21  ? 3  ILE A N    1 
ATOM 36   C CA   . ILE A 1 3  ? -6.189  0.446   7.561   1.00 2.79  ? 3  ILE A CA   1 
ATOM 37   C C    . ILE A 1 3  ? -6.792  -0.821  8.183   1.00 2.65  ? 3  ILE A C    1 
ATOM 38   O O    . ILE A 1 3  ? -6.073  -1.715  8.585   1.00 2.69  ? 3  ILE A O    1 
ATOM 39   C CB   . ILE A 1 3  ? -5.696  0.176   6.138   1.00 2.43  ? 3  ILE A CB   1 
ATOM 40   C CG1  . ILE A 1 3  ? -6.811  -0.466  5.312   1.00 2.09  ? 3  ILE A CG1  1 
ATOM 41   C CG2  . ILE A 1 3  ? -4.488  -0.764  6.188   1.00 2.31  ? 3  ILE A CG2  1 
ATOM 42   C CD1  . ILE A 1 3  ? -7.393  0.579   4.361   1.00 2.14  ? 3  ILE A CD1  1 
ATOM 43   H H    . ILE A 1 3  ? -4.088  0.761   7.866   1.00 3.30  ? 3  ILE A H    1 
ATOM 44   H HA   . ILE A 1 3  ? -6.908  1.250   7.559   1.00 2.99  ? 3  ILE A HA   1 
ATOM 45   H HB   . ILE A 1 3  ? -5.400  1.109   5.682   1.00 2.72  ? 3  ILE A HB   1 
ATOM 46   H HG12 . ILE A 1 3  ? -6.408  -1.291  4.741   1.00 2.01  ? 3  ILE A HG12 1 
ATOM 47   H HG13 . ILE A 1 3  ? -7.589  -0.826  5.966   1.00 2.39  ? 3  ILE A HG13 1 
ATOM 48   H HG21 . ILE A 1 3  ? -4.522  -1.346  7.098   1.00 2.39  ? 3  ILE A HG21 1 
ATOM 49   H HG22 . ILE A 1 3  ? -3.577  -0.180  6.172   1.00 2.61  ? 3  ILE A HG22 1 
ATOM 50   H HG23 . ILE A 1 3  ? -4.507  -1.424  5.337   1.00 2.51  ? 3  ILE A HG23 1 
ATOM 51   H HD11 . ILE A 1 3  ? -6.713  1.415   4.288   1.00 2.57  ? 3  ILE A HD11 1 
ATOM 52   H HD12 . ILE A 1 3  ? -8.344  0.919   4.740   1.00 2.33  ? 3  ILE A HD12 1 
ATOM 53   H HD13 . ILE A 1 3  ? -7.528  0.139   3.385   1.00 2.40  ? 3  ILE A HD13 1 
ATOM 54   N N    . PRO A 1 4  ? -8.098  -0.854  8.243   1.00 2.82  ? 4  PRO A N    1 
ATOM 55   C CA   . PRO A 1 4  ? -8.803  -2.023  8.826   1.00 2.85  ? 4  PRO A CA   1 
ATOM 56   C C    . PRO A 1 4  ? -8.711  -3.231  7.887   1.00 2.35  ? 4  PRO A C    1 
ATOM 57   O O    . PRO A 1 4  ? -7.791  -4.020  7.969   1.00 2.75  ? 4  PRO A O    1 
ATOM 58   C CB   . PRO A 1 4  ? -10.244 -1.539  8.970   1.00 3.42  ? 4  PRO A CB   1 
ATOM 59   C CG   . PRO A 1 4  ? -10.392 -0.451  7.954   1.00 3.63  ? 4  PRO A CG   1 
ATOM 60   C CD   . PRO A 1 4  ? -9.034  0.180   7.781   1.00 3.32  ? 4  PRO A CD   1 
ATOM 61   H HA   . PRO A 1 4  ? -8.398  -2.264  9.796   1.00 3.21  ? 4  PRO A HA   1 
ATOM 62   H HB2  . PRO A 1 4  ? -10.932 -2.347  8.764   1.00 3.32  ? 4  PRO A HB2  1 
ATOM 63   H HB3  . PRO A 1 4  ? -10.411 -1.143  9.960   1.00 4.01  ? 4  PRO A HB3  1 
ATOM 64   H HG2  . PRO A 1 4  ? -10.730 -0.866  7.015   1.00 3.58  ? 4  PRO A HG2  1 
ATOM 65   H HG3  . PRO A 1 4  ? -11.093 0.290   8.305   1.00 4.30  ? 4  PRO A HG3  1 
ATOM 66   H HD2  . PRO A 1 4  ? -8.857  0.418   6.741   1.00 3.32  ? 4  PRO A HD2  1 
ATOM 67   H HD3  . PRO A 1 4  ? -8.945  1.063   8.394   1.00 3.73  ? 4  PRO A HD3  1 
ATOM 68   N N    . SER A 1 5  ? -9.655  -3.387  6.998   1.00 1.97  ? 5  SER A N    1 
ATOM 69   C CA   . SER A 1 5  ? -9.609  -4.549  6.064   1.00 2.06  ? 5  SER A CA   1 
ATOM 70   C C    . SER A 1 5  ? -10.582 -4.338  4.899   1.00 1.68  ? 5  SER A C    1 
ATOM 71   O O    . SER A 1 5  ? -11.401 -5.190  4.616   1.00 1.73  ? 5  SER A O    1 
ATOM 72   C CB   . SER A 1 5  ? -10.035 -5.750  6.906   1.00 2.55  ? 5  SER A CB   1 
ATOM 73   O OG   . SER A 1 5  ? -9.297  -6.894  6.500   1.00 3.20  ? 5  SER A OG   1 
ATOM 74   H H    . SER A 1 5  ? -10.391 -2.745  6.944   1.00 2.11  ? 5  SER A H    1 
ATOM 75   H HA   . SER A 1 5  ? -8.606  -4.696  5.696   1.00 2.59  ? 5  SER A HA   1 
ATOM 76   H HB2  . SER A 1 5  ? -9.837  -5.552  7.947   1.00 2.98  ? 5  SER A HB2  1 
ATOM 77   H HB3  . SER A 1 5  ? -11.095 -5.925  6.771   1.00 2.62  ? 5  SER A HB3  1 
ATOM 78   H HG   . SER A 1 5  ? -9.312  -7.528  7.221   1.00 3.37  ? 5  SER A HG   1 
ATOM 79   N N    . PRO A 1 6  ? -10.457 -3.206  4.257   1.00 1.50  ? 6  PRO A N    1 
ATOM 80   C CA   . PRO A 1 6  ? -11.336 -2.885  3.107   1.00 1.37  ? 6  PRO A CA   1 
ATOM 81   C C    . PRO A 1 6  ? -10.957 -3.736  1.891   1.00 1.21  ? 6  PRO A C    1 
ATOM 82   O O    . PRO A 1 6  ? -10.310 -4.756  2.015   1.00 1.88  ? 6  PRO A O    1 
ATOM 83   C CB   . PRO A 1 6  ? -11.063 -1.408  2.846   1.00 1.63  ? 6  PRO A CB   1 
ATOM 84   C CG   . PRO A 1 6  ? -9.696  -1.169  3.394   1.00 1.77  ? 6  PRO A CG   1 
ATOM 85   C CD   . PRO A 1 6  ? -9.499  -2.132  4.535   1.00 1.71  ? 6  PRO A CD   1 
ATOM 86   H HA   . PRO A 1 6  ? -12.367 -3.025  3.367   1.00 1.49  ? 6  PRO A HA   1 
ATOM 87   H HB2  . PRO A 1 6  ? -11.086 -1.203  1.786   1.00 1.72  ? 6  PRO A HB2  1 
ATOM 88   H HB3  . PRO A 1 6  ? -11.781 -0.794  3.366   1.00 1.82  ? 6  PRO A HB3  1 
ATOM 89   H HG2  . PRO A 1 6  ? -8.959  -1.349  2.626   1.00 1.85  ? 6  PRO A HG2  1 
ATOM 90   H HG3  . PRO A 1 6  ? -9.619  -0.158  3.756   1.00 2.05  ? 6  PRO A HG3  1 
ATOM 91   H HD2  . PRO A 1 6  ? -8.486  -2.512  4.539   1.00 1.87  ? 6  PRO A HD2  1 
ATOM 92   H HD3  . PRO A 1 6  ? -9.733  -1.660  5.477   1.00 1.86  ? 6  PRO A HD3  1 
ATOM 93   N N    . CYS A 1 7  ? -11.354 -3.327  0.717   1.00 0.90  ? 7  CYS A N    1 
ATOM 94   C CA   . CYS A 1 7  ? -11.013 -4.118  -0.499  1.00 0.77  ? 7  CYS A CA   1 
ATOM 95   C C    . CYS A 1 7  ? -10.843 -3.192  -1.707  1.00 0.72  ? 7  CYS A C    1 
ATOM 96   O O    . CYS A 1 7  ? -10.697 -1.993  -1.567  1.00 1.01  ? 7  CYS A O    1 
ATOM 97   C CB   . CYS A 1 7  ? -12.200 -5.059  -0.706  1.00 0.96  ? 7  CYS A CB   1 
ATOM 98   S SG   . CYS A 1 7  ? -11.612 -6.632  -1.381  1.00 1.18  ? 7  CYS A SG   1 
ATOM 99   H H    . CYS A 1 7  ? -11.875 -2.502  0.635   1.00 1.34  ? 7  CYS A H    1 
ATOM 100  H HA   . CYS A 1 7  ? -10.113 -4.691  -0.336  1.00 0.84  ? 7  CYS A HA   1 
ATOM 101  H HB2  . CYS A 1 7  ? -12.690 -5.234  0.240   1.00 1.61  ? 7  CYS A HB2  1 
ATOM 102  H HB3  . CYS A 1 7  ? -12.899 -4.610  -1.396  1.00 1.30  ? 7  CYS A HB3  1 
ATOM 103  N N    . CYS A 1 8  ? -10.860 -3.739  -2.892  1.00 0.80  ? 8  CYS A N    1 
ATOM 104  C CA   . CYS A 1 8  ? -10.698 -2.891  -4.107  1.00 0.87  ? 8  CYS A CA   1 
ATOM 105  C C    . CYS A 1 8  ? -11.564 -3.427  -5.248  1.00 0.83  ? 8  CYS A C    1 
ATOM 106  O O    . CYS A 1 8  ? -12.288 -4.390  -5.093  1.00 1.00  ? 8  CYS A O    1 
ATOM 107  C CB   . CYS A 1 8  ? -9.216  -2.999  -4.466  1.00 1.15  ? 8  CYS A CB   1 
ATOM 108  S SG   . CYS A 1 8  ? -8.267  -1.820  -3.477  1.00 1.23  ? 8  CYS A SG   1 
ATOM 109  H H    . CYS A 1 8  ? -10.978 -4.707  -2.984  1.00 1.06  ? 8  CYS A H    1 
ATOM 110  H HA   . CYS A 1 8  ? -10.950 -1.865  -3.889  1.00 0.95  ? 8  CYS A HA   1 
ATOM 111  H HB2  . CYS A 1 8  ? -8.869  -4.001  -4.262  1.00 1.85  ? 8  CYS A HB2  1 
ATOM 112  H HB3  . CYS A 1 8  ? -9.083  -2.778  -5.514  1.00 1.75  ? 8  CYS A HB3  1 
ATOM 113  N N    . MET A 1 9  ? -11.492 -2.813  -6.398  1.00 0.75  ? 9  MET A N    1 
ATOM 114  C CA   . MET A 1 9  ? -12.309 -3.288  -7.551  1.00 0.82  ? 9  MET A CA   1 
ATOM 115  C C    . MET A 1 9  ? -11.393 -3.720  -8.699  1.00 0.76  ? 9  MET A C    1 
ATOM 116  O O    . MET A 1 9  ? -11.687 -4.647  -9.427  1.00 1.11  ? 9  MET A O    1 
ATOM 117  C CB   . MET A 1 9  ? -13.155 -2.083  -7.963  1.00 1.02  ? 9  MET A CB   1 
ATOM 118  C CG   . MET A 1 9  ? -14.134 -2.499  -9.063  1.00 1.52  ? 9  MET A CG   1 
ATOM 119  S SD   . MET A 1 9  ? -15.748 -1.742  -8.749  1.00 2.40  ? 9  MET A SD   1 
ATOM 120  C CE   . MET A 1 9  ? -15.216 -0.017  -8.862  1.00 3.03  ? 9  MET A CE   1 
ATOM 121  H H    . MET A 1 9  ? -10.900 -2.039  -6.503  1.00 0.76  ? 9  MET A H    1 
ATOM 122  H HA   . MET A 1 9  ? -12.949 -4.103  -7.251  1.00 0.91  ? 9  MET A HA   1 
ATOM 123  H HB2  . MET A 1 9  ? -13.706 -1.721  -7.107  1.00 1.31  ? 9  MET A HB2  1 
ATOM 124  H HB3  . MET A 1 9  ? -12.510 -1.301  -8.334  1.00 1.59  ? 9  MET A HB3  1 
ATOM 125  H HG2  . MET A 1 9  ? -13.761 -2.167  -10.020 1.00 1.95  ? 9  MET A HG2  1 
ATOM 126  H HG3  . MET A 1 9  ? -14.235 -3.573  -9.068  1.00 1.76  ? 9  MET A HG3  1 
ATOM 127  H HE1  . MET A 1 9  ? -14.162 0.020   -9.101  1.00 3.38  ? 9  MET A HE1  1 
ATOM 128  H HE2  . MET A 1 9  ? -15.385 0.476   -7.918  1.00 3.24  ? 9  MET A HE2  1 
ATOM 129  H HE3  . MET A 1 9  ? -15.783 0.485   -9.634  1.00 3.52  ? 9  MET A HE3  1 
ATOM 130  N N    . PHE A 1 10 ? -10.282 -3.056  -8.864  1.00 0.61  ? 10 PHE A N    1 
ATOM 131  C CA   . PHE A 1 10 ? -9.344  -3.427  -9.962  1.00 0.56  ? 10 PHE A CA   1 
ATOM 132  C C    . PHE A 1 10 ? -7.895  -3.234  -9.506  1.00 0.49  ? 10 PHE A C    1 
ATOM 133  O O    . PHE A 1 10 ? -7.633  -2.667  -8.463  1.00 0.65  ? 10 PHE A O    1 
ATOM 134  C CB   . PHE A 1 10 ? -9.679  -2.473  -11.111 1.00 0.69  ? 10 PHE A CB   1 
ATOM 135  C CG   . PHE A 1 10 ? -9.296  -1.061  -10.729 1.00 0.71  ? 10 PHE A CG   1 
ATOM 136  C CD1  . PHE A 1 10 ? -10.124 -0.317  -9.880  1.00 0.90  ? 10 PHE A CD1  1 
ATOM 137  C CD2  . PHE A 1 10 ? -8.114  -0.499  -11.225 1.00 0.74  ? 10 PHE A CD2  1 
ATOM 138  C CE1  . PHE A 1 10 ? -9.768  0.990   -9.527  1.00 0.99  ? 10 PHE A CE1  1 
ATOM 139  C CE2  . PHE A 1 10 ? -7.758  0.809   -10.871 1.00 0.80  ? 10 PHE A CE2  1 
ATOM 140  C CZ   . PHE A 1 10 ? -8.586  1.553   -10.022 1.00 0.87  ? 10 PHE A CZ   1 
ATOM 141  H H    . PHE A 1 10 ? -10.062 -2.312  -8.264  1.00 0.81  ? 10 PHE A H    1 
ATOM 142  H HA   . PHE A 1 10 ? -9.511  -4.447  -10.270 1.00 0.58  ? 10 PHE A HA   1 
ATOM 143  H HB2  . PHE A 1 10 ? -9.132  -2.768  -11.995 1.00 0.73  ? 10 PHE A HB2  1 
ATOM 144  H HB3  . PHE A 1 10 ? -10.739 -2.513  -11.315 1.00 0.78  ? 10 PHE A HB3  1 
ATOM 145  H HD1  . PHE A 1 10 ? -11.035 -0.750  -9.498  1.00 1.07  ? 10 PHE A HD1  1 
ATOM 146  H HD2  . PHE A 1 10 ? -7.475  -1.073  -11.879 1.00 0.86  ? 10 PHE A HD2  1 
ATOM 147  H HE1  . PHE A 1 10 ? -10.406 1.564   -8.871  1.00 1.22  ? 10 PHE A HE1  1 
ATOM 148  H HE2  . PHE A 1 10 ? -6.846  1.242   -11.253 1.00 0.91  ? 10 PHE A HE2  1 
ATOM 149  H HZ   . PHE A 1 10 ? -8.312  2.562   -9.749  1.00 0.96  ? 10 PHE A HZ   1 
ATOM 150  N N    . PHE A 1 11 ? -6.953  -3.698  -10.279 1.00 0.45  ? 11 PHE A N    1 
ATOM 151  C CA   . PHE A 1 11 ? -5.524  -3.535  -9.887  1.00 0.38  ? 11 PHE A CA   1 
ATOM 152  C C    . PHE A 1 11 ? -4.891  -2.386  -10.675 1.00 0.37  ? 11 PHE A C    1 
ATOM 153  O O    . PHE A 1 11 ? -5.178  -2.189  -11.839 1.00 0.42  ? 11 PHE A O    1 
ATOM 154  C CB   . PHE A 1 11 ? -4.856  -4.863  -10.249 1.00 0.39  ? 11 PHE A CB   1 
ATOM 155  C CG   . PHE A 1 11 ? -4.400  -5.562  -8.990  1.00 0.37  ? 11 PHE A CG   1 
ATOM 156  C CD1  . PHE A 1 11 ? -3.771  -4.835  -7.971  1.00 0.60  ? 11 PHE A CD1  1 
ATOM 157  C CD2  . PHE A 1 11 ? -4.605  -6.938  -8.842  1.00 0.67  ? 11 PHE A CD2  1 
ATOM 158  C CE1  . PHE A 1 11 ? -3.348  -5.484  -6.807  1.00 0.62  ? 11 PHE A CE1  1 
ATOM 159  C CE2  . PHE A 1 11 ? -4.182  -7.587  -7.676  1.00 0.66  ? 11 PHE A CE2  1 
ATOM 160  C CZ   . PHE A 1 11 ? -3.554  -6.861  -6.658  1.00 0.38  ? 11 PHE A CZ   1 
ATOM 161  H H    . PHE A 1 11 ? -7.184  -4.150  -11.117 1.00 0.62  ? 11 PHE A H    1 
ATOM 162  H HA   . PHE A 1 11 ? -5.442  -3.355  -8.827  1.00 0.36  ? 11 PHE A HA   1 
ATOM 163  H HB2  . PHE A 1 11 ? -5.563  -5.489  -10.772 1.00 0.44  ? 11 PHE A HB2  1 
ATOM 164  H HB3  . PHE A 1 11 ? -4.004  -4.675  -10.884 1.00 0.39  ? 11 PHE A HB3  1 
ATOM 165  H HD1  . PHE A 1 11 ? -3.613  -3.773  -8.086  1.00 0.94  ? 11 PHE A HD1  1 
ATOM 166  H HD2  . PHE A 1 11 ? -5.089  -7.500  -9.627  1.00 1.04  ? 11 PHE A HD2  1 
ATOM 167  H HE1  . PHE A 1 11 ? -2.864  -4.923  -6.022  1.00 0.98  ? 11 PHE A HE1  1 
ATOM 168  H HE2  . PHE A 1 11 ? -4.340  -8.649  -7.563  1.00 1.01  ? 11 PHE A HE2  1 
ATOM 169  H HZ   . PHE A 1 11 ? -3.227  -7.362  -5.759  1.00 0.41  ? 11 PHE A HZ   1 
ATOM 170  N N    . VAL A 1 12 ? -4.034  -1.625  -10.052 1.00 0.34  ? 12 VAL A N    1 
ATOM 171  C CA   . VAL A 1 12 ? -3.384  -0.489  -10.768 1.00 0.34  ? 12 VAL A CA   1 
ATOM 172  C C    . VAL A 1 12 ? -2.824  -0.961  -12.112 1.00 0.38  ? 12 VAL A C    1 
ATOM 173  O O    . VAL A 1 12 ? -2.284  -2.043  -12.223 1.00 0.41  ? 12 VAL A O    1 
ATOM 174  C CB   . VAL A 1 12 ? -2.244  -0.031  -9.855  1.00 0.31  ? 12 VAL A CB   1 
ATOM 175  C CG1  . VAL A 1 12 ? -2.815  0.749   -8.671  1.00 0.33  ? 12 VAL A CG1  1 
ATOM 176  C CG2  . VAL A 1 12 ? -1.470  -1.249  -9.337  1.00 0.28  ? 12 VAL A CG2  1 
ATOM 177  H H    . VAL A 1 12 ? -3.815  -1.798  -9.112  1.00 0.32  ? 12 VAL A H    1 
ATOM 178  H HA   . VAL A 1 12 ? -4.087  0.315   -10.914 1.00 0.37  ? 12 VAL A HA   1 
ATOM 179  H HB   . VAL A 1 12 ? -1.576  0.607   -10.413 1.00 0.32  ? 12 VAL A HB   1 
ATOM 180  H HG11 . VAL A 1 12 ? -2.754  1.807   -8.875  1.00 0.97  ? 12 VAL A HG11 1 
ATOM 181  H HG12 . VAL A 1 12 ? -2.245  0.519   -7.782  1.00 1.00  ? 12 VAL A HG12 1 
ATOM 182  H HG13 . VAL A 1 12 ? -3.846  0.469   -8.520  1.00 1.14  ? 12 VAL A HG13 1 
ATOM 183  H HG21 . VAL A 1 12 ? -0.471  -0.949  -9.058  1.00 1.08  ? 12 VAL A HG21 1 
ATOM 184  H HG22 . VAL A 1 12 ? -1.417  -1.999  -10.113 1.00 1.07  ? 12 VAL A HG22 1 
ATOM 185  H HG23 . VAL A 1 12 ? -1.977  -1.659  -8.476  1.00 1.01  ? 12 VAL A HG23 1 
ATOM 186  N N    . SER A 1 13 ? -2.939  -0.156  -13.132 1.00 0.45  ? 13 SER A N    1 
ATOM 187  C CA   . SER A 1 13 ? -2.399  -0.564  -14.458 1.00 0.51  ? 13 SER A CA   1 
ATOM 188  C C    . SER A 1 13 ? -0.895  -0.819  -14.339 1.00 0.46  ? 13 SER A C    1 
ATOM 189  O O    . SER A 1 13 ? -0.297  -1.480  -15.164 1.00 0.52  ? 13 SER A O    1 
ATOM 190  C CB   . SER A 1 13 ? -2.673  0.622   -15.383 1.00 0.59  ? 13 SER A CB   1 
ATOM 191  O OG   . SER A 1 13 ? -4.077  0.799   -15.514 1.00 1.47  ? 13 SER A OG   1 
ATOM 192  H H    . SER A 1 13 ? -3.371  0.718   -13.024 1.00 0.48  ? 13 SER A H    1 
ATOM 193  H HA   . SER A 1 13 ? -2.906  -1.444  -14.820 1.00 0.56  ? 13 SER A HA   1 
ATOM 194  H HB2  . SER A 1 13 ? -2.241  1.515   -14.964 1.00 1.32  ? 13 SER A HB2  1 
ATOM 195  H HB3  . SER A 1 13 ? -2.232  0.431   -16.352 1.00 1.02  ? 13 SER A HB3  1 
ATOM 196  H HG   . SER A 1 13 ? -4.251  1.740   -15.591 1.00 1.79  ? 13 SER A HG   1 
ATOM 197  N N    . LYS A 1 14 ? -0.284  -0.299  -13.308 1.00 0.38  ? 14 LYS A N    1 
ATOM 198  C CA   . LYS A 1 14 ? 1.178   -0.508  -13.116 1.00 0.38  ? 14 LYS A CA   1 
ATOM 199  C C    . LYS A 1 14 ? 1.589   -0.055  -11.713 1.00 0.35  ? 14 LYS A C    1 
ATOM 200  O O    . LYS A 1 14 ? 0.786   -0.025  -10.803 1.00 0.42  ? 14 LYS A O    1 
ATOM 201  C CB   . LYS A 1 14 ? 1.848   0.358   -14.184 1.00 0.44  ? 14 LYS A CB   1 
ATOM 202  C CG   . LYS A 1 14 ? 1.505   1.830   -13.938 1.00 1.12  ? 14 LYS A CG   1 
ATOM 203  C CD   . LYS A 1 14 ? 2.144   2.692   -15.029 1.00 1.43  ? 14 LYS A CD   1 
ATOM 204  C CE   . LYS A 1 14 ? 1.258   3.909   -15.304 1.00 2.19  ? 14 LYS A CE   1 
ATOM 205  N NZ   . LYS A 1 14 ? 2.007   4.709   -16.312 1.00 2.81  ? 14 LYS A NZ   1 
ATOM 206  H H    . LYS A 1 14 ? -0.790  0.228   -12.654 1.00 0.36  ? 14 LYS A H    1 
ATOM 207  H HA   . LYS A 1 14 ? 1.432   -1.545  -13.267 1.00 0.40  ? 14 LYS A HA   1 
ATOM 208  H HB2  . LYS A 1 14 ? 2.918   0.224   -14.135 1.00 0.94  ? 14 LYS A HB2  1 
ATOM 209  H HB3  . LYS A 1 14 ? 1.492   0.067   -15.160 1.00 0.91  ? 14 LYS A HB3  1 
ATOM 210  H HG2  . LYS A 1 14 ? 0.433   1.957   -13.960 1.00 1.62  ? 14 LYS A HG2  1 
ATOM 211  H HG3  . LYS A 1 14 ? 1.886   2.132   -12.974 1.00 1.63  ? 14 LYS A HG3  1 
ATOM 212  H HD2  . LYS A 1 14 ? 3.120   3.022   -14.701 1.00 1.72  ? 14 LYS A HD2  1 
ATOM 213  H HD3  . LYS A 1 14 ? 2.247   2.112   -15.934 1.00 1.81  ? 14 LYS A HD3  1 
ATOM 214  H HE2  . LYS A 1 14 ? 0.303   3.594   -15.703 1.00 2.64  ? 14 LYS A HE2  1 
ATOM 215  H HE3  . LYS A 1 14 ? 1.119   4.485   -14.402 1.00 2.63  ? 14 LYS A HE3  1 
ATOM 216  H HZ1  . LYS A 1 14 ? 2.229   4.113   -17.133 1.00 3.12  ? 14 LYS A HZ1  1 
ATOM 217  H HZ2  . LYS A 1 14 ? 2.889   5.062   -15.888 1.00 3.31  ? 14 LYS A HZ2  1 
ATOM 218  H HZ3  . LYS A 1 14 ? 1.424   5.514   -16.619 1.00 3.06  ? 14 LYS A HZ3  1 
ATOM 219  N N    . ARG A 1 15 ? 2.831   0.295   -11.531 1.00 0.36  ? 15 ARG A N    1 
ATOM 220  C CA   . ARG A 1 15 ? 3.286   0.743   -10.184 1.00 0.35  ? 15 ARG A CA   1 
ATOM 221  C C    . ARG A 1 15 ? 3.014   2.240   -10.004 1.00 0.36  ? 15 ARG A C    1 
ATOM 222  O O    . ARG A 1 15 ? 2.129   2.799   -10.622 1.00 0.61  ? 15 ARG A O    1 
ATOM 223  C CB   . ARG A 1 15 ? 4.788   0.462   -10.164 1.00 0.42  ? 15 ARG A CB   1 
ATOM 224  C CG   . ARG A 1 15 ? 5.473   1.281   -11.257 1.00 1.02  ? 15 ARG A CG   1 
ATOM 225  C CD   . ARG A 1 15 ? 5.942   0.348   -12.375 1.00 1.62  ? 15 ARG A CD   1 
ATOM 226  N NE   . ARG A 1 15 ? 7.359   0.730   -12.626 1.00 1.71  ? 15 ARG A NE   1 
ATOM 227  C CZ   . ARG A 1 15 ? 7.889   0.532   -13.803 1.00 2.35  ? 15 ARG A CZ   1 
ATOM 228  N NH1  . ARG A 1 15 ? 8.225   -0.672  -14.173 1.00 2.71  ? 15 ARG A NH1  1 
ATOM 229  N NH2  . ARG A 1 15 ? 8.083   1.541   -14.609 1.00 3.04  ? 15 ARG A NH2  1 
ATOM 230  H H    . ARG A 1 15 ? 3.465   0.263   -12.278 1.00 0.46  ? 15 ARG A H    1 
ATOM 231  H HA   . ARG A 1 15 ? 2.794   0.174   -9.412  1.00 0.34  ? 15 ARG A HA   1 
ATOM 232  H HB2  . ARG A 1 15 ? 5.193   0.734   -9.200  1.00 1.09  ? 15 ARG A HB2  1 
ATOM 233  H HB3  . ARG A 1 15 ? 4.961   -0.589  -10.343 1.00 1.06  ? 15 ARG A HB3  1 
ATOM 234  H HG2  . ARG A 1 15 ? 4.775   2.001   -11.657 1.00 1.76  ? 15 ARG A HG2  1 
ATOM 235  H HG3  . ARG A 1 15 ? 6.325   1.796   -10.840 1.00 1.61  ? 15 ARG A HG3  1 
ATOM 236  H HD2  . ARG A 1 15 ? 5.879   -0.683  -12.053 1.00 1.99  ? 15 ARG A HD2  1 
ATOM 237  H HD3  . ARG A 1 15 ? 5.354   0.503   -13.266 1.00 2.43  ? 15 ARG A HD3  1 
ATOM 238  H HE   . ARG A 1 15 ? 7.894   1.130   -11.909 1.00 1.80  ? 15 ARG A HE   1 
ATOM 239  H HH11 . ARG A 1 15 ? 8.077   -1.445  -13.555 1.00 2.64  ? 15 ARG A HH11 1 
ATOM 240  H HH12 . ARG A 1 15 ? 8.632   -0.824  -15.074 1.00 3.32  ? 15 ARG A HH12 1 
ATOM 241  H HH21 . ARG A 1 15 ? 7.826   2.464   -14.325 1.00 3.12  ? 15 ARG A HH21 1 
ATOM 242  H HH22 . ARG A 1 15 ? 8.489   1.390   -15.510 1.00 3.68  ? 15 ARG A HH22 1 
ATOM 243  N N    . ILE A 1 16 ? 3.765   2.891   -9.159  1.00 0.25  ? 16 ILE A N    1 
ATOM 244  C CA   . ILE A 1 16 ? 3.549   4.351   -8.935  1.00 0.25  ? 16 ILE A CA   1 
ATOM 245  C C    . ILE A 1 16 ? 4.898   5.049   -8.733  1.00 0.26  ? 16 ILE A C    1 
ATOM 246  O O    . ILE A 1 16 ? 5.883   4.405   -8.443  1.00 0.28  ? 16 ILE A O    1 
ATOM 247  C CB   . ILE A 1 16 ? 2.705   4.450   -7.654  1.00 0.22  ? 16 ILE A CB   1 
ATOM 248  C CG1  . ILE A 1 16 ? 1.920   3.149   -7.437  1.00 0.20  ? 16 ILE A CG1  1 
ATOM 249  C CG2  . ILE A 1 16 ? 1.732   5.622   -7.783  1.00 0.29  ? 16 ILE A CG2  1 
ATOM 250  C CD1  . ILE A 1 16 ? 0.910   3.325   -6.297  1.00 0.22  ? 16 ILE A CD1  1 
ATOM 251  H H    . ILE A 1 16 ? 4.471   2.420   -8.669  1.00 0.37  ? 16 ILE A H    1 
ATOM 252  H HA   . ILE A 1 16 ? 3.017   4.788   -9.765  1.00 0.28  ? 16 ILE A HA   1 
ATOM 253  H HB   . ILE A 1 16 ? 3.360   4.622   -6.810  1.00 0.21  ? 16 ILE A HB   1 
ATOM 254  H HG12 . ILE A 1 16 ? 1.395   2.892   -8.344  1.00 0.23  ? 16 ILE A HG12 1 
ATOM 255  H HG13 . ILE A 1 16 ? 2.609   2.357   -7.184  1.00 0.18  ? 16 ILE A HG13 1 
ATOM 256  H HG21 . ILE A 1 16 ? 1.752   5.996   -8.795  1.00 1.06  ? 16 ILE A HG21 1 
ATOM 257  H HG22 . ILE A 1 16 ? 2.026   6.408   -7.103  1.00 1.01  ? 16 ILE A HG22 1 
ATOM 258  H HG23 . ILE A 1 16 ? 0.734   5.292   -7.540  1.00 1.06  ? 16 ILE A HG23 1 
ATOM 259  H HD11 . ILE A 1 16 ? 1.438   3.439   -5.362  1.00 0.94  ? 16 ILE A HD11 1 
ATOM 260  H HD12 . ILE A 1 16 ? 0.270   2.456   -6.245  1.00 0.99  ? 16 ILE A HD12 1 
ATOM 261  H HD13 . ILE A 1 16 ? 0.308   4.202   -6.480  1.00 1.10  ? 16 ILE A HD13 1 
ATOM 262  N N    . PRO A 1 17 ? 4.901   6.349   -8.884  1.00 0.28  ? 17 PRO A N    1 
ATOM 263  C CA   . PRO A 1 17 ? 6.138   7.126   -8.697  1.00 0.30  ? 17 PRO A CA   1 
ATOM 264  C C    . PRO A 1 17 ? 6.310   7.482   -7.216  1.00 0.28  ? 17 PRO A C    1 
ATOM 265  O O    . PRO A 1 17 ? 5.548   8.247   -6.661  1.00 0.28  ? 17 PRO A O    1 
ATOM 266  C CB   . PRO A 1 17 ? 5.906   8.369   -9.543  1.00 0.35  ? 17 PRO A CB   1 
ATOM 267  C CG   . PRO A 1 17 ? 4.419   8.520   -9.643  1.00 0.34  ? 17 PRO A CG   1 
ATOM 268  C CD   . PRO A 1 17 ? 3.776   7.209   -9.246  1.00 0.29  ? 17 PRO A CD   1 
ATOM 269  H HA   . PRO A 1 17 ? 6.988   6.585   -9.066  1.00 0.33  ? 17 PRO A HA   1 
ATOM 270  H HB2  . PRO A 1 17 ? 6.341   9.234   -9.059  1.00 0.36  ? 17 PRO A HB2  1 
ATOM 271  H HB3  . PRO A 1 17 ? 6.329   8.237   -10.526 1.00 0.38  ? 17 PRO A HB3  1 
ATOM 272  H HG2  . PRO A 1 17 ? 4.091   9.303   -8.980  1.00 0.35  ? 17 PRO A HG2  1 
ATOM 273  H HG3  . PRO A 1 17 ? 4.149   8.758   -10.658 1.00 0.39  ? 17 PRO A HG3  1 
ATOM 274  H HD2  . PRO A 1 17 ? 3.123   7.358   -8.398  1.00 0.27  ? 17 PRO A HD2  1 
ATOM 275  H HD3  . PRO A 1 17 ? 3.233   6.785   -10.075 1.00 0.31  ? 17 PRO A HD3  1 
ATOM 276  N N    . GLU A 1 18 ? 7.297   6.917   -6.573  1.00 0.29  ? 18 GLU A N    1 
ATOM 277  C CA   . GLU A 1 18 ? 7.518   7.202   -5.122  1.00 0.29  ? 18 GLU A CA   1 
ATOM 278  C C    . GLU A 1 18 ? 7.390   8.701   -4.828  1.00 0.31  ? 18 GLU A C    1 
ATOM 279  O O    . GLU A 1 18 ? 7.052   9.099   -3.730  1.00 0.36  ? 18 GLU A O    1 
ATOM 280  C CB   . GLU A 1 18 ? 8.943   6.725   -4.843  1.00 0.36  ? 18 GLU A CB   1 
ATOM 281  C CG   . GLU A 1 18 ? 9.078   6.353   -3.365  1.00 1.12  ? 18 GLU A CG   1 
ATOM 282  C CD   . GLU A 1 18 ? 10.260  7.108   -2.754  1.00 1.56  ? 18 GLU A CD   1 
ATOM 283  O OE1  . GLU A 1 18 ? 11.334  7.055   -3.332  1.00 2.31  ? 18 GLU A OE1  1 
ATOM 284  O OE2  . GLU A 1 18 ? 10.072  7.727   -1.720  1.00 1.88  ? 18 GLU A OE2  1 
ATOM 285  H H    . GLU A 1 18 ? 7.889   6.294   -7.042  1.00 0.31  ? 18 GLU A H    1 
ATOM 286  H HA   . GLU A 1 18 ? 6.822   6.642   -4.520  1.00 0.27  ? 18 GLU A HA   1 
ATOM 287  H HB2  . GLU A 1 18 ? 9.160   5.860   -5.455  1.00 0.95  ? 18 GLU A HB2  1 
ATOM 288  H HB3  . GLU A 1 18 ? 9.640   7.515   -5.079  1.00 1.01  ? 18 GLU A HB3  1 
ATOM 289  H HG2  . GLU A 1 18 ? 8.171   6.619   -2.843  1.00 1.75  ? 18 GLU A HG2  1 
ATOM 290  H HG3  . GLU A 1 18 ? 9.247   5.291   -3.276  1.00 1.74  ? 18 GLU A HG3  1 
ATOM 291  N N    . ASN A 1 19 ? 7.660   9.536   -5.793  1.00 0.31  ? 19 ASN A N    1 
ATOM 292  C CA   . ASN A 1 19 ? 7.554   11.006  -5.555  1.00 0.35  ? 19 ASN A CA   1 
ATOM 293  C C    . ASN A 1 19 ? 6.086   11.431  -5.438  1.00 0.33  ? 19 ASN A C    1 
ATOM 294  O O    . ASN A 1 19 ? 5.785   12.570  -5.144  1.00 0.38  ? 19 ASN A O    1 
ATOM 295  C CB   . ASN A 1 19 ? 8.202   11.650  -6.781  1.00 0.39  ? 19 ASN A CB   1 
ATOM 296  C CG   . ASN A 1 19 ? 9.214   12.705  -6.330  1.00 1.10  ? 19 ASN A CG   1 
ATOM 297  O OD1  . ASN A 1 19 ? 9.228   13.097  -5.179  1.00 1.80  ? 19 ASN A OD1  1 
ATOM 298  N ND2  . ASN A 1 19 ? 10.069  13.182  -7.192  1.00 1.72  ? 19 ASN A ND2  1 
ATOM 299  H H    . ASN A 1 19 ? 7.934   9.199   -6.670  1.00 0.33  ? 19 ASN A H    1 
ATOM 300  H HA   . ASN A 1 19 ? 8.099   11.282  -4.665  1.00 0.38  ? 19 ASN A HA   1 
ATOM 301  H HB2  . ASN A 1 19 ? 8.706   10.892  -7.363  1.00 0.85  ? 19 ASN A HB2  1 
ATOM 302  H HB3  . ASN A 1 19 ? 7.440   12.121  -7.384  1.00 0.78  ? 19 ASN A HB3  1 
ATOM 303  H HD21 . ASN A 1 19 ? 10.059  12.865  -8.120  1.00 1.97  ? 19 ASN A HD21 1 
ATOM 304  H HD22 . ASN A 1 19 ? 10.722  13.858  -6.912  1.00 2.27  ? 19 ASN A HD22 1 
ATOM 305  N N    . ARG A 1 20 ? 5.171   10.530  -5.674  1.00 0.30  ? 20 ARG A N    1 
ATOM 306  C CA   . ARG A 1 20 ? 3.731   10.889  -5.585  1.00 0.30  ? 20 ARG A CA   1 
ATOM 307  C C    . ARG A 1 20 ? 3.035   10.067  -4.498  1.00 0.26  ? 20 ARG A C    1 
ATOM 308  O O    . ARG A 1 20 ? 2.121   10.528  -3.844  1.00 0.28  ? 20 ARG A O    1 
ATOM 309  C CB   . ARG A 1 20 ? 3.171   10.534  -6.958  1.00 0.29  ? 20 ARG A CB   1 
ATOM 310  C CG   . ARG A 1 20 ? 3.704   11.520  -7.996  1.00 0.32  ? 20 ARG A CG   1 
ATOM 311  C CD   . ARG A 1 20 ? 2.627   11.782  -9.051  1.00 0.40  ? 20 ARG A CD   1 
ATOM 312  N NE   . ARG A 1 20 ? 3.260   12.719  -10.021 1.00 0.78  ? 20 ARG A NE   1 
ATOM 313  C CZ   . ARG A 1 20 ? 2.519   13.543  -10.710 1.00 1.32  ? 20 ARG A CZ   1 
ATOM 314  N NH1  . ARG A 1 20 ? 1.986   14.584  -10.129 1.00 2.31  ? 20 ARG A NH1  1 
ATOM 315  N NH2  . ARG A 1 20 ? 2.310   13.328  -11.980 1.00 1.54  ? 20 ARG A NH2  1 
ATOM 316  H H    . ARG A 1 20 ? 5.427   9.620   -5.917  1.00 0.31  ? 20 ARG A H    1 
ATOM 317  H HA   . ARG A 1 20 ? 3.613   11.943  -5.400  1.00 0.33  ? 20 ARG A HA   1 
ATOM 318  H HB2  . ARG A 1 20 ? 3.479   9.532   -7.219  1.00 0.28  ? 20 ARG A HB2  1 
ATOM 319  H HB3  . ARG A 1 20 ? 2.099   10.583  -6.931  1.00 0.29  ? 20 ARG A HB3  1 
ATOM 320  H HG2  . ARG A 1 20 ? 3.966   12.447  -7.507  1.00 0.38  ? 20 ARG A HG2  1 
ATOM 321  H HG3  . ARG A 1 20 ? 4.579   11.104  -8.472  1.00 0.36  ? 20 ARG A HG3  1 
ATOM 322  H HD2  . ARG A 1 20 ? 2.350   10.860  -9.541  1.00 0.70  ? 20 ARG A HD2  1 
ATOM 323  H HD3  . ARG A 1 20 ? 1.764   12.246  -8.600  1.00 0.75  ? 20 ARG A HD3  1 
ATOM 324  H HE   . ARG A 1 20 ? 4.232   12.716  -10.142 1.00 1.30  ? 20 ARG A HE   1 
ATOM 325  H HH11 . ARG A 1 20 ? 2.145   14.748  -9.155  1.00 2.64  ? 20 ARG A HH11 1 
ATOM 326  H HH12 . ARG A 1 20 ? 1.419   15.215  -10.656 1.00 2.92  ? 20 ARG A HH12 1 
ATOM 327  H HH21 . ARG A 1 20 ? 2.718   12.531  -12.426 1.00 1.67  ? 20 ARG A HH21 1 
ATOM 328  H HH22 . ARG A 1 20 ? 1.743   13.961  -12.508 1.00 2.09  ? 20 ARG A HH22 1 
ATOM 329  N N    . VAL A 1 21 ? 3.456   8.849   -4.309  1.00 0.24  ? 21 VAL A N    1 
ATOM 330  C CA   . VAL A 1 21 ? 2.812   7.990   -3.272  1.00 0.21  ? 21 VAL A CA   1 
ATOM 331  C C    . VAL A 1 21 ? 3.151   8.499   -1.870  1.00 0.23  ? 21 VAL A C    1 
ATOM 332  O O    . VAL A 1 21 ? 4.131   9.189   -1.670  1.00 0.27  ? 21 VAL A O    1 
ATOM 333  C CB   . VAL A 1 21 ? 3.398   6.595   -3.479  1.00 0.21  ? 21 VAL A CB   1 
ATOM 334  C CG1  . VAL A 1 21 ? 2.665   5.600   -2.577  1.00 0.20  ? 21 VAL A CG1  1 
ATOM 335  C CG2  . VAL A 1 21 ? 3.231   6.178   -4.942  1.00 0.21  ? 21 VAL A CG2  1 
ATOM 336  H H    . VAL A 1 21 ? 4.189   8.496   -4.854  1.00 0.25  ? 21 VAL A H    1 
ATOM 337  H HA   . VAL A 1 21 ? 1.743   7.964   -3.415  1.00 0.20  ? 21 VAL A HA   1 
ATOM 338  H HB   . VAL A 1 21 ? 4.449   6.605   -3.223  1.00 0.23  ? 21 VAL A HB   1 
ATOM 339  H HG11 . VAL A 1 21 ? 2.679   5.961   -1.559  1.00 1.04  ? 21 VAL A HG11 1 
ATOM 340  H HG12 . VAL A 1 21 ? 3.153   4.639   -2.627  1.00 1.04  ? 21 VAL A HG12 1 
ATOM 341  H HG13 . VAL A 1 21 ? 1.641   5.502   -2.909  1.00 1.02  ? 21 VAL A HG13 1 
ATOM 342  H HG21 . VAL A 1 21 ? 2.901   7.026   -5.523  1.00 1.02  ? 21 VAL A HG21 1 
ATOM 343  H HG22 . VAL A 1 21 ? 2.498   5.387   -5.011  1.00 1.00  ? 21 VAL A HG22 1 
ATOM 344  H HG23 . VAL A 1 21 ? 4.177   5.825   -5.327  1.00 0.96  ? 21 VAL A HG23 1 
ATOM 345  N N    . VAL A 1 22 ? 2.349   8.164   -0.896  1.00 0.23  ? 22 VAL A N    1 
ATOM 346  C CA   . VAL A 1 22 ? 2.628   8.629   0.489   1.00 0.26  ? 22 VAL A CA   1 
ATOM 347  C C    . VAL A 1 22 ? 2.600   7.454   1.467   1.00 0.24  ? 22 VAL A C    1 
ATOM 348  O O    . VAL A 1 22 ? 3.372   7.395   2.403   1.00 0.26  ? 22 VAL A O    1 
ATOM 349  C CB   . VAL A 1 22 ? 1.508   9.617   0.826   1.00 0.28  ? 22 VAL A CB   1 
ATOM 350  C CG1  . VAL A 1 22 ? 1.901   11.013  0.356   1.00 0.32  ? 22 VAL A CG1  1 
ATOM 351  C CG2  . VAL A 1 22 ? 0.204   9.202   0.137   1.00 0.28  ? 22 VAL A CG2  1 
ATOM 352  H H    . VAL A 1 22 ? 1.563   7.609   -1.073  1.00 0.21  ? 22 VAL A H    1 
ATOM 353  H HA   . VAL A 1 22 ? 3.582   9.126   0.528   1.00 0.29  ? 22 VAL A HA   1 
ATOM 354  H HB   . VAL A 1 22 ? 1.360   9.629   1.893   1.00 0.32  ? 22 VAL A HB   1 
ATOM 355  H HG11 . VAL A 1 22 ? 2.978   11.095  0.336   1.00 0.91  ? 22 VAL A HG11 1 
ATOM 356  H HG12 . VAL A 1 22 ? 1.495   11.747  1.035   1.00 1.10  ? 22 VAL A HG12 1 
ATOM 357  H HG13 . VAL A 1 22 ? 1.508   11.180  -0.635  1.00 1.11  ? 22 VAL A HG13 1 
ATOM 358  H HG21 . VAL A 1 22 ? 0.216   9.540   -0.888  1.00 0.95  ? 22 VAL A HG21 1 
ATOM 359  H HG22 . VAL A 1 22 ? -0.634  9.650   0.653   1.00 1.00  ? 22 VAL A HG22 1 
ATOM 360  H HG23 . VAL A 1 22 ? 0.109   8.128   0.162   1.00 0.94  ? 22 VAL A HG23 1 
ATOM 361  N N    . SER A 1 23 ? 1.709   6.524   1.267   1.00 0.20  ? 23 SER A N    1 
ATOM 362  C CA   . SER A 1 23 ? 1.626   5.364   2.196   1.00 0.20  ? 23 SER A CA   1 
ATOM 363  C C    . SER A 1 23 ? 0.570   4.374   1.703   1.00 0.19  ? 23 SER A C    1 
ATOM 364  O O    . SER A 1 23 ? -0.385  4.745   1.050   1.00 0.21  ? 23 SER A O    1 
ATOM 365  C CB   . SER A 1 23 ? 1.212   5.974   3.531   1.00 0.23  ? 23 SER A CB   1 
ATOM 366  O OG   . SER A 1 23 ? 0.945   4.935   4.464   1.00 0.26  ? 23 SER A OG   1 
ATOM 367  H H    . SER A 1 23 ? 1.089   6.592   0.512   1.00 0.20  ? 23 SER A H    1 
ATOM 368  H HA   . SER A 1 23 ? 2.586   4.883   2.290   1.00 0.21  ? 23 SER A HA   1 
ATOM 369  H HB2  . SER A 1 23 ? 2.009   6.595   3.907   1.00 0.27  ? 23 SER A HB2  1 
ATOM 370  H HB3  . SER A 1 23 ? 0.326   6.580   3.387   1.00 0.25  ? 23 SER A HB3  1 
ATOM 371  H HG   . SER A 1 23 ? 0.488   5.319   5.215   1.00 0.95  ? 23 SER A HG   1 
ATOM 372  N N    . TYR A 1 24 ? 0.738   3.114   1.995   1.00 0.21  ? 24 TYR A N    1 
ATOM 373  C CA   . TYR A 1 24 ? -0.248  2.109   1.526   1.00 0.23  ? 24 TYR A CA   1 
ATOM 374  C C    . TYR A 1 24 ? -1.170  1.659   2.662   1.00 0.29  ? 24 TYR A C    1 
ATOM 375  O O    . TYR A 1 24 ? -1.082  2.126   3.780   1.00 0.44  ? 24 TYR A O    1 
ATOM 376  C CB   . TYR A 1 24 ? 0.604   0.941   1.038   1.00 0.24  ? 24 TYR A CB   1 
ATOM 377  C CG   . TYR A 1 24 ? 1.229   0.236   2.220   1.00 0.28  ? 24 TYR A CG   1 
ATOM 378  C CD1  . TYR A 1 24 ? 0.530   -0.784  2.877   1.00 0.72  ? 24 TYR A CD1  1 
ATOM 379  C CD2  . TYR A 1 24 ? 2.505   0.605   2.661   1.00 0.71  ? 24 TYR A CD2  1 
ATOM 380  C CE1  . TYR A 1 24 ? 1.107   -1.435  3.974   1.00 0.73  ? 24 TYR A CE1  1 
ATOM 381  C CE2  . TYR A 1 24 ? 3.083   -0.046  3.759   1.00 0.77  ? 24 TYR A CE2  1 
ATOM 382  C CZ   . TYR A 1 24 ? 2.384   -1.066  4.415   1.00 0.42  ? 24 TYR A CZ   1 
ATOM 383  O OH   . TYR A 1 24 ? 2.953   -1.708  5.497   1.00 0.52  ? 24 TYR A OH   1 
ATOM 384  H H    . TYR A 1 24 ? 1.519   2.826   2.509   1.00 0.24  ? 24 TYR A H    1 
ATOM 385  H HA   . TYR A 1 24 ? -0.825  2.504   0.710   1.00 0.24  ? 24 TYR A HA   1 
ATOM 386  H HB2  . TYR A 1 24 ? -0.017  0.250   0.496   1.00 0.26  ? 24 TYR A HB2  1 
ATOM 387  H HB3  . TYR A 1 24 ? 1.380   1.311   0.388   1.00 0.24  ? 24 TYR A HB3  1 
ATOM 388  H HD1  . TYR A 1 24 ? -0.455  -1.069  2.538   1.00 1.19  ? 24 TYR A HD1  1 
ATOM 389  H HD2  . TYR A 1 24 ? 3.044   1.392   2.156   1.00 1.16  ? 24 TYR A HD2  1 
ATOM 390  H HE1  . TYR A 1 24 ? 0.568   -2.222  4.479   1.00 1.18  ? 24 TYR A HE1  1 
ATOM 391  H HE2  . TYR A 1 24 ? 4.067   0.239   4.098   1.00 1.24  ? 24 TYR A HE2  1 
ATOM 392  H HH   . TYR A 1 24 ? 2.533   -2.567  5.587   1.00 0.90  ? 24 TYR A HH   1 
ATOM 393  N N    . GLN A 1 25 ? -2.046  0.740   2.369   1.00 0.34  ? 25 GLN A N    1 
ATOM 394  C CA   . GLN A 1 25 ? -2.984  0.221   3.402   1.00 0.41  ? 25 GLN A CA   1 
ATOM 395  C C    . GLN A 1 25 ? -3.307  -1.240  3.088   1.00 0.39  ? 25 GLN A C    1 
ATOM 396  O O    . GLN A 1 25 ? -4.207  -1.536  2.329   1.00 0.44  ? 25 GLN A O    1 
ATOM 397  C CB   . GLN A 1 25 ? -4.235  1.090   3.277   1.00 0.48  ? 25 GLN A CB   1 
ATOM 398  C CG   . GLN A 1 25 ? -4.018  2.410   4.019   1.00 0.91  ? 25 GLN A CG   1 
ATOM 399  C CD   . GLN A 1 25 ? -5.225  3.323   3.797   1.00 1.83  ? 25 GLN A CD   1 
ATOM 400  O OE1  . GLN A 1 25 ? -6.068  3.044   2.968   1.00 2.51  ? 25 GLN A OE1  1 
ATOM 401  N NE2  . GLN A 1 25 ? -5.343  4.413   4.506   1.00 2.50  ? 25 GLN A NE2  1 
ATOM 402  H H    . GLN A 1 25 ? -2.082  0.379   1.458   1.00 0.43  ? 25 GLN A H    1 
ATOM 403  H HA   . GLN A 1 25 ? -2.557  0.316   4.388   1.00 0.46  ? 25 GLN A HA   1 
ATOM 404  H HB2  . GLN A 1 25 ? -4.432  1.290   2.233   1.00 0.78  ? 25 GLN A HB2  1 
ATOM 405  H HB3  . GLN A 1 25 ? -5.077  0.570   3.708   1.00 0.67  ? 25 GLN A HB3  1 
ATOM 406  H HG2  . GLN A 1 25 ? -3.904  2.214   5.076   1.00 1.19  ? 25 GLN A HG2  1 
ATOM 407  H HG3  . GLN A 1 25 ? -3.129  2.893   3.644   1.00 1.38  ? 25 GLN A HG3  1 
ATOM 408  H HE21 . GLN A 1 25 ? -4.663  4.638   5.174   1.00 2.62  ? 25 GLN A HE21 1 
ATOM 409  H HE22 . GLN A 1 25 ? -6.113  5.005   4.370   1.00 3.21  ? 25 GLN A HE22 1 
ATOM 410  N N    . LEU A 1 26 ? -2.566  -2.153  3.647   1.00 0.39  ? 26 LEU A N    1 
ATOM 411  C CA   . LEU A 1 26 ? -2.819  -3.593  3.360   1.00 0.39  ? 26 LEU A CA   1 
ATOM 412  C C    . LEU A 1 26 ? -4.263  -3.970  3.692   1.00 0.43  ? 26 LEU A C    1 
ATOM 413  O O    . LEU A 1 26 ? -4.805  -3.576  4.705   1.00 0.62  ? 26 LEU A O    1 
ATOM 414  C CB   . LEU A 1 26 ? -1.841  -4.357  4.254   1.00 0.44  ? 26 LEU A CB   1 
ATOM 415  C CG   . LEU A 1 26 ? -0.524  -4.570  3.503   1.00 0.40  ? 26 LEU A CG   1 
ATOM 416  C CD1  . LEU A 1 26 ? 0.429   -5.397  4.367   1.00 0.47  ? 26 LEU A CD1  1 
ATOM 417  C CD2  . LEU A 1 26 ? -0.797  -5.312  2.191   1.00 0.41  ? 26 LEU A CD2  1 
ATOM 418  H H    . LEU A 1 26 ? -1.833  -1.894  4.244   1.00 0.45  ? 26 LEU A H    1 
ATOM 419  H HA   . LEU A 1 26 ? -2.610  -3.806  2.325   1.00 0.37  ? 26 LEU A HA   1 
ATOM 420  H HB2  . LEU A 1 26 ? -1.656  -3.787  5.153   1.00 0.48  ? 26 LEU A HB2  1 
ATOM 421  H HB3  . LEU A 1 26 ? -2.264  -5.316  4.513   1.00 0.50  ? 26 LEU A HB3  1 
ATOM 422  H HG   . LEU A 1 26 ? -0.074  -3.611  3.289   1.00 0.38  ? 26 LEU A HG   1 
ATOM 423  H HD11 . LEU A 1 26 ? 1.074   -5.985  3.729   1.00 1.09  ? 26 LEU A HD11 1 
ATOM 424  H HD12 . LEU A 1 26 ? -0.142  -6.055  5.006   1.00 1.03  ? 26 LEU A HD12 1 
ATOM 425  H HD13 . LEU A 1 26 ? 1.029   -4.737  4.975   1.00 1.08  ? 26 LEU A HD13 1 
ATOM 426  H HD21 . LEU A 1 26 ? -1.532  -6.085  2.362   1.00 0.98  ? 26 LEU A HD21 1 
ATOM 427  H HD22 . LEU A 1 26 ? 0.118   -5.758  1.832   1.00 1.10  ? 26 LEU A HD22 1 
ATOM 428  H HD23 . LEU A 1 26 ? -1.171  -4.615  1.457   1.00 1.05  ? 26 LEU A HD23 1 
ATOM 429  N N    . SER A 1 27 ? -4.884  -4.737  2.839   1.00 0.41  ? 27 SER A N    1 
ATOM 430  C CA   . SER A 1 27 ? -6.290  -5.155  3.087   1.00 0.46  ? 27 SER A CA   1 
ATOM 431  C C    . SER A 1 27 ? -6.452  -6.652  2.810   1.00 0.59  ? 27 SER A C    1 
ATOM 432  O O    . SER A 1 27 ? -7.049  -7.051  1.830   1.00 1.36  ? 27 SER A O    1 
ATOM 433  C CB   . SER A 1 27 ? -7.124  -4.334  2.104   1.00 0.48  ? 27 SER A CB   1 
ATOM 434  O OG   . SER A 1 27 ? -8.238  -3.775  2.787   1.00 1.32  ? 27 SER A OG   1 
ATOM 435  H H    . SER A 1 27 ? -4.422  -5.040  2.033   1.00 0.50  ? 27 SER A H    1 
ATOM 436  H HA   . SER A 1 27 ? -6.575  -4.924  4.097   1.00 0.48  ? 27 SER A HA   1 
ATOM 437  H HB2  . SER A 1 27 ? -6.523  -3.539  1.696   1.00 0.95  ? 27 SER A HB2  1 
ATOM 438  H HB3  . SER A 1 27 ? -7.465  -4.974  1.302   1.00 0.92  ? 27 SER A HB3  1 
ATOM 439  H HG   . SER A 1 27 ? -8.824  -4.493  3.037   1.00 1.66  ? 27 SER A HG   1 
ATOM 440  N N    . SER A 1 28 ? -5.922  -7.484  3.664   1.00 0.79  ? 28 SER A N    1 
ATOM 441  C CA   . SER A 1 28 ? -6.043  -8.954  3.447   1.00 0.87  ? 28 SER A CA   1 
ATOM 442  C C    . SER A 1 28 ? -7.364  -9.471  4.023   1.00 1.24  ? 28 SER A C    1 
ATOM 443  O O    . SER A 1 28 ? -7.500  -9.663  5.214   1.00 2.14  ? 28 SER A O    1 
ATOM 444  C CB   . SER A 1 28 ? -4.859  -9.564  4.194   1.00 1.41  ? 28 SER A CB   1 
ATOM 445  O OG   . SER A 1 28 ? -3.648  -9.116  3.599   1.00 2.28  ? 28 SER A OG   1 
ATOM 446  H H    . SER A 1 28 ? -5.442  -7.142  4.448   1.00 1.39  ? 28 SER A H    1 
ATOM 447  H HA   . SER A 1 28 ? -5.974  -9.187  2.396   1.00 0.94  ? 28 SER A HA   1 
ATOM 448  H HB2  . SER A 1 28 ? -4.883  -9.255  5.226   1.00 1.84  ? 28 SER A HB2  1 
ATOM 449  H HB3  . SER A 1 28 ? -4.919  -10.643 4.143   1.00 1.77  ? 28 SER A HB3  1 
ATOM 450  H HG   . SER A 1 28 ? -3.003  -9.824  3.668   1.00 2.65  ? 28 SER A HG   1 
ATOM 451  N N    . ARG A 1 29 ? -8.339  -9.700  3.184   1.00 1.24  ? 29 ARG A N    1 
ATOM 452  C CA   . ARG A 1 29 ? -9.649  -10.206 3.683   1.00 1.79  ? 29 ARG A CA   1 
ATOM 453  C C    . ARG A 1 29 ? -10.072 -11.443 2.886   1.00 1.28  ? 29 ARG A C    1 
ATOM 454  O O    . ARG A 1 29 ? -9.719  -11.603 1.735   1.00 1.52  ? 29 ARG A O    1 
ATOM 455  C CB   . ARG A 1 29 ? -10.629 -9.056  3.454   1.00 2.82  ? 29 ARG A CB   1 
ATOM 456  C CG   . ARG A 1 29 ? -11.966 -9.387  4.119   1.00 3.78  ? 29 ARG A CG   1 
ATOM 457  C CD   . ARG A 1 29 ? -12.036 -8.712  5.491   1.00 4.78  ? 29 ARG A CD   1 
ATOM 458  N NE   . ARG A 1 29 ? -10.832 -9.199  6.220   1.00 5.70  ? 29 ARG A NE   1 
ATOM 459  C CZ   . ARG A 1 29 ? -10.963 -10.049 7.202   1.00 6.59  ? 29 ARG A CZ   1 
ATOM 460  N NH1  . ARG A 1 29 ? -11.385 -9.640  8.367   1.00 7.15  ? 29 ARG A NH1  1 
ATOM 461  N NH2  . ARG A 1 29 ? -10.672 -11.307 7.019   1.00 7.14  ? 29 ARG A NH2  1 
ATOM 462  H H    . ARG A 1 29 ? -8.209  -9.540  2.227   1.00 1.47  ? 29 ARG A H    1 
ATOM 463  H HA   . ARG A 1 29 ? -9.589  -10.436 4.735   1.00 2.49  ? 29 ARG A HA   1 
ATOM 464  H HB2  . ARG A 1 29 ? -10.228 -8.149  3.882   1.00 3.25  ? 29 ARG A HB2  1 
ATOM 465  H HB3  . ARG A 1 29 ? -10.782 -8.917  2.394   1.00 2.99  ? 29 ARG A HB3  1 
ATOM 466  H HG2  . ARG A 1 29 ? -12.775 -9.028  3.498   1.00 3.85  ? 29 ARG A HG2  1 
ATOM 467  H HG3  . ARG A 1 29 ? -12.053 -10.456 4.241   1.00 4.14  ? 29 ARG A HG3  1 
ATOM 468  H HD2  . ARG A 1 29 ? -12.004 -7.636  5.381   1.00 5.07  ? 29 ARG A HD2  1 
ATOM 469  H HD3  . ARG A 1 29 ? -12.931 -9.012  6.013   1.00 4.93  ? 29 ARG A HD3  1 
ATOM 470  H HE   . ARG A 1 29 ? -9.942  -8.881  5.962   1.00 5.83  ? 29 ARG A HE   1 
ATOM 471  H HH11 . ARG A 1 29 ? -11.608 -8.675  8.507   1.00 6.93  ? 29 ARG A HH11 1 
ATOM 472  H HH12 . ARG A 1 29 ? -11.485 -10.290 9.120   1.00 7.92  ? 29 ARG A HH12 1 
ATOM 473  H HH21 . ARG A 1 29 ? -10.349 -11.621 6.126   1.00 6.91  ? 29 ARG A HH21 1 
ATOM 474  H HH22 . ARG A 1 29 ? -10.773 -11.958 7.770   1.00 7.91  ? 29 ARG A HH22 1 
ATOM 475  N N    . SER A 1 30 ? -10.827 -12.321 3.490   1.00 1.67  ? 30 SER A N    1 
ATOM 476  C CA   . SER A 1 30 ? -11.270 -13.546 2.765   1.00 2.08  ? 30 SER A CA   1 
ATOM 477  C C    . SER A 1 30 ? -12.582 -13.279 2.022   1.00 1.93  ? 30 SER A C    1 
ATOM 478  O O    . SER A 1 30 ? -12.804 -13.779 0.937   1.00 2.53  ? 30 SER A O    1 
ATOM 479  C CB   . SER A 1 30 ? -11.477 -14.597 3.855   1.00 3.00  ? 30 SER A CB   1 
ATOM 480  O OG   . SER A 1 30 ? -10.221 -15.160 4.209   1.00 3.68  ? 30 SER A OG   1 
ATOM 481  H H    . SER A 1 30 ? -11.101 -12.175 4.420   1.00 2.22  ? 30 SER A H    1 
ATOM 482  H HA   . SER A 1 30 ? -10.506 -13.875 2.078   1.00 2.27  ? 30 SER A HA   1 
ATOM 483  H HB2  . SER A 1 30 ? -11.917 -14.136 4.723   1.00 3.30  ? 30 SER A HB2  1 
ATOM 484  H HB3  . SER A 1 30 ? -12.139 -15.370 3.486   1.00 3.39  ? 30 SER A HB3  1 
ATOM 485  H HG   . SER A 1 30 ? -10.344 -15.684 5.003   1.00 4.08  ? 30 SER A HG   1 
ATOM 486  N N    . THR A 1 31 ? -13.451 -12.494 2.596   1.00 1.52  ? 31 THR A N    1 
ATOM 487  C CA   . THR A 1 31 ? -14.747 -12.196 1.919   1.00 1.52  ? 31 THR A CA   1 
ATOM 488  C C    . THR A 1 31 ? -14.496 -11.664 0.506   1.00 1.34  ? 31 THR A C    1 
ATOM 489  O O    . THR A 1 31 ? -15.353 -11.727 -0.352  1.00 1.57  ? 31 THR A O    1 
ATOM 490  C CB   . THR A 1 31 ? -15.408 -11.123 2.786   1.00 1.80  ? 31 THR A CB   1 
ATOM 491  O OG1  . THR A 1 31 ? -14.624 -9.938  2.751   1.00 2.20  ? 31 THR A OG1  1 
ATOM 492  C CG2  . THR A 1 31 ? -15.518 -11.622 4.228   1.00 2.15  ? 31 THR A CG2  1 
ATOM 493  H H    . THR A 1 31 ? -13.252 -12.100 3.471   1.00 1.61  ? 31 THR A H    1 
ATOM 494  H HA   . THR A 1 31 ? -15.366 -13.077 1.888   1.00 1.68  ? 31 THR A HA   1 
ATOM 495  H HB   . THR A 1 31 ? -16.396 -10.912 2.407   1.00 2.22  ? 31 THR A HB   1 
ATOM 496  H HG1  . THR A 1 31 ? -15.202 -9.205  2.529   1.00 2.64  ? 31 THR A HG1  1 
ATOM 497  H HG21 . THR A 1 31 ? -14.583 -11.449 4.740   1.00 2.39  ? 31 THR A HG21 1 
ATOM 498  H HG22 . THR A 1 31 ? -15.737 -12.680 4.226   1.00 2.56  ? 31 THR A HG22 1 
ATOM 499  H HG23 . THR A 1 31 ? -16.310 -11.091 4.734   1.00 2.63  ? 31 THR A HG23 1 
ATOM 500  N N    . CYS A 1 32 ? -13.327 -11.138 0.259   1.00 1.19  ? 32 CYS A N    1 
ATOM 501  C CA   . CYS A 1 32 ? -13.023 -10.601 -1.098  1.00 1.25  ? 32 CYS A CA   1 
ATOM 502  C C    . CYS A 1 32 ? -12.569 -11.729 -2.027  1.00 1.33  ? 32 CYS A C    1 
ATOM 503  O O    . CYS A 1 32 ? -12.319 -12.838 -1.597  1.00 1.62  ? 32 CYS A O    1 
ATOM 504  C CB   . CYS A 1 32 ? -11.889 -9.599  -0.880  1.00 1.30  ? 32 CYS A CB   1 
ATOM 505  S SG   . CYS A 1 32 ? -12.576 -8.032  -0.290  1.00 1.38  ? 32 CYS A SG   1 
ATOM 506  H H    . CYS A 1 32 ? -12.650 -11.095 0.966   1.00 1.25  ? 32 CYS A H    1 
ATOM 507  H HA   . CYS A 1 32 ? -13.885 -10.098 -1.508  1.00 1.40  ? 32 CYS A HA   1 
ATOM 508  H HB2  . CYS A 1 32 ? -11.200 -9.989  -0.145  1.00 1.31  ? 32 CYS A HB2  1 
ATOM 509  H HB3  . CYS A 1 32 ? -11.368 -9.435  -1.812  1.00 1.65  ? 32 CYS A HB3  1 
ATOM 510  N N    . LEU A 1 33 ? -12.460 -11.456 -3.299  1.00 1.43  ? 33 LEU A N    1 
ATOM 511  C CA   . LEU A 1 33 ? -12.024 -12.510 -4.255  1.00 1.64  ? 33 LEU A CA   1 
ATOM 512  C C    . LEU A 1 33 ? -10.501 -12.494 -4.405  1.00 1.32  ? 33 LEU A C    1 
ATOM 513  O O    . LEU A 1 33 ? -9.884  -13.502 -4.686  1.00 1.83  ? 33 LEU A O    1 
ATOM 514  C CB   . LEU A 1 33 ? -12.698 -12.147 -5.580  1.00 2.14  ? 33 LEU A CB   1 
ATOM 515  C CG   . LEU A 1 33 ? -13.692 -13.243 -5.964  1.00 2.70  ? 33 LEU A CG   1 
ATOM 516  C CD1  . LEU A 1 33 ? -15.116 -12.766 -5.674  1.00 3.40  ? 33 LEU A CD1  1 
ATOM 517  C CD2  . LEU A 1 33 ? -13.553 -13.555 -7.456  1.00 3.25  ? 33 LEU A CD2  1 
ATOM 518  H H    . LEU A 1 33 ? -12.667 -10.557 -3.625  1.00 1.59  ? 33 LEU A H    1 
ATOM 519  H HA   . LEU A 1 33 ? -12.360 -13.477 -3.925  1.00 1.84  ? 33 LEU A HA   1 
ATOM 520  H HB2  . LEU A 1 33 ? -13.220 -11.208 -5.472  1.00 2.45  ? 33 LEU A HB2  1 
ATOM 521  H HB3  . LEU A 1 33 ? -11.948 -12.057 -6.351  1.00 2.30  ? 33 LEU A HB3  1 
ATOM 522  H HG   . LEU A 1 33 ? -13.488 -14.134 -5.387  1.00 2.93  ? 33 LEU A HG   1 
ATOM 523  H HD11 . LEU A 1 33 ? -15.105 -11.707 -5.462  1.00 3.66  ? 33 LEU A HD11 1 
ATOM 524  H HD12 . LEU A 1 33 ? -15.510 -13.300 -4.823  1.00 3.84  ? 33 LEU A HD12 1 
ATOM 525  H HD13 . LEU A 1 33 ? -15.740 -12.953 -6.536  1.00 3.76  ? 33 LEU A HD13 1 
ATOM 526  H HD21 . LEU A 1 33 ? -12.795 -14.312 -7.596  1.00 3.51  ? 33 LEU A HD21 1 
ATOM 527  H HD22 . LEU A 1 33 ? -13.270 -12.658 -7.986  1.00 3.65  ? 33 LEU A HD22 1 
ATOM 528  H HD23 . LEU A 1 33 ? -14.497 -13.916 -7.838  1.00 3.59  ? 33 LEU A HD23 1 
ATOM 529  N N    . LYS A 1 34 ? -9.891  -11.355 -4.221  1.00 0.94  ? 34 LYS A N    1 
ATOM 530  C CA   . LYS A 1 34 ? -8.408  -11.274 -4.353  1.00 0.96  ? 34 LYS A CA   1 
ATOM 531  C C    . LYS A 1 34 ? -7.813  -10.485 -3.185  1.00 0.79  ? 34 LYS A C    1 
ATOM 532  O O    . LYS A 1 34 ? -8.524  -9.915  -2.380  1.00 1.07  ? 34 LYS A O    1 
ATOM 533  C CB   . LYS A 1 34 ? -8.169  -10.539 -5.672  1.00 1.36  ? 34 LYS A CB   1 
ATOM 534  C CG   . LYS A 1 34 ? -7.609  -11.515 -6.708  1.00 2.12  ? 34 LYS A CG   1 
ATOM 535  C CD   . LYS A 1 34 ? -7.227  -10.751 -7.977  1.00 2.68  ? 34 LYS A CD   1 
ATOM 536  C CE   . LYS A 1 34 ? -7.316  -11.688 -9.184  1.00 3.24  ? 34 LYS A CE   1 
ATOM 537  N NZ   . LYS A 1 34 ? -8.676  -11.461 -9.747  1.00 3.67  ? 34 LYS A NZ   1 
ATOM 538  H H    . LYS A 1 34 ? -10.408 -10.554 -3.994  1.00 1.19  ? 34 LYS A H    1 
ATOM 539  H HA   . LYS A 1 34 ? -7.978  -12.262 -4.400  1.00 1.10  ? 34 LYS A HA   1 
ATOM 540  H HB2  . LYS A 1 34 ? -9.103  -10.129 -6.031  1.00 1.74  ? 34 LYS A HB2  1 
ATOM 541  H HB3  . LYS A 1 34 ? -7.462  -9.738  -5.517  1.00 1.49  ? 34 LYS A HB3  1 
ATOM 542  H HG2  . LYS A 1 34 ? -6.734  -12.005 -6.304  1.00 2.48  ? 34 LYS A HG2  1 
ATOM 543  H HG3  . LYS A 1 34 ? -8.358  -12.255 -6.948  1.00 2.61  ? 34 LYS A HG3  1 
ATOM 544  H HD2  . LYS A 1 34 ? -7.905  -9.921  -8.114  1.00 3.06  ? 34 LYS A HD2  1 
ATOM 545  H HD3  . LYS A 1 34 ? -6.217  -10.382 -7.885  1.00 3.00  ? 34 LYS A HD3  1 
ATOM 546  H HE2  . LYS A 1 34 ? -6.557  -11.435 -9.912  1.00 3.53  ? 34 LYS A HE2  1 
ATOM 547  H HE3  . LYS A 1 34 ? -7.212  -12.716 -8.872  1.00 3.59  ? 34 LYS A HE3  1 
ATOM 548  H HZ1  . LYS A 1 34 ? -9.378  -11.492 -8.982  1.00 4.07  ? 34 LYS A HZ1  1 
ATOM 549  H HZ2  . LYS A 1 34 ? -8.889  -12.203 -10.445 1.00 4.01  ? 34 LYS A HZ2  1 
ATOM 550  H HZ3  . LYS A 1 34 ? -8.709  -10.530 -10.208 1.00 3.72  ? 34 LYS A HZ3  1 
ATOM 551  N N    . ALA A 1 35 ? -6.512  -10.448 -3.083  1.00 0.65  ? 35 ALA A N    1 
ATOM 552  C CA   . ALA A 1 35 ? -5.872  -9.696  -1.966  1.00 0.56  ? 35 ALA A CA   1 
ATOM 553  C C    . ALA A 1 35 ? -4.752  -8.802  -2.505  1.00 0.55  ? 35 ALA A C    1 
ATOM 554  O O    . ALA A 1 35 ? -3.888  -9.245  -3.236  1.00 0.92  ? 35 ALA A O    1 
ATOM 555  C CB   . ALA A 1 35 ? -5.299  -10.771 -1.042  1.00 0.68  ? 35 ALA A CB   1 
ATOM 556  H H    . ALA A 1 35 ? -5.957  -10.915 -3.742  1.00 0.87  ? 35 ALA A H    1 
ATOM 557  H HA   . ALA A 1 35 ? -6.604  -9.107  -1.438  1.00 0.58  ? 35 ALA A HA   1 
ATOM 558  H HB1  . ALA A 1 35 ? -4.311  -10.478 -0.720  1.00 1.29  ? 35 ALA A HB1  1 
ATOM 559  H HB2  . ALA A 1 35 ? -5.243  -11.709 -1.573  1.00 1.23  ? 35 ALA A HB2  1 
ATOM 560  H HB3  . ALA A 1 35 ? -5.940  -10.883 -0.180  1.00 1.14  ? 35 ALA A HB3  1 
ATOM 561  N N    . GLY A 1 36 ? -4.759  -7.546  -2.149  1.00 0.41  ? 36 GLY A N    1 
ATOM 562  C CA   . GLY A 1 36 ? -3.692  -6.627  -2.639  1.00 0.45  ? 36 GLY A CA   1 
ATOM 563  C C    . GLY A 1 36 ? -3.509  -5.484  -1.641  1.00 0.40  ? 36 GLY A C    1 
ATOM 564  O O    . GLY A 1 36 ? -4.202  -5.403  -0.647  1.00 0.44  ? 36 GLY A O    1 
ATOM 565  H H    . GLY A 1 36 ? -5.463  -7.207  -1.557  1.00 0.60  ? 36 GLY A H    1 
ATOM 566  H HA2  . GLY A 1 36 ? -2.766  -7.175  -2.737  1.00 0.50  ? 36 GLY A HA2  1 
ATOM 567  H HA3  . GLY A 1 36 ? -3.977  -6.223  -3.599  1.00 0.50  ? 36 GLY A HA3  1 
ATOM 568  N N    . VAL A 1 37 ? -2.587  -4.595  -1.895  1.00 0.33  ? 37 VAL A N    1 
ATOM 569  C CA   . VAL A 1 37 ? -2.377  -3.463  -0.951  1.00 0.30  ? 37 VAL A CA   1 
ATOM 570  C C    . VAL A 1 37 ? -3.005  -2.193  -1.528  1.00 0.28  ? 37 VAL A C    1 
ATOM 571  O O    . VAL A 1 37 ? -3.205  -2.082  -2.719  1.00 0.31  ? 37 VAL A O    1 
ATOM 572  C CB   . VAL A 1 37 ? -0.858  -3.306  -0.843  1.00 0.29  ? 37 VAL A CB   1 
ATOM 573  C CG1  . VAL A 1 37 ? -0.521  -2.462  0.386   1.00 0.29  ? 37 VAL A CG1  1 
ATOM 574  C CG2  . VAL A 1 37 ? -0.204  -4.684  -0.705  1.00 0.34  ? 37 VAL A CG2  1 
ATOM 575  H H    . VAL A 1 37 ? -2.034  -4.669  -2.705  1.00 0.32  ? 37 VAL A H    1 
ATOM 576  H HA   . VAL A 1 37 ? -2.796  -3.691  0.017   1.00 0.31  ? 37 VAL A HA   1 
ATOM 577  H HB   . VAL A 1 37 ? -0.486  -2.817  -1.730  1.00 0.28  ? 37 VAL A HB   1 
ATOM 578  H HG11 . VAL A 1 37 ? 0.127   -1.648  0.097   1.00 1.04  ? 37 VAL A HG11 1 
ATOM 579  H HG12 . VAL A 1 37 ? -0.021  -3.078  1.119   1.00 1.06  ? 37 VAL A HG12 1 
ATOM 580  H HG13 . VAL A 1 37 ? -1.431  -2.064  0.810   1.00 1.07  ? 37 VAL A HG13 1 
ATOM 581  H HG21 . VAL A 1 37 ? 0.240   -4.967  -1.647  1.00 1.11  ? 37 VAL A HG21 1 
ATOM 582  H HG22 . VAL A 1 37 ? -0.952  -5.411  -0.426  1.00 1.10  ? 37 VAL A HG22 1 
ATOM 583  H HG23 . VAL A 1 37 ? 0.561   -4.645  0.057   1.00 0.97  ? 37 VAL A HG23 1 
ATOM 584  N N    . ILE A 1 38 ? -3.320  -1.234  -0.702  1.00 0.27  ? 38 ILE A N    1 
ATOM 585  C CA   . ILE A 1 38 ? -3.931  0.020   -1.230  1.00 0.27  ? 38 ILE A CA   1 
ATOM 586  C C    . ILE A 1 38 ? -2.973  1.197   -1.032  1.00 0.23  ? 38 ILE A C    1 
ATOM 587  O O    . ILE A 1 38 ? -2.620  1.540   0.077   1.00 0.25  ? 38 ILE A O    1 
ATOM 588  C CB   . ILE A 1 38 ? -5.211  0.219   -0.416  1.00 0.32  ? 38 ILE A CB   1 
ATOM 589  C CG1  . ILE A 1 38 ? -6.263  -0.798  -0.865  1.00 0.39  ? 38 ILE A CG1  1 
ATOM 590  C CG2  . ILE A 1 38 ? -5.747  1.634   -0.645  1.00 0.32  ? 38 ILE A CG2  1 
ATOM 591  C CD1  . ILE A 1 38 ? -5.910  -2.181  -0.314  1.00 0.49  ? 38 ILE A CD1  1 
ATOM 592  H H    . ILE A 1 38 ? -3.154  -1.337  0.260   1.00 0.30  ? 38 ILE A H    1 
ATOM 593  H HA   . ILE A 1 38 ? -4.175  -0.094  -2.274  1.00 0.28  ? 38 ILE A HA   1 
ATOM 594  H HB   . ILE A 1 38 ? -4.996  0.080   0.634   1.00 0.33  ? 38 ILE A HB   1 
ATOM 595  H HG12 . ILE A 1 38 ? -7.233  -0.499  -0.494  1.00 0.38  ? 38 ILE A HG12 1 
ATOM 596  H HG13 . ILE A 1 38 ? -6.288  -0.838  -1.944  1.00 0.48  ? 38 ILE A HG13 1 
ATOM 597  H HG21 . ILE A 1 38 ? -6.793  1.670   -0.384  1.00 1.09  ? 38 ILE A HG21 1 
ATOM 598  H HG22 . ILE A 1 38 ? -5.625  1.900   -1.684  1.00 0.97  ? 38 ILE A HG22 1 
ATOM 599  H HG23 . ILE A 1 38 ? -5.197  2.330   -0.030  1.00 1.01  ? 38 ILE A HG23 1 
ATOM 600  H HD11 . ILE A 1 38 ? -5.413  -2.757  -1.081  1.00 1.13  ? 38 ILE A HD11 1 
ATOM 601  H HD12 . ILE A 1 38 ? -6.814  -2.690  -0.012  1.00 1.24  ? 38 ILE A HD12 1 
ATOM 602  H HD13 . ILE A 1 38 ? -5.257  -2.073  0.537   1.00 1.05  ? 38 ILE A HD13 1 
ATOM 603  N N    . PHE A 1 39 ? -2.552  1.823   -2.099  1.00 0.22  ? 39 PHE A N    1 
ATOM 604  C CA   . PHE A 1 39 ? -1.618  2.976   -1.959  1.00 0.19  ? 39 PHE A CA   1 
ATOM 605  C C    . PHE A 1 39 ? -2.358  4.292   -2.191  1.00 0.21  ? 39 PHE A C    1 
ATOM 606  O O    . PHE A 1 39 ? -3.451  4.320   -2.720  1.00 0.33  ? 39 PHE A O    1 
ATOM 607  C CB   . PHE A 1 39 ? -0.551  2.768   -3.034  1.00 0.18  ? 39 PHE A CB   1 
ATOM 608  C CG   . PHE A 1 39 ? 0.451   1.753   -2.550  1.00 0.18  ? 39 PHE A CG   1 
ATOM 609  C CD1  . PHE A 1 39 ? 0.134   0.390   -2.576  1.00 0.30  ? 39 PHE A CD1  1 
ATOM 610  C CD2  . PHE A 1 39 ? 1.696   2.174   -2.070  1.00 0.16  ? 39 PHE A CD2  1 
ATOM 611  C CE1  . PHE A 1 39 ? 1.064   -0.551  -2.123  1.00 0.35  ? 39 PHE A CE1  1 
ATOM 612  C CE2  . PHE A 1 39 ? 2.624   1.231   -1.616  1.00 0.19  ? 39 PHE A CE2  1 
ATOM 613  C CZ   . PHE A 1 39 ? 2.309   -0.131  -1.643  1.00 0.29  ? 39 PHE A CZ   1 
ATOM 614  H H    . PHE A 1 39 ? -2.848  1.535   -2.988  1.00 0.26  ? 39 PHE A H    1 
ATOM 615  H HA   . PHE A 1 39 ? -1.160  2.970   -0.985  1.00 0.19  ? 39 PHE A HA   1 
ATOM 616  H HB2  . PHE A 1 39 ? -1.015  2.416   -3.942  1.00 0.20  ? 39 PHE A HB2  1 
ATOM 617  H HB3  . PHE A 1 39 ? -0.048  3.704   -3.227  1.00 0.18  ? 39 PHE A HB3  1 
ATOM 618  H HD1  . PHE A 1 39 ? -0.827  0.066   -2.947  1.00 0.37  ? 39 PHE A HD1  1 
ATOM 619  H HD2  . PHE A 1 39 ? 1.940   3.225   -2.050  1.00 0.20  ? 39 PHE A HD2  1 
ATOM 620  H HE1  . PHE A 1 39 ? 0.821   -1.603  -2.145  1.00 0.47  ? 39 PHE A HE1  1 
ATOM 621  H HE2  . PHE A 1 39 ? 3.585   1.555   -1.246  1.00 0.21  ? 39 PHE A HE2  1 
ATOM 622  H HZ   . PHE A 1 39 ? 3.024   -0.859  -1.291  1.00 0.34  ? 39 PHE A HZ   1 
ATOM 623  N N    . THR A 1 40 ? -1.766  5.384   -1.800  1.00 0.20  ? 40 THR A N    1 
ATOM 624  C CA   . THR A 1 40 ? -2.424  6.701   -1.996  1.00 0.24  ? 40 THR A CA   1 
ATOM 625  C C    . THR A 1 40 ? -1.385  7.746   -2.408  1.00 0.22  ? 40 THR A C    1 
ATOM 626  O O    . THR A 1 40 ? -0.251  7.713   -1.977  1.00 0.21  ? 40 THR A O    1 
ATOM 627  C CB   . THR A 1 40 ? -3.031  7.049   -0.635  1.00 0.28  ? 40 THR A CB   1 
ATOM 628  O OG1  . THR A 1 40 ? -4.205  6.275   -0.431  1.00 0.32  ? 40 THR A OG1  1 
ATOM 629  C CG2  . THR A 1 40 ? -3.386  8.539   -0.589  1.00 0.33  ? 40 THR A CG2  1 
ATOM 630  H H    . THR A 1 40 ? -0.885  5.339   -1.380  1.00 0.27  ? 40 THR A H    1 
ATOM 631  H HA   . THR A 1 40 ? -3.197  6.625   -2.738  1.00 0.27  ? 40 THR A HA   1 
ATOM 632  H HB   . THR A 1 40 ? -2.317  6.830   0.144   1.00 0.28  ? 40 THR A HB   1 
ATOM 633  H HG1  . THR A 1 40 ? -4.139  5.857   0.430   1.00 0.86  ? 40 THR A HG1  1 
ATOM 634  H HG21 . THR A 1 40 ? -4.403  8.657   -0.247  1.00 1.01  ? 40 THR A HG21 1 
ATOM 635  H HG22 . THR A 1 40 ? -3.286  8.963   -1.577  1.00 0.97  ? 40 THR A HG22 1 
ATOM 636  H HG23 . THR A 1 40 ? -2.717  9.046   0.090   1.00 1.05  ? 40 THR A HG23 1 
ATOM 637  N N    . THR A 1 41 ? -1.769  8.673   -3.237  1.00 0.24  ? 41 THR A N    1 
ATOM 638  C CA   . THR A 1 41 ? -0.807  9.723   -3.674  1.00 0.24  ? 41 THR A CA   1 
ATOM 639  C C    . THR A 1 41 ? -0.844  10.907  -2.703  1.00 0.27  ? 41 THR A C    1 
ATOM 640  O O    . THR A 1 41 ? -1.752  11.042  -1.908  1.00 0.39  ? 41 THR A O    1 
ATOM 641  C CB   . THR A 1 41 ? -1.285  10.155  -5.060  1.00 0.28  ? 41 THR A CB   1 
ATOM 642  O OG1  . THR A 1 41 ? -2.012  9.094   -5.665  1.00 0.35  ? 41 THR A OG1  1 
ATOM 643  C CG2  . THR A 1 41 ? -0.079  10.509  -5.930  1.00 0.31  ? 41 THR A CG2  1 
ATOM 644  H H    . THR A 1 41 ? -2.687  8.679   -3.575  1.00 0.27  ? 41 THR A H    1 
ATOM 645  H HA   . THR A 1 41 ? 0.186   9.316   -3.734  1.00 0.22  ? 41 THR A HA   1 
ATOM 646  H HB   . THR A 1 41 ? -1.921  11.021  -4.966  1.00 0.31  ? 41 THR A HB   1 
ATOM 647  H HG1  . THR A 1 41 ? -1.469  8.303   -5.630  1.00 0.91  ? 41 THR A HG1  1 
ATOM 648  H HG21 . THR A 1 41 ? 0.053   11.581  -5.944  1.00 0.98  ? 41 THR A HG21 1 
ATOM 649  H HG22 . THR A 1 41 ? -0.244  10.153  -6.937  1.00 1.05  ? 41 THR A HG22 1 
ATOM 650  H HG23 . THR A 1 41 ? 0.806   10.042  -5.525  1.00 1.14  ? 41 THR A HG23 1 
ATOM 651  N N    . LYS A 1 42 ? 0.137   11.765  -2.764  1.00 0.30  ? 42 LYS A N    1 
ATOM 652  C CA   . LYS A 1 42 ? 0.155   12.941  -1.845  1.00 0.34  ? 42 LYS A CA   1 
ATOM 653  C C    . LYS A 1 42 ? -0.918  13.951  -2.260  1.00 0.39  ? 42 LYS A C    1 
ATOM 654  O O    . LYS A 1 42 ? -1.355  14.766  -1.473  1.00 0.46  ? 42 LYS A O    1 
ATOM 655  C CB   . LYS A 1 42 ? 1.551   13.544  -2.003  1.00 0.39  ? 42 LYS A CB   1 
ATOM 656  C CG   . LYS A 1 42 ? 1.786   13.912  -3.470  1.00 1.28  ? 42 LYS A CG   1 
ATOM 657  C CD   . LYS A 1 42 ? 1.969   15.426  -3.593  1.00 1.45  ? 42 LYS A CD   1 
ATOM 658  C CE   . LYS A 1 42 ? 3.080   15.725  -4.601  1.00 2.42  ? 42 LYS A CE   1 
ATOM 659  N NZ   . LYS A 1 42 ? 3.574   17.082  -4.238  1.00 2.66  ? 42 LYS A NZ   1 
ATOM 660  H H    . LYS A 1 42 ? 0.859   11.640  -3.414  1.00 0.37  ? 42 LYS A H    1 
ATOM 661  H HA   . LYS A 1 42 ? 0.003   12.624  -0.826  1.00 0.34  ? 42 LYS A HA   1 
ATOM 662  H HB2  . LYS A 1 42 ? 1.631   14.432  -1.391  1.00 1.12  ? 42 LYS A HB2  1 
ATOM 663  H HB3  . LYS A 1 42 ? 2.293   12.824  -1.692  1.00 1.19  ? 42 LYS A HB3  1 
ATOM 664  H HG2  . LYS A 1 42 ? 2.671   13.410  -3.829  1.00 1.94  ? 42 LYS A HG2  1 
ATOM 665  H HG3  . LYS A 1 42 ? 0.934   13.606  -4.058  1.00 1.92  ? 42 LYS A HG3  1 
ATOM 666  H HD2  . LYS A 1 42 ? 1.046   15.875  -3.929  1.00 1.32  ? 42 LYS A HD2  1 
ATOM 667  H HD3  . LYS A 1 42 ? 2.240   15.835  -2.631  1.00 1.95  ? 42 LYS A HD3  1 
ATOM 668  H HE2  . LYS A 1 42 ? 3.874   14.996  -4.512  1.00 3.01  ? 42 LYS A HE2  1 
ATOM 669  H HE3  . LYS A 1 42 ? 2.685   15.732  -5.606  1.00 2.91  ? 42 LYS A HE3  1 
ATOM 670  H HZ1  . LYS A 1 42 ? 2.765   17.717  -4.083  1.00 3.04  ? 42 LYS A HZ1  1 
ATOM 671  H HZ2  . LYS A 1 42 ? 4.166   17.455  -5.009  1.00 2.88  ? 42 LYS A HZ2  1 
ATOM 672  H HZ3  . LYS A 1 42 ? 4.138   17.025  -3.366  1.00 2.87  ? 42 LYS A HZ3  1 
ATOM 673  N N    . LYS A 1 43 ? -1.344  13.903  -3.493  1.00 0.42  ? 43 LYS A N    1 
ATOM 674  C CA   . LYS A 1 43 ? -2.389  14.860  -3.958  1.00 0.50  ? 43 LYS A CA   1 
ATOM 675  C C    . LYS A 1 43 ? -3.743  14.510  -3.334  1.00 0.51  ? 43 LYS A C    1 
ATOM 676  O O    . LYS A 1 43 ? -4.641  15.327  -3.277  1.00 0.75  ? 43 LYS A O    1 
ATOM 677  C CB   . LYS A 1 43 ? -2.438  14.686  -5.477  1.00 0.55  ? 43 LYS A CB   1 
ATOM 678  C CG   . LYS A 1 43 ? -2.472  16.060  -6.148  1.00 0.89  ? 43 LYS A CG   1 
ATOM 679  C CD   . LYS A 1 43 ? -3.073  15.928  -7.549  1.00 1.25  ? 43 LYS A CD   1 
ATOM 680  C CE   . LYS A 1 43 ? -2.571  17.075  -8.430  1.00 1.72  ? 43 LYS A CE   1 
ATOM 681  N NZ   . LYS A 1 43 ? -3.486  17.084  -9.606  1.00 2.35  ? 43 LYS A NZ   1 
ATOM 682  H H    . LYS A 1 43 ? -0.979  13.239  -4.113  1.00 0.43  ? 43 LYS A H    1 
ATOM 683  H HA   . LYS A 1 43 ? -2.110  15.873  -3.712  1.00 0.56  ? 43 LYS A HA   1 
ATOM 684  H HB2  . LYS A 1 43 ? -1.561  14.145  -5.805  1.00 0.84  ? 43 LYS A HB2  1 
ATOM 685  H HB3  . LYS A 1 43 ? -3.324  14.133  -5.747  1.00 0.81  ? 43 LYS A HB3  1 
ATOM 686  H HG2  . LYS A 1 43 ? -3.077  16.733  -5.558  1.00 1.56  ? 43 LYS A HG2  1 
ATOM 687  H HG3  . LYS A 1 43 ? -1.468  16.449  -6.225  1.00 1.45  ? 43 LYS A HG3  1 
ATOM 688  H HD2  . LYS A 1 43 ? -2.776  14.984  -7.982  1.00 1.73  ? 43 LYS A HD2  1 
ATOM 689  H HD3  . LYS A 1 43 ? -4.150  15.972  -7.485  1.00 1.69  ? 43 LYS A HD3  1 
ATOM 690  H HE2  . LYS A 1 43 ? -2.632  18.012  -7.895  1.00 2.03  ? 43 LYS A HE2  1 
ATOM 691  H HE3  . LYS A 1 43 ? -1.558  16.887  -8.752  1.00 2.19  ? 43 LYS A HE3  1 
ATOM 692  H HZ1  . LYS A 1 43 ? -3.586  16.118  -9.976  1.00 2.70  ? 43 LYS A HZ1  1 
ATOM 693  H HZ2  . LYS A 1 43 ? -3.092  17.702  -10.346 1.00 2.80  ? 43 LYS A HZ2  1 
ATOM 694  H HZ3  . LYS A 1 43 ? -4.419  17.441  -9.317  1.00 2.68  ? 43 LYS A HZ3  1 
ATOM 695  N N    . GLY A 1 44 ? -3.896  13.302  -2.864  1.00 0.46  ? 44 GLY A N    1 
ATOM 696  C CA   . GLY A 1 44 ? -5.189  12.902  -2.246  1.00 0.50  ? 44 GLY A CA   1 
ATOM 697  C C    . GLY A 1 44 ? -5.831  11.788  -3.074  1.00 0.50  ? 44 GLY A C    1 
ATOM 698  O O    . GLY A 1 44 ? -7.038  11.651  -3.118  1.00 0.69  ? 44 GLY A O    1 
ATOM 699  H H    . GLY A 1 44 ? -3.164  12.660  -2.919  1.00 0.60  ? 44 GLY A H    1 
ATOM 700  H HA2  . GLY A 1 44 ? -5.012  12.550  -1.239  1.00 0.50  ? 44 GLY A HA2  1 
ATOM 701  H HA3  . GLY A 1 44 ? -5.848  13.751  -2.220  1.00 0.57  ? 44 GLY A HA3  1 
ATOM 702  N N    . GLN A 1 45 ? -5.035  10.989  -3.732  1.00 0.38  ? 45 GLN A N    1 
ATOM 703  C CA   . GLN A 1 45 ? -5.603  9.883   -4.556  1.00 0.39  ? 45 GLN A CA   1 
ATOM 704  C C    . GLN A 1 45 ? -5.538  8.562   -3.786  1.00 0.35  ? 45 GLN A C    1 
ATOM 705  O O    . GLN A 1 45 ? -5.102  8.515   -2.653  1.00 0.40  ? 45 GLN A O    1 
ATOM 706  C CB   . GLN A 1 45 ? -4.718  9.823   -5.801  1.00 0.41  ? 45 GLN A CB   1 
ATOM 707  C CG   . GLN A 1 45 ? -5.585  9.977   -7.052  1.00 0.71  ? 45 GLN A CG   1 
ATOM 708  C CD   . GLN A 1 45 ? -4.807  9.491   -8.276  1.00 1.21  ? 45 GLN A CD   1 
ATOM 709  O OE1  . GLN A 1 45 ? -3.594  9.435   -8.256  1.00 1.87  ? 45 GLN A OE1  1 
ATOM 710  N NE2  . GLN A 1 45 ? -5.459  9.134   -9.349  1.00 1.70  ? 45 GLN A NE2  1 
ATOM 711  H H    . GLN A 1 45 ? -4.064  11.116  -3.683  1.00 0.42  ? 45 GLN A H    1 
ATOM 712  H HA   . GLN A 1 45 ? -6.620  10.107  -4.837  1.00 0.44  ? 45 GLN A HA   1 
ATOM 713  H HB2  . GLN A 1 45 ? -3.991  10.622  -5.766  1.00 0.53  ? 45 GLN A HB2  1 
ATOM 714  H HB3  . GLN A 1 45 ? -4.206  8.873   -5.834  1.00 0.42  ? 45 GLN A HB3  1 
ATOM 715  H HG2  . GLN A 1 45 ? -6.485  9.389   -6.939  1.00 1.00  ? 45 GLN A HG2  1 
ATOM 716  H HG3  . GLN A 1 45 ? -5.846  11.016  -7.184  1.00 1.20  ? 45 GLN A HG3  1 
ATOM 717  H HE21 . GLN A 1 45 ? -6.438  9.179   -9.365  1.00 1.97  ? 45 GLN A HE21 1 
ATOM 718  H HE22 . GLN A 1 45 ? -4.970  8.821   -10.139 1.00 2.18  ? 45 GLN A HE22 1 
ATOM 719  N N    . GLN A 1 46 ? -5.968  7.489   -4.389  1.00 0.33  ? 46 GLN A N    1 
ATOM 720  C CA   . GLN A 1 46 ? -5.930  6.174   -3.689  1.00 0.32  ? 46 GLN A CA   1 
ATOM 721  C C    . GLN A 1 46 ? -6.011  5.034   -4.708  1.00 0.36  ? 46 GLN A C    1 
ATOM 722  O O    . GLN A 1 46 ? -7.066  4.728   -5.226  1.00 0.48  ? 46 GLN A O    1 
ATOM 723  C CB   . GLN A 1 46 ? -7.159  6.172   -2.781  1.00 0.45  ? 46 GLN A CB   1 
ATOM 724  C CG   . GLN A 1 46 ? -6.717  6.045   -1.322  1.00 0.97  ? 46 GLN A CG   1 
ATOM 725  C CD   . GLN A 1 46 ? -7.945  5.847   -0.431  1.00 1.41  ? 46 GLN A CD   1 
ATOM 726  O OE1  . GLN A 1 46 ? -8.918  6.564   -0.552  1.00 2.03  ? 46 GLN A OE1  1 
ATOM 727  N NE2  . GLN A 1 46 ? -7.939  4.898   0.464   1.00 1.93  ? 46 GLN A NE2  1 
ATOM 728  H H    . GLN A 1 46 ? -6.316  7.547   -5.303  1.00 0.36  ? 46 GLN A H    1 
ATOM 729  H HA   . GLN A 1 46 ? -5.031  6.090   -3.097  1.00 0.30  ? 46 GLN A HA   1 
ATOM 730  H HB2  . GLN A 1 46 ? -7.705  7.094   -2.913  1.00 0.85  ? 46 GLN A HB2  1 
ATOM 731  H HB3  . GLN A 1 46 ? -7.794  5.336   -3.036  1.00 0.71  ? 46 GLN A HB3  1 
ATOM 732  H HG2  . GLN A 1 46 ? -6.055  5.197   -1.218  1.00 1.30  ? 46 GLN A HG2  1 
ATOM 733  H HG3  . GLN A 1 46 ? -6.199  6.945   -1.023  1.00 1.37  ? 46 GLN A HG3  1 
ATOM 734  H HE21 . GLN A 1 46 ? -7.154  4.320   0.562   1.00 2.34  ? 46 GLN A HE21 1 
ATOM 735  H HE22 . GLN A 1 46 ? -8.721  4.763   1.040   1.00 2.29  ? 46 GLN A HE22 1 
ATOM 736  N N    . SER A 1 47 ? -4.907  4.405   -5.000  1.00 0.34  ? 47 SER A N    1 
ATOM 737  C CA   . SER A 1 47 ? -4.925  3.286   -5.987  1.00 0.47  ? 47 SER A CA   1 
ATOM 738  C C    . SER A 1 47 ? -4.541  1.969   -5.306  1.00 0.43  ? 47 SER A C    1 
ATOM 739  O O    . SER A 1 47 ? -3.720  1.938   -4.411  1.00 0.56  ? 47 SER A O    1 
ATOM 740  C CB   . SER A 1 47 ? -3.884  3.669   -7.037  1.00 0.58  ? 47 SER A CB   1 
ATOM 741  O OG   . SER A 1 47 ? -4.135  4.995   -7.485  1.00 1.56  ? 47 SER A OG   1 
ATOM 742  H H    . SER A 1 47 ? -4.065  4.668   -4.572  1.00 0.31  ? 47 SER A H    1 
ATOM 743  H HA   . SER A 1 47 ? -5.898  3.205   -6.445  1.00 0.58  ? 47 SER A HA   1 
ATOM 744  H HB2  . SER A 1 47 ? -2.898  3.622   -6.605  1.00 1.09  ? 47 SER A HB2  1 
ATOM 745  H HB3  . SER A 1 47 ? -3.943  2.980   -7.869  1.00 1.08  ? 47 SER A HB3  1 
ATOM 746  H HG   . SER A 1 47 ? -3.289  5.426   -7.623  1.00 1.92  ? 47 SER A HG   1 
ATOM 747  N N    . CYS A 1 48 ? -5.128  0.882   -5.726  1.00 0.37  ? 48 CYS A N    1 
ATOM 748  C CA   . CYS A 1 48 ? -4.797  -0.434  -5.106  1.00 0.33  ? 48 CYS A CA   1 
ATOM 749  C C    . CYS A 1 48 ? -3.521  -0.999  -5.736  1.00 0.30  ? 48 CYS A C    1 
ATOM 750  O O    . CYS A 1 48 ? -3.420  -1.134  -6.938  1.00 0.34  ? 48 CYS A O    1 
ATOM 751  C CB   . CYS A 1 48 ? -5.996  -1.332  -5.416  1.00 0.41  ? 48 CYS A CB   1 
ATOM 752  S SG   . CYS A 1 48 ? -7.514  -0.532  -4.837  1.00 1.43  ? 48 CYS A SG   1 
ATOM 753  H H    . CYS A 1 48 ? -5.787  0.930   -6.450  1.00 0.45  ? 48 CYS A H    1 
ATOM 754  H HA   . CYS A 1 48 ? -4.679  -0.329  -4.039  1.00 0.31  ? 48 CYS A HA   1 
ATOM 755  H HB2  . CYS A 1 48 ? -6.058  -1.493  -6.481  1.00 0.96  ? 48 CYS A HB2  1 
ATOM 756  H HB3  . CYS A 1 48 ? -5.875  -2.280  -4.913  1.00 0.63  ? 48 CYS A HB3  1 
ATOM 757  N N    . GLY A 1 49 ? -2.542  -1.326  -4.936  1.00 0.27  ? 49 GLY A N    1 
ATOM 758  C CA   . GLY A 1 49 ? -1.275  -1.870  -5.497  1.00 0.27  ? 49 GLY A CA   1 
ATOM 759  C C    . GLY A 1 49 ? -1.197  -3.375  -5.260  1.00 0.27  ? 49 GLY A C    1 
ATOM 760  O O    . GLY A 1 49 ? -1.666  -3.888  -4.263  1.00 0.30  ? 49 GLY A O    1 
ATOM 761  H H    . GLY A 1 49 ? -2.639  -1.207  -3.968  1.00 0.27  ? 49 GLY A H    1 
ATOM 762  H HA2  . GLY A 1 49 ? -1.236  -1.671  -6.557  1.00 0.31  ? 49 GLY A HA2  1 
ATOM 763  H HA3  . GLY A 1 49 ? -0.437  -1.398  -5.014  1.00 0.29  ? 49 GLY A HA3  1 
ATOM 764  N N    . ASP A 1 50 ? -0.593  -4.082  -6.170  1.00 0.27  ? 50 ASP A N    1 
ATOM 765  C CA   . ASP A 1 50 ? -0.461  -5.558  -6.010  1.00 0.30  ? 50 ASP A CA   1 
ATOM 766  C C    . ASP A 1 50 ? 0.849   -5.884  -5.285  1.00 0.28  ? 50 ASP A C    1 
ATOM 767  O O    . ASP A 1 50 ? 1.866   -5.272  -5.544  1.00 0.26  ? 50 ASP A O    1 
ATOM 768  C CB   . ASP A 1 50 ? -0.440  -6.112  -7.435  1.00 0.36  ? 50 ASP A CB   1 
ATOM 769  C CG   . ASP A 1 50 ? -0.606  -7.632  -7.395  1.00 0.81  ? 50 ASP A CG   1 
ATOM 770  O OD1  . ASP A 1 50 ? 0.235   -8.284  -6.796  1.00 1.39  ? 50 ASP A OD1  1 
ATOM 771  O OD2  . ASP A 1 50 ? -1.569  -8.118  -7.963  1.00 1.57  ? 50 ASP A OD2  1 
ATOM 772  H H    . ASP A 1 50 ? -0.215  -3.638  -6.958  1.00 0.28  ? 50 ASP A H    1 
ATOM 773  H HA   . ASP A 1 50 ? -1.305  -5.956  -5.469  1.00 0.35  ? 50 ASP A HA   1 
ATOM 774  H HB2  . ASP A 1 50 ? -1.250  -5.676  -8.003  1.00 0.90  ? 50 ASP A HB2  1 
ATOM 775  H HB3  . ASP A 1 50 ? 0.501   -5.866  -7.904  1.00 0.88  ? 50 ASP A HB3  1 
ATOM 776  N N    . PRO A 1 51 ? 0.786   -6.844  -4.401  1.00 0.32  ? 51 PRO A N    1 
ATOM 777  C CA   . PRO A 1 51 ? 1.991   -7.249  -3.638  1.00 0.34  ? 51 PRO A CA   1 
ATOM 778  C C    . PRO A 1 51 ? 2.977   -7.968  -4.560  1.00 0.35  ? 51 PRO A C    1 
ATOM 779  O O    . PRO A 1 51 ? 4.167   -7.989  -4.318  1.00 0.38  ? 51 PRO A O    1 
ATOM 780  C CB   . PRO A 1 51 ? 1.442   -8.192  -2.571  1.00 0.41  ? 51 PRO A CB   1 
ATOM 781  C CG   . PRO A 1 51 ? 0.165   -8.718  -3.144  1.00 0.43  ? 51 PRO A CG   1 
ATOM 782  C CD   . PRO A 1 51 ? -0.392  -7.637  -4.033  1.00 0.39  ? 51 PRO A CD   1 
ATOM 783  H HA   . PRO A 1 51 ? 2.456   -6.391  -3.176  1.00 0.33  ? 51 PRO A HA   1 
ATOM 784  H HB2  . PRO A 1 51 ? 2.139   -8.999  -2.390  1.00 0.44  ? 51 PRO A HB2  1 
ATOM 785  H HB3  . PRO A 1 51 ? 1.242   -7.653  -1.659  1.00 0.42  ? 51 PRO A HB3  1 
ATOM 786  H HG2  . PRO A 1 51 ? 0.361   -9.611  -3.722  1.00 0.44  ? 51 PRO A HG2  1 
ATOM 787  H HG3  . PRO A 1 51 ? -0.534  -8.934  -2.352  1.00 0.47  ? 51 PRO A HG3  1 
ATOM 788  H HD2  . PRO A 1 51 ? -0.854  -8.068  -4.910  1.00 0.40  ? 51 PRO A HD2  1 
ATOM 789  H HD3  . PRO A 1 51 ? -1.096  -7.025  -3.491  1.00 0.41  ? 51 PRO A HD3  1 
ATOM 790  N N    . LYS A 1 52 ? 2.491   -8.549  -5.622  1.00 0.37  ? 52 LYS A N    1 
ATOM 791  C CA   . LYS A 1 52 ? 3.403   -9.254  -6.566  1.00 0.40  ? 52 LYS A CA   1 
ATOM 792  C C    . LYS A 1 52 ? 4.383   -8.253  -7.179  1.00 0.37  ? 52 LYS A C    1 
ATOM 793  O O    . LYS A 1 52 ? 5.442   -8.616  -7.654  1.00 0.41  ? 52 LYS A O    1 
ATOM 794  C CB   . LYS A 1 52 ? 2.488   -9.841  -7.641  1.00 0.43  ? 52 LYS A CB   1 
ATOM 795  C CG   . LYS A 1 52 ? 1.617   -10.939 -7.027  1.00 1.33  ? 52 LYS A CG   1 
ATOM 796  C CD   . LYS A 1 52 ? 1.434   -12.071 -8.041  1.00 1.84  ? 52 LYS A CD   1 
ATOM 797  C CE   . LYS A 1 52 ? 0.353   -13.032 -7.543  1.00 2.67  ? 52 LYS A CE   1 
ATOM 798  N NZ   . LYS A 1 52 ? 0.063   -13.920 -8.704  1.00 3.37  ? 52 LYS A NZ   1 
ATOM 799  H H    . LYS A 1 52 ? 1.529   -8.514  -5.805  1.00 0.39  ? 52 LYS A H    1 
ATOM 800  H HA   . LYS A 1 52 ? 3.934   -10.045 -6.059  1.00 0.44  ? 52 LYS A HA   1 
ATOM 801  H HB2  . LYS A 1 52 ? 1.857   -9.061  -8.041  1.00 0.99  ? 52 LYS A HB2  1 
ATOM 802  H HB3  . LYS A 1 52 ? 3.088   -10.262 -8.434  1.00 0.83  ? 52 LYS A HB3  1 
ATOM 803  H HG2  . LYS A 1 52 ? 2.096   -11.324 -6.139  1.00 1.84  ? 52 LYS A HG2  1 
ATOM 804  H HG3  . LYS A 1 52 ? 0.652   -10.531 -6.769  1.00 1.95  ? 52 LYS A HG3  1 
ATOM 805  H HD2  . LYS A 1 52 ? 1.137   -11.656 -8.994  1.00 2.17  ? 52 LYS A HD2  1 
ATOM 806  H HD3  . LYS A 1 52 ? 2.364   -12.607 -8.155  1.00 2.17  ? 52 LYS A HD3  1 
ATOM 807  H HE2  . LYS A 1 52 ? 0.722   -13.611 -6.707  1.00 3.05  ? 52 LYS A HE2  1 
ATOM 808  H HE3  . LYS A 1 52 ? -0.536  -12.489 -7.263  1.00 3.05  ? 52 LYS A HE3  1 
ATOM 809  H HZ1  . LYS A 1 52 ? -0.842  -14.407 -8.552  1.00 3.76  ? 52 LYS A HZ1  1 
ATOM 810  H HZ2  . LYS A 1 52 ? 0.825   -14.624 -8.801  1.00 3.60  ? 52 LYS A HZ2  1 
ATOM 811  H HZ3  . LYS A 1 52 ? 0.005   -13.349 -9.570  1.00 3.76  ? 52 LYS A HZ3  1 
ATOM 812  N N    . GLN A 1 53 ? 4.040   -6.993  -7.168  1.00 0.34  ? 53 GLN A N    1 
ATOM 813  C CA   . GLN A 1 53 ? 4.953   -5.966  -7.744  1.00 0.34  ? 53 GLN A CA   1 
ATOM 814  C C    . GLN A 1 53 ? 6.019   -5.580  -6.716  1.00 0.32  ? 53 GLN A C    1 
ATOM 815  O O    . GLN A 1 53 ? 5.856   -5.796  -5.531  1.00 0.32  ? 53 GLN A O    1 
ATOM 816  C CB   . GLN A 1 53 ? 4.056   -4.771  -8.068  1.00 0.34  ? 53 GLN A CB   1 
ATOM 817  C CG   . GLN A 1 53 ? 2.928   -5.213  -9.003  1.00 0.65  ? 53 GLN A CG   1 
ATOM 818  C CD   . GLN A 1 53 ? 3.348   -4.978  -10.455 1.00 1.01  ? 53 GLN A CD   1 
ATOM 819  O OE1  . GLN A 1 53 ? 4.309   -4.281  -10.717 1.00 1.77  ? 53 GLN A OE1  1 
ATOM 820  N NE2  . GLN A 1 53 ? 2.664   -5.533  -11.418 1.00 1.49  ? 53 GLN A NE2  1 
ATOM 821  H H    . GLN A 1 53 ? 3.183   -6.721  -6.775  1.00 0.34  ? 53 GLN A H    1 
ATOM 822  H HA   . GLN A 1 53 ? 5.414   -6.336  -8.646  1.00 0.39  ? 53 GLN A HA   1 
ATOM 823  H HB2  . GLN A 1 53 ? 3.634   -4.379  -7.153  1.00 0.50  ? 53 GLN A HB2  1 
ATOM 824  H HB3  . GLN A 1 53 ? 4.641   -4.004  -8.551  1.00 0.41  ? 53 GLN A HB3  1 
ATOM 825  H HG2  . GLN A 1 53 ? 2.725   -6.262  -8.852  1.00 1.14  ? 53 GLN A HG2  1 
ATOM 826  H HG3  . GLN A 1 53 ? 2.039   -4.639  -8.791  1.00 1.14  ? 53 GLN A HG3  1 
ATOM 827  H HE21 . GLN A 1 53 ? 1.890   -6.095  -11.207 1.00 1.88  ? 53 GLN A HE21 1 
ATOM 828  H HE22 . GLN A 1 53 ? 2.925   -5.389  -12.351 1.00 1.91  ? 53 GLN A HE22 1 
ATOM 829  N N    . GLU A 1 54 ? 7.111   -5.023  -7.158  1.00 0.36  ? 54 GLU A N    1 
ATOM 830  C CA   . GLU A 1 54 ? 8.189   -4.639  -6.201  1.00 0.38  ? 54 GLU A CA   1 
ATOM 831  C C    . GLU A 1 54 ? 8.004   -3.203  -5.704  1.00 0.35  ? 54 GLU A C    1 
ATOM 832  O O    . GLU A 1 54 ? 8.647   -2.788  -4.760  1.00 0.39  ? 54 GLU A O    1 
ATOM 833  C CB   . GLU A 1 54 ? 9.487   -4.767  -6.999  1.00 0.46  ? 54 GLU A CB   1 
ATOM 834  C CG   . GLU A 1 54 ? 10.213  -6.050  -6.591  1.00 1.23  ? 54 GLU A CG   1 
ATOM 835  C CD   . GLU A 1 54 ? 11.408  -6.278  -7.518  1.00 1.66  ? 54 GLU A CD   1 
ATOM 836  O OE1  . GLU A 1 54 ? 12.290  -5.435  -7.534  1.00 2.21  ? 54 GLU A OE1  1 
ATOM 837  O OE2  . GLU A 1 54 ? 11.422  -7.293  -8.196  1.00 2.22  ? 54 GLU A OE2  1 
ATOM 838  H H    . GLU A 1 54 ? 7.228   -4.865  -8.118  1.00 0.39  ? 54 GLU A H    1 
ATOM 839  H HA   . GLU A 1 54 ? 8.208   -5.322  -5.362  1.00 0.39  ? 54 GLU A HA   1 
ATOM 840  H HB2  . GLU A 1 54 ? 9.260   -4.800  -8.054  1.00 0.99  ? 54 GLU A HB2  1 
ATOM 841  H HB3  . GLU A 1 54 ? 10.121  -3.916  -6.794  1.00 0.98  ? 54 GLU A HB3  1 
ATOM 842  H HG2  . GLU A 1 54 ? 10.560  -5.959  -5.571  1.00 1.82  ? 54 GLU A HG2  1 
ATOM 843  H HG3  . GLU A 1 54 ? 9.536   -6.887  -6.668  1.00 1.93  ? 54 GLU A HG3  1 
ATOM 844  N N    . TRP A 1 55 ? 7.136   -2.432  -6.308  1.00 0.31  ? 55 TRP A N    1 
ATOM 845  C CA   . TRP A 1 55 ? 6.951   -1.041  -5.821  1.00 0.30  ? 55 TRP A CA   1 
ATOM 846  C C    . TRP A 1 55 ? 6.078   -1.061  -4.572  1.00 0.26  ? 55 TRP A C    1 
ATOM 847  O O    . TRP A 1 55 ? 6.204   -0.218  -3.706  1.00 0.30  ? 55 TRP A O    1 
ATOM 848  C CB   . TRP A 1 55 ? 6.321   -0.263  -6.976  1.00 0.32  ? 55 TRP A CB   1 
ATOM 849  C CG   . TRP A 1 55 ? 4.931   -0.728  -7.263  1.00 0.28  ? 55 TRP A CG   1 
ATOM 850  C CD1  . TRP A 1 55 ? 4.597   -1.655  -8.191  1.00 0.30  ? 55 TRP A CD1  1 
ATOM 851  C CD2  . TRP A 1 55 ? 3.682   -0.278  -6.668  1.00 0.24  ? 55 TRP A CD2  1 
ATOM 852  N NE1  . TRP A 1 55 ? 3.222   -1.796  -8.203  1.00 0.29  ? 55 TRP A NE1  1 
ATOM 853  C CE2  . TRP A 1 55 ? 2.618   -0.971  -7.283  1.00 0.25  ? 55 TRP A CE2  1 
ATOM 854  C CE3  . TRP A 1 55 ? 3.371   0.653   -5.664  1.00 0.23  ? 55 TRP A CE3  1 
ATOM 855  C CZ2  . TRP A 1 55 ? 1.296   -0.748  -6.926  1.00 0.25  ? 55 TRP A CZ2  1 
ATOM 856  C CZ3  . TRP A 1 55 ? 2.037   0.880   -5.296  1.00 0.22  ? 55 TRP A CZ3  1 
ATOM 857  C CH2  . TRP A 1 55 ? 1.000   0.183   -5.929  1.00 0.23  ? 55 TRP A CH2  1 
ATOM 858  H H    . TRP A 1 55 ? 6.608   -2.766  -7.064  1.00 0.31  ? 55 TRP A H    1 
ATOM 859  H HA   . TRP A 1 55 ? 7.910   -0.608  -5.575  1.00 0.32  ? 55 TRP A HA   1 
ATOM 860  H HB2  . TRP A 1 55 ? 6.293   0.782   -6.721  1.00 0.34  ? 55 TRP A HB2  1 
ATOM 861  H HB3  . TRP A 1 55 ? 6.928   -0.392  -7.860  1.00 0.39  ? 55 TRP A HB3  1 
ATOM 862  H HD1  . TRP A 1 55 ? 5.290   -2.193  -8.820  1.00 0.34  ? 55 TRP A HD1  1 
ATOM 863  H HE1  . TRP A 1 55 ? 2.716   -2.401  -8.783  1.00 0.33  ? 55 TRP A HE1  1 
ATOM 864  H HE3  . TRP A 1 55 ? 4.163   1.192   -5.169  1.00 0.26  ? 55 TRP A HE3  1 
ATOM 865  H HZ2  . TRP A 1 55 ? 0.508   -1.286  -7.424  1.00 0.29  ? 55 TRP A HZ2  1 
ATOM 866  H HZ3  . TRP A 1 55 ? 1.807   1.600   -4.525  1.00 0.24  ? 55 TRP A HZ3  1 
ATOM 867  H HH2  . TRP A 1 55 ? -0.027  0.361   -5.646  1.00 0.26  ? 55 TRP A HH2  1 
ATOM 868  N N    . VAL A 1 56 ? 5.240   -2.052  -4.431  1.00 0.25  ? 56 VAL A N    1 
ATOM 869  C CA   . VAL A 1 56 ? 4.435   -2.138  -3.186  1.00 0.25  ? 56 VAL A CA   1 
ATOM 870  C C    . VAL A 1 56 ? 5.381   -2.604  -2.086  1.00 0.30  ? 56 VAL A C    1 
ATOM 871  O O    . VAL A 1 56 ? 5.497   -1.994  -1.048  1.00 0.39  ? 56 VAL A O    1 
ATOM 872  C CB   . VAL A 1 56 ? 3.345   -3.180  -3.442  1.00 0.27  ? 56 VAL A CB   1 
ATOM 873  C CG1  . VAL A 1 56 ? 2.609   -3.472  -2.131  1.00 0.37  ? 56 VAL A CG1  1 
ATOM 874  C CG2  . VAL A 1 56 ? 2.352   -2.634  -4.465  1.00 0.29  ? 56 VAL A CG2  1 
ATOM 875  H H    . VAL A 1 56 ? 5.183   -2.756  -5.110  1.00 0.30  ? 56 VAL A H    1 
ATOM 876  H HA   . VAL A 1 56 ? 4.002   -1.180  -2.943  1.00 0.24  ? 56 VAL A HA   1 
ATOM 877  H HB   . VAL A 1 56 ? 3.792   -4.091  -3.816  1.00 0.29  ? 56 VAL A HB   1 
ATOM 878  H HG11 . VAL A 1 56 ? 2.840   -4.474  -1.803  1.00 0.99  ? 56 VAL A HG11 1 
ATOM 879  H HG12 . VAL A 1 56 ? 1.545   -3.382  -2.287  1.00 1.06  ? 56 VAL A HG12 1 
ATOM 880  H HG13 . VAL A 1 56 ? 2.923   -2.766  -1.376  1.00 1.10  ? 56 VAL A HG13 1 
ATOM 881  H HG21 . VAL A 1 56 ? 2.532   -3.098  -5.423  1.00 0.99  ? 56 VAL A HG21 1 
ATOM 882  H HG22 . VAL A 1 56 ? 2.476   -1.565  -4.551  1.00 0.99  ? 56 VAL A HG22 1 
ATOM 883  H HG23 . VAL A 1 56 ? 1.345   -2.854  -4.141  1.00 1.06  ? 56 VAL A HG23 1 
ATOM 884  N N    . GLN A 1 57 ? 6.091   -3.668  -2.339  1.00 0.29  ? 57 GLN A N    1 
ATOM 885  C CA   . GLN A 1 57 ? 7.072   -4.168  -1.341  1.00 0.35  ? 57 GLN A CA   1 
ATOM 886  C C    . GLN A 1 57 ? 8.122   -3.083  -1.099  1.00 0.36  ? 57 GLN A C    1 
ATOM 887  O O    . GLN A 1 57 ? 8.485   -2.793  0.024   1.00 0.39  ? 57 GLN A O    1 
ATOM 888  C CB   . GLN A 1 57 ? 7.704   -5.397  -1.999  1.00 0.41  ? 57 GLN A CB   1 
ATOM 889  C CG   . GLN A 1 57 ? 7.759   -6.545  -0.989  1.00 0.52  ? 57 GLN A CG   1 
ATOM 890  C CD   . GLN A 1 57 ? 9.002   -7.398  -1.252  1.00 1.04  ? 57 GLN A CD   1 
ATOM 891  O OE1  . GLN A 1 57 ? 9.752   -7.132  -2.170  1.00 1.74  ? 57 GLN A OE1  1 
ATOM 892  N NE2  . GLN A 1 57 ? 9.253   -8.419  -0.479  1.00 1.65  ? 57 GLN A NE2  1 
ATOM 893  H H    . GLN A 1 57 ? 6.000   -4.123  -3.203  1.00 0.28  ? 57 GLN A H    1 
ATOM 894  H HA   . GLN A 1 57 ? 6.579   -4.440  -0.418  1.00 0.38  ? 57 GLN A HA   1 
ATOM 895  H HB2  . GLN A 1 57 ? 7.110   -5.694  -2.852  1.00 0.38  ? 57 GLN A HB2  1 
ATOM 896  H HB3  . GLN A 1 57 ? 8.706   -5.157  -2.325  1.00 0.45  ? 57 GLN A HB3  1 
ATOM 897  H HG2  . GLN A 1 57 ? 7.803   -6.141  0.012   1.00 0.77  ? 57 GLN A HG2  1 
ATOM 898  H HG3  . GLN A 1 57 ? 6.876   -7.158  -1.093  1.00 0.75  ? 57 GLN A HG3  1 
ATOM 899  H HE21 . GLN A 1 57 ? 8.648   -8.633  0.261   1.00 2.12  ? 57 GLN A HE21 1 
ATOM 900  H HE22 . GLN A 1 57 ? 10.047  -8.971  -0.639  1.00 2.02  ? 57 GLN A HE22 1 
ATOM 901  N N    . ARG A 1 58 ? 8.596   -2.465  -2.149  1.00 0.36  ? 58 ARG A N    1 
ATOM 902  C CA   . ARG A 1 58 ? 9.603   -1.380  -1.983  1.00 0.40  ? 58 ARG A CA   1 
ATOM 903  C C    . ARG A 1 58 ? 9.020   -0.300  -1.075  1.00 0.37  ? 58 ARG A C    1 
ATOM 904  O O    . ARG A 1 58 ? 9.533   -0.025  -0.009  1.00 0.45  ? 58 ARG A O    1 
ATOM 905  C CB   . ARG A 1 58 ? 9.839   -0.835  -3.393  1.00 0.44  ? 58 ARG A CB   1 
ATOM 906  C CG   . ARG A 1 58 ? 10.719  0.414   -3.320  1.00 0.49  ? 58 ARG A CG   1 
ATOM 907  C CD   . ARG A 1 58 ? 10.943  0.966   -4.730  1.00 0.47  ? 58 ARG A CD   1 
ATOM 908  N NE   . ARG A 1 58 ? 12.353  0.619   -5.059  1.00 0.86  ? 58 ARG A NE   1 
ATOM 909  C CZ   . ARG A 1 58 ? 12.817  0.841   -6.258  1.00 1.15  ? 58 ARG A CZ   1 
ATOM 910  N NH1  . ARG A 1 58 ? 13.014  2.065   -6.666  1.00 1.55  ? 58 ARG A NH1  1 
ATOM 911  N NH2  . ARG A 1 58 ? 13.082  -0.162  -7.050  1.00 1.79  ? 58 ARG A NH2  1 
ATOM 912  H H    . ARG A 1 58 ? 8.276   -2.704  -3.044  1.00 0.36  ? 58 ARG A H    1 
ATOM 913  H HA   . ARG A 1 58 ? 10.520  -1.772  -1.573  1.00 0.45  ? 58 ARG A HA   1 
ATOM 914  H HB2  . ARG A 1 58 ? 10.332  -1.589  -3.991  1.00 0.47  ? 58 ARG A HB2  1 
ATOM 915  H HB3  . ARG A 1 58 ? 8.892   -0.580  -3.843  1.00 0.41  ? 58 ARG A HB3  1 
ATOM 916  H HG2  . ARG A 1 58 ? 10.230  1.163   -2.713  1.00 0.62  ? 58 ARG A HG2  1 
ATOM 917  H HG3  . ARG A 1 58 ? 11.671  0.159   -2.881  1.00 0.64  ? 58 ARG A HG3  1 
ATOM 918  H HD2  . ARG A 1 58 ? 10.264  0.494   -5.428  1.00 0.72  ? 58 ARG A HD2  1 
ATOM 919  H HD3  . ARG A 1 58 ? 10.813  2.036   -4.741  1.00 0.65  ? 58 ARG A HD3  1 
ATOM 920  H HE   . ARG A 1 58 ? 12.933  0.225   -4.374  1.00 1.33  ? 58 ARG A HE   1 
ATOM 921  H HH11 . ARG A 1 58 ? 12.810  2.832   -6.059  1.00 1.85  ? 58 ARG A HH11 1 
ATOM 922  H HH12 . ARG A 1 58 ? 13.369  2.233   -7.585  1.00 1.94  ? 58 ARG A HH12 1 
ATOM 923  H HH21 . ARG A 1 58 ? 12.932  -1.100  -6.737  1.00 2.17  ? 58 ARG A HH21 1 
ATOM 924  H HH22 . ARG A 1 58 ? 13.439  0.007   -7.969  1.00 2.17  ? 58 ARG A HH22 1 
ATOM 925  N N    . TYR A 1 59 ? 7.930   0.299   -1.477  1.00 0.36  ? 59 TYR A N    1 
ATOM 926  C CA   . TYR A 1 59 ? 7.299   1.340   -0.622  1.00 0.34  ? 59 TYR A CA   1 
ATOM 927  C C    . TYR A 1 59 ? 7.029   0.740   0.757   1.00 0.32  ? 59 TYR A C    1 
ATOM 928  O O    . TYR A 1 59 ? 7.418   1.274   1.777   1.00 0.35  ? 59 TYR A O    1 
ATOM 929  C CB   . TYR A 1 59 ? 5.973   1.679   -1.311  1.00 0.34  ? 59 TYR A CB   1 
ATOM 930  C CG   . TYR A 1 59 ? 6.206   2.304   -2.674  1.00 0.29  ? 59 TYR A CG   1 
ATOM 931  C CD1  . TYR A 1 59 ? 7.506   2.522   -3.157  1.00 0.37  ? 59 TYR A CD1  1 
ATOM 932  C CD2  . TYR A 1 59 ? 5.102   2.673   -3.456  1.00 0.29  ? 59 TYR A CD2  1 
ATOM 933  C CE1  . TYR A 1 59 ? 7.693   3.107   -4.414  1.00 0.37  ? 59 TYR A CE1  1 
ATOM 934  C CE2  . TYR A 1 59 ? 5.294   3.259   -4.712  1.00 0.36  ? 59 TYR A CE2  1 
ATOM 935  C CZ   . TYR A 1 59 ? 6.591   3.475   -5.190  1.00 0.34  ? 59 TYR A CZ   1 
ATOM 936  O OH   . TYR A 1 59 ? 6.784   4.054   -6.423  1.00 0.45  ? 59 TYR A OH   1 
ATOM 937  H H    . TYR A 1 59 ? 7.520   0.050   -2.332  1.00 0.44  ? 59 TYR A H    1 
ATOM 938  H HA   . TYR A 1 59 ? 7.924   2.212   -0.547  1.00 0.36  ? 59 TYR A HA   1 
ATOM 939  H HB2  . TYR A 1 59 ? 5.396   0.775   -1.431  1.00 0.37  ? 59 TYR A HB2  1 
ATOM 940  H HB3  . TYR A 1 59 ? 5.420   2.372   -0.695  1.00 0.41  ? 59 TYR A HB3  1 
ATOM 941  H HD1  . TYR A 1 59 ? 8.361   2.237   -2.562  1.00 0.49  ? 59 TYR A HD1  1 
ATOM 942  H HD2  . TYR A 1 59 ? 4.102   2.502   -3.089  1.00 0.34  ? 59 TYR A HD2  1 
ATOM 943  H HE1  . TYR A 1 59 ? 8.691   3.276   -4.789  1.00 0.46  ? 59 TYR A HE1  1 
ATOM 944  H HE2  . TYR A 1 59 ? 4.440   3.542   -5.315  1.00 0.48  ? 59 TYR A HE2  1 
ATOM 945  H HH   . TYR A 1 59 ? 6.944   3.352   -7.059  1.00 0.97  ? 59 TYR A HH   1 
ATOM 946  N N    . MET A 1 60 ? 6.372   -0.382  0.775   1.00 0.35  ? 60 MET A N    1 
ATOM 947  C CA   . MET A 1 60 ? 6.062   -1.070  2.059   1.00 0.40  ? 60 MET A CA   1 
ATOM 948  C C    . MET A 1 60 ? 7.354   -1.304  2.848   1.00 0.43  ? 60 MET A C    1 
ATOM 949  O O    . MET A 1 60 ? 7.357   -1.322  4.063   1.00 0.48  ? 60 MET A O    1 
ATOM 950  C CB   . MET A 1 60 ? 5.439   -2.395  1.627   1.00 0.52  ? 60 MET A CB   1 
ATOM 951  C CG   . MET A 1 60 ? 4.001   -2.145  1.167   1.00 0.88  ? 60 MET A CG   1 
ATOM 952  S SD   . MET A 1 60 ? 3.115   -3.715  1.082   1.00 0.86  ? 60 MET A SD   1 
ATOM 953  C CE   . MET A 1 60 ? 2.857   -3.885  2.859   1.00 1.39  ? 60 MET A CE   1 
ATOM 954  H H    . MET A 1 60 ? 6.085   -0.783  -0.069  1.00 0.40  ? 60 MET A H    1 
ATOM 955  H HA   . MET A 1 60 ? 5.353   -0.501  2.642   1.00 0.40  ? 60 MET A HA   1 
ATOM 956  H HB2  . MET A 1 60 ? 6.013   -2.813  0.811   1.00 0.79  ? 60 MET A HB2  1 
ATOM 957  H HB3  . MET A 1 60 ? 5.438   -3.086  2.454   1.00 0.83  ? 60 MET A HB3  1 
ATOM 958  H HG2  . MET A 1 60 ? 3.507   -1.494  1.874   1.00 1.45  ? 60 MET A HG2  1 
ATOM 959  H HG3  . MET A 1 60 ? 4.003   -1.678  0.195   1.00 1.37  ? 60 MET A HG3  1 
ATOM 960  H HE1  . MET A 1 60 ? 3.001   -4.916  3.146   1.00 1.91  ? 60 MET A HE1  1 
ATOM 961  H HE2  . MET A 1 60 ? 1.853   -3.580  3.108   1.00 2.02  ? 60 MET A HE2  1 
ATOM 962  H HE3  . MET A 1 60 ? 3.563   -3.256  3.384   1.00 2.01  ? 60 MET A HE3  1 
ATOM 963  N N    . LYS A 1 61 ? 8.452   -1.476  2.163   1.00 0.44  ? 61 LYS A N    1 
ATOM 964  C CA   . LYS A 1 61 ? 9.746   -1.701  2.869   1.00 0.50  ? 61 LYS A CA   1 
ATOM 965  C C    . LYS A 1 61 ? 10.200  -0.408  3.550   1.00 0.46  ? 61 LYS A C    1 
ATOM 966  O O    . LYS A 1 61 ? 10.512  -0.392  4.724   1.00 0.54  ? 61 LYS A O    1 
ATOM 967  C CB   . LYS A 1 61 ? 10.733  -2.107  1.774   1.00 0.53  ? 61 LYS A CB   1 
ATOM 968  C CG   . LYS A 1 61 ? 12.052  -2.546  2.413   1.00 0.92  ? 61 LYS A CG   1 
ATOM 969  C CD   . LYS A 1 61 ? 12.715  -3.610  1.535   1.00 1.18  ? 61 LYS A CD   1 
ATOM 970  C CE   . LYS A 1 61 ? 13.700  -4.425  2.377   1.00 1.75  ? 61 LYS A CE   1 
ATOM 971  N NZ   . LYS A 1 61 ? 14.035  -5.609  1.537   1.00 2.20  ? 61 LYS A NZ   1 
ATOM 972  H H    . LYS A 1 61 ? 8.427   -1.453  1.183   1.00 0.46  ? 61 LYS A H    1 
ATOM 973  H HA   . LYS A 1 61 ? 9.648   -2.496  3.592   1.00 0.57  ? 61 LYS A HA   1 
ATOM 974  H HB2  . LYS A 1 61 ? 10.319  -2.925  1.201   1.00 0.77  ? 61 LYS A HB2  1 
ATOM 975  H HB3  . LYS A 1 61 ? 10.914  -1.266  1.122   1.00 0.80  ? 61 LYS A HB3  1 
ATOM 976  H HG2  . LYS A 1 61 ? 12.708  -1.693  2.504   1.00 1.58  ? 61 LYS A HG2  1 
ATOM 977  H HG3  . LYS A 1 61 ? 11.859  -2.959  3.391   1.00 1.54  ? 61 LYS A HG3  1 
ATOM 978  H HD2  . LYS A 1 61 ? 11.958  -4.266  1.131   1.00 1.70  ? 61 LYS A HD2  1 
ATOM 979  H HD3  . LYS A 1 61 ? 13.246  -3.132  0.727   1.00 1.72  ? 61 LYS A HD3  1 
ATOM 980  H HE2  . LYS A 1 61 ? 14.589  -3.843  2.582   1.00 2.25  ? 61 LYS A HE2  1 
ATOM 981  H HE3  . LYS A 1 61 ? 13.236  -4.744  3.297   1.00 2.12  ? 61 LYS A HE3  1 
ATOM 982  H HZ1  . LYS A 1 61 ? 13.157  -6.058  1.205   1.00 2.34  ? 61 LYS A HZ1  1 
ATOM 983  H HZ2  . LYS A 1 61 ? 14.581  -6.291  2.103   1.00 2.62  ? 61 LYS A HZ2  1 
ATOM 984  H HZ3  . LYS A 1 61 ? 14.598  -5.306  0.718   1.00 2.71  ? 61 LYS A HZ3  1 
ATOM 985  N N    . ASN A 1 62 ? 10.230  0.678   2.826   1.00 0.40  ? 62 ASN A N    1 
ATOM 986  C CA   . ASN A 1 62 ? 10.654  1.967   3.440   1.00 0.44  ? 62 ASN A CA   1 
ATOM 987  C C    . ASN A 1 62 ? 9.550   2.480   4.366   1.00 0.44  ? 62 ASN A C    1 
ATOM 988  O O    . ASN A 1 62 ? 9.805   3.146   5.349   1.00 0.53  ? 62 ASN A O    1 
ATOM 989  C CB   . ASN A 1 62 ? 10.860  2.922   2.265   1.00 0.46  ? 62 ASN A CB   1 
ATOM 990  C CG   . ASN A 1 62 ? 12.080  3.805   2.530   1.00 0.97  ? 62 ASN A CG   1 
ATOM 991  O OD1  . ASN A 1 62 ? 12.696  3.712   3.574   1.00 1.66  ? 62 ASN A OD1  1 
ATOM 992  N ND2  . ASN A 1 62 ? 12.458  4.665   1.624   1.00 1.49  ? 62 ASN A ND2  1 
ATOM 993  H H    . ASN A 1 62 ? 9.967   0.647   1.881   1.00 0.40  ? 62 ASN A H    1 
ATOM 994  H HA   . ASN A 1 62 ? 11.577  1.842   3.985   1.00 0.49  ? 62 ASN A HA   1 
ATOM 995  H HB2  . ASN A 1 62 ? 11.017  2.351   1.360   1.00 0.67  ? 62 ASN A HB2  1 
ATOM 996  H HB3  . ASN A 1 62 ? 9.985   3.545   2.149   1.00 0.69  ? 62 ASN A HB3  1 
ATOM 997  H HD21 . ASN A 1 62 ? 11.962  4.740   0.783   1.00 1.88  ? 62 ASN A HD21 1 
ATOM 998  H HD22 . ASN A 1 62 ? 13.239  5.235   1.786   1.00 1.88  ? 62 ASN A HD22 1 
ATOM 999  N N    . LEU A 1 63 ? 8.323   2.166   4.055   1.00 0.41  ? 63 LEU A N    1 
ATOM 1000 C CA   . LEU A 1 63 ? 7.189   2.622   4.906   1.00 0.47  ? 63 LEU A CA   1 
ATOM 1001 C C    . LEU A 1 63 ? 7.236   1.920   6.265   1.00 0.53  ? 63 LEU A C    1 
ATOM 1002 O O    . LEU A 1 63 ? 6.795   2.450   7.265   1.00 0.61  ? 63 LEU A O    1 
ATOM 1003 C CB   . LEU A 1 63 ? 5.938   2.217   4.129   1.00 0.48  ? 63 LEU A CB   1 
ATOM 1004 C CG   . LEU A 1 63 ? 5.539   3.355   3.190   1.00 0.52  ? 63 LEU A CG   1 
ATOM 1005 C CD1  . LEU A 1 63 ? 5.004   2.776   1.880   1.00 0.60  ? 63 LEU A CD1  1 
ATOM 1006 C CD2  . LEU A 1 63 ? 4.453   4.206   3.853   1.00 0.62  ? 63 LEU A CD2  1 
ATOM 1007 H H    . LEU A 1 63 ? 8.145   1.626   3.257   1.00 0.41  ? 63 LEU A H    1 
ATOM 1008 H HA   . LEU A 1 63 ? 7.217   3.692   5.032   1.00 0.51  ? 63 LEU A HA   1 
ATOM 1009 H HB2  . LEU A 1 63 ? 6.146   1.328   3.550   1.00 0.46  ? 63 LEU A HB2  1 
ATOM 1010 H HB3  . LEU A 1 63 ? 5.129   2.019   4.819   1.00 0.52  ? 63 LEU A HB3  1 
ATOM 1011 H HG   . LEU A 1 63 ? 6.405   3.967   2.984   1.00 0.53  ? 63 LEU A HG   1 
ATOM 1012 H HD11 . LEU A 1 63 ? 3.970   3.060   1.757   1.00 1.27  ? 63 LEU A HD11 1 
ATOM 1013 H HD12 . LEU A 1 63 ? 5.081   1.699   1.905   1.00 1.10  ? 63 LEU A HD12 1 
ATOM 1014 H HD13 . LEU A 1 63 ? 5.585   3.159   1.054   1.00 1.16  ? 63 LEU A HD13 1 
ATOM 1015 H HD21 . LEU A 1 63 ? 3.482   3.791   3.626   1.00 1.18  ? 63 LEU A HD21 1 
ATOM 1016 H HD22 . LEU A 1 63 ? 4.509   5.217   3.477   1.00 1.11  ? 63 LEU A HD22 1 
ATOM 1017 H HD23 . LEU A 1 63 ? 4.603   4.212   4.923   1.00 1.15  ? 63 LEU A HD23 1 
ATOM 1018 N N    . ASP A 1 64 ? 7.769   0.731   6.308   1.00 0.53  ? 64 ASP A N    1 
ATOM 1019 C CA   . ASP A 1 64 ? 7.847   -0.005  7.603   1.00 0.63  ? 64 ASP A CA   1 
ATOM 1020 C C    . ASP A 1 64 ? 8.830   0.694   8.547   1.00 0.65  ? 64 ASP A C    1 
ATOM 1021 O O    . ASP A 1 64 ? 8.629   0.741   9.744   1.00 0.75  ? 64 ASP A O    1 
ATOM 1022 C CB   . ASP A 1 64 ? 8.356   -1.400  7.237   1.00 0.70  ? 64 ASP A CB   1 
ATOM 1023 C CG   . ASP A 1 64 ? 7.426   -2.456  7.839   1.00 1.02  ? 64 ASP A CG   1 
ATOM 1024 O OD1  . ASP A 1 64 ? 6.245   -2.176  7.961   1.00 1.58  ? 64 ASP A OD1  1 
ATOM 1025 O OD2  . ASP A 1 64 ? 7.912   -3.527  8.165   1.00 1.66  ? 64 ASP A OD2  1 
ATOM 1026 H H    . ASP A 1 64 ? 8.121   0.321   5.491   1.00 0.51  ? 64 ASP A H    1 
ATOM 1027 H HA   . ASP A 1 64 ? 6.872   -0.074  8.057   1.00 0.72  ? 64 ASP A HA   1 
ATOM 1028 H HB2  . ASP A 1 64 ? 8.375   -1.505  6.162   1.00 0.88  ? 64 ASP A HB2  1 
ATOM 1029 H HB3  . ASP A 1 64 ? 9.352   -1.534  7.631   1.00 0.85  ? 64 ASP A HB3  1 
ATOM 1030 N N    . ALA A 1 65 ? 9.890   1.240   8.017   1.00 0.65  ? 65 ALA A N    1 
ATOM 1031 C CA   . ALA A 1 65 ? 10.884  1.936   8.883   1.00 0.77  ? 65 ALA A CA   1 
ATOM 1032 C C    . ALA A 1 65 ? 10.306  3.261   9.390   1.00 0.89  ? 65 ALA A C    1 
ATOM 1033 O O    . ALA A 1 65 ? 10.755  3.809   10.377  1.00 1.11  ? 65 ALA A O    1 
ATOM 1034 C CB   . ALA A 1 65 ? 12.089  2.189   7.978   1.00 0.95  ? 65 ALA A CB   1 
ATOM 1035 H H    . ALA A 1 65 ? 10.032  1.192   7.048   1.00 0.62  ? 65 ALA A H    1 
ATOM 1036 H HA   . ALA A 1 65 ? 11.169  1.308   9.711   1.00 0.80  ? 65 ALA A HA   1 
ATOM 1037 H HB1  . ALA A 1 65 ? 12.476  1.246   7.621   1.00 1.27  ? 65 ALA A HB1  1 
ATOM 1038 H HB2  . ALA A 1 65 ? 12.857  2.704   8.537   1.00 1.54  ? 65 ALA A HB2  1 
ATOM 1039 H HB3  . ALA A 1 65 ? 11.788  2.797   7.138   1.00 1.48  ? 65 ALA A HB3  1 
ATOM 1040 N N    . LYS A 1 66 ? 9.312   3.779   8.722   1.00 0.93  ? 66 LYS A N    1 
ATOM 1041 C CA   . LYS A 1 66 ? 8.706   5.068   9.165   1.00 1.18  ? 66 LYS A CA   1 
ATOM 1042 C C    . LYS A 1 66 ? 7.521   4.805   10.096  1.00 1.32  ? 66 LYS A C    1 
ATOM 1043 O O    . LYS A 1 66 ? 7.582   5.049   11.284  1.00 1.58  ? 66 LYS A O    1 
ATOM 1044 C CB   . LYS A 1 66 ? 8.236   5.749   7.880   1.00 1.41  ? 66 LYS A CB   1 
ATOM 1045 C CG   . LYS A 1 66 ? 7.529   7.060   8.225   1.00 1.99  ? 66 LYS A CG   1 
ATOM 1046 C CD   . LYS A 1 66 ? 7.842   8.108   7.155   1.00 2.28  ? 66 LYS A CD   1 
ATOM 1047 C CE   . LYS A 1 66 ? 6.981   9.351   7.391   1.00 3.02  ? 66 LYS A CE   1 
ATOM 1048 N NZ   . LYS A 1 66 ? 7.031   10.102  6.106   1.00 3.49  ? 66 LYS A NZ   1 
ATOM 1049 H H    . LYS A 1 66 ? 8.963   3.323   7.928   1.00 0.90  ? 66 LYS A H    1 
ATOM 1050 H HA   . LYS A 1 66 ? 9.440   5.680   9.658   1.00 1.33  ? 66 LYS A HA   1 
ATOM 1051 H HB2  . LYS A 1 66 ? 9.090   5.955   7.250   1.00 1.40  ? 66 LYS A HB2  1 
ATOM 1052 H HB3  . LYS A 1 66 ? 7.551   5.099   7.357   1.00 1.52  ? 66 LYS A HB3  1 
ATOM 1053 H HG2  . LYS A 1 66 ? 6.462   6.893   8.265   1.00 2.41  ? 66 LYS A HG2  1 
ATOM 1054 H HG3  . LYS A 1 66 ? 7.874   7.414   9.185   1.00 2.27  ? 66 LYS A HG3  1 
ATOM 1055 H HD2  . LYS A 1 66 ? 8.887   8.376   7.209   1.00 2.52  ? 66 LYS A HD2  1 
ATOM 1056 H HD3  . LYS A 1 66 ? 7.623   7.702   6.179   1.00 2.48  ? 66 LYS A HD3  1 
ATOM 1057 H HE2  . LYS A 1 66 ? 5.965   9.066   7.624   1.00 3.39  ? 66 LYS A HE2  1 
ATOM 1058 H HE3  . LYS A 1 66 ? 7.396   9.952   8.185   1.00 3.39  ? 66 LYS A HE3  1 
ATOM 1059 H HZ1  . LYS A 1 66 ? 7.954   10.569  6.012   1.00 3.83  ? 66 LYS A HZ1  1 
ATOM 1060 H HZ2  . LYS A 1 66 ? 6.276   10.818  6.093   1.00 3.77  ? 66 LYS A HZ2  1 
ATOM 1061 H HZ3  . LYS A 1 66 ? 6.897   9.443   5.313   1.00 3.69  ? 66 LYS A HZ3  1 
ATOM 1062 N N    . GLN A 1 67 ? 6.442   4.308   9.561   1.00 1.48  ? 67 GLN A N    1 
ATOM 1063 C CA   . GLN A 1 67 ? 5.246   4.026   10.407  1.00 1.91  ? 67 GLN A CA   1 
ATOM 1064 C C    . GLN A 1 67 ? 5.649   3.222   11.647  1.00 2.26  ? 67 GLN A C    1 
ATOM 1065 O O    . GLN A 1 67 ? 5.655   3.729   12.752  1.00 2.94  ? 67 GLN A O    1 
ATOM 1066 C CB   . GLN A 1 67 ? 4.313   3.207   9.514   1.00 2.43  ? 67 GLN A CB   1 
ATOM 1067 C CG   . GLN A 1 67 ? 3.050   2.840   10.295  1.00 2.90  ? 67 GLN A CG   1 
ATOM 1068 C CD   . GLN A 1 67 ? 2.070   4.014   10.262  1.00 3.53  ? 67 GLN A CD   1 
ATOM 1069 O OE1  . GLN A 1 67 ? 1.291   4.144   9.339   1.00 4.11  ? 67 GLN A OE1  1 
ATOM 1070 N NE2  . GLN A 1 67 ? 2.075   4.880   11.237  1.00 3.89  ? 67 GLN A NE2  1 
ATOM 1071 H H    . GLN A 1 67 ? 6.417   4.121   8.600   1.00 1.49  ? 67 GLN A H    1 
ATOM 1072 H HA   . GLN A 1 67 ? 4.764   4.948   10.696  1.00 1.98  ? 67 GLN A HA   1 
ATOM 1073 H HB2  . GLN A 1 67 ? 4.044   3.790   8.646   1.00 2.41  ? 67 GLN A HB2  1 
ATOM 1074 H HB3  . GLN A 1 67 ? 4.816   2.304   9.201   1.00 2.82  ? 67 GLN A HB3  1 
ATOM 1075 H HG2  . GLN A 1 67 ? 2.589   1.971   9.846   1.00 3.08  ? 67 GLN A HG2  1 
ATOM 1076 H HG3  . GLN A 1 67 ? 3.311   2.620   11.319  1.00 3.12  ? 67 GLN A HG3  1 
ATOM 1077 H HE21 . GLN A 1 67 ? 2.703   4.776   11.982  1.00 3.84  ? 67 GLN A HE21 1 
ATOM 1078 H HE22 . GLN A 1 67 ? 1.451   5.635   11.225  1.00 4.46  ? 67 GLN A HE22 1 
ATOM 1079 N N    . LYS A 1 68 ? 5.984   1.973   11.475  1.00 2.25  ? 68 LYS A N    1 
ATOM 1080 C CA   . LYS A 1 68 ? 6.386   1.140   12.645  1.00 2.91  ? 68 LYS A CA   1 
ATOM 1081 C C    . LYS A 1 68 ? 7.653   1.710   13.289  1.00 3.50  ? 68 LYS A C    1 
ATOM 1082 O O    . LYS A 1 68 ? 8.754   1.289   12.994  1.00 3.82  ? 68 LYS A O    1 
ATOM 1083 C CB   . LYS A 1 68 ? 6.655   -0.251  12.069  1.00 3.29  ? 68 LYS A CB   1 
ATOM 1084 C CG   . LYS A 1 68 ? 7.188   -1.168  13.171  1.00 3.94  ? 68 LYS A CG   1 
ATOM 1085 C CD   . LYS A 1 68 ? 8.684   -1.409  12.959  1.00 4.67  ? 68 LYS A CD   1 
ATOM 1086 C CE   . LYS A 1 68 ? 8.964   -2.914  12.948  1.00 5.29  ? 68 LYS A CE   1 
ATOM 1087 N NZ   . LYS A 1 68 ? 10.335  -3.046  12.383  1.00 5.98  ? 68 LYS A NZ   1 
ATOM 1088 H H    . LYS A 1 68 ? 5.973   1.582   10.576  1.00 2.12  ? 68 LYS A H    1 
ATOM 1089 H HA   . LYS A 1 68 ? 5.585   1.091   13.366  1.00 3.26  ? 68 LYS A HA   1 
ATOM 1090 H HB2  . LYS A 1 68 ? 5.737   -0.659  11.671  1.00 3.33  ? 68 LYS A HB2  1 
ATOM 1091 H HB3  . LYS A 1 68 ? 7.388   -0.177  11.279  1.00 3.61  ? 68 LYS A HB3  1 
ATOM 1092 H HG2  . LYS A 1 68 ? 7.030   -0.702  14.133  1.00 4.25  ? 68 LYS A HG2  1 
ATOM 1093 H HG3  . LYS A 1 68 ? 6.665   -2.112  13.138  1.00 4.07  ? 68 LYS A HG3  1 
ATOM 1094 H HD2  . LYS A 1 68 ? 8.988   -0.979  12.015  1.00 4.82  ? 68 LYS A HD2  1 
ATOM 1095 H HD3  . LYS A 1 68 ? 9.240   -0.948  13.761  1.00 5.02  ? 68 LYS A HD3  1 
ATOM 1096 H HE2  . LYS A 1 68 ? 8.928   -3.309  13.953  1.00 5.62  ? 68 LYS A HE2  1 
ATOM 1097 H HE3  . LYS A 1 68 ? 8.252   -3.424  12.316  1.00 5.25  ? 68 LYS A HE3  1 
ATOM 1098 H HZ1  . LYS A 1 68 ? 10.944  -2.297  12.769  1.00 6.54  ? 68 LYS A HZ1  1 
ATOM 1099 H HZ2  . LYS A 1 68 ? 10.292  -2.959  11.346  1.00 6.11  ? 68 LYS A HZ2  1 
ATOM 1100 H HZ3  . LYS A 1 68 ? 10.727  -3.974  12.637  1.00 6.07  ? 68 LYS A HZ3  1 
ATOM 1101 N N    . LYS A 1 69 ? 7.506   2.665   14.166  1.00 4.17  ? 69 LYS A N    1 
ATOM 1102 C CA   . LYS A 1 69 ? 8.704   3.260   14.826  1.00 5.16  ? 69 LYS A CA   1 
ATOM 1103 C C    . LYS A 1 69 ? 9.377   2.225   15.731  1.00 5.82  ? 69 LYS A C    1 
ATOM 1104 O O    . LYS A 1 69 ? 9.226   2.249   16.936  1.00 5.97  ? 69 LYS A O    1 
ATOM 1105 C CB   . LYS A 1 69 ? 8.163   4.427   15.654  1.00 5.80  ? 69 LYS A CB   1 
ATOM 1106 C CG   . LYS A 1 69 ? 7.830   5.600   14.730  1.00 6.41  ? 69 LYS A CG   1 
ATOM 1107 C CD   . LYS A 1 69 ? 9.126   6.248   14.235  1.00 7.05  ? 69 LYS A CD   1 
ATOM 1108 C CE   . LYS A 1 69 ? 9.837   6.935   15.403  1.00 7.94  ? 69 LYS A CE   1 
ATOM 1109 N NZ   . LYS A 1 69 ? 8.830   7.877   15.968  1.00 8.44  ? 69 LYS A NZ   1 
ATOM 1110 H H    . LYS A 1 69 ? 6.610   2.991   14.389  1.00 4.28  ? 69 LYS A H    1 
ATOM 1111 H HA   . LYS A 1 69 ? 9.399   3.624   14.087  1.00 5.29  ? 69 LYS A HA   1 
ATOM 1112 H HB2  . LYS A 1 69 ? 7.269   4.113   16.175  1.00 5.84  ? 69 LYS A HB2  1 
ATOM 1113 H HB3  . LYS A 1 69 ? 8.908   4.735   16.372  1.00 6.19  ? 69 LYS A HB3  1 
ATOM 1114 H HG2  . LYS A 1 69 ? 7.261   5.241   13.885  1.00 6.75  ? 69 LYS A HG2  1 
ATOM 1115 H HG3  . LYS A 1 69 ? 7.250   6.331   15.271  1.00 6.42  ? 69 LYS A HG3  1 
ATOM 1116 H HD2  . LYS A 1 69 ? 9.771   5.489   13.817  1.00 7.16  ? 69 LYS A HD2  1 
ATOM 1117 H HD3  . LYS A 1 69 ? 8.894   6.981   13.477  1.00 7.07  ? 69 LYS A HD3  1 
ATOM 1118 H HE2  . LYS A 1 69 ? 10.130  6.204   16.146  1.00 8.30  ? 69 LYS A HE2  1 
ATOM 1119 H HE3  . LYS A 1 69 ? 10.698  7.482   15.051  1.00 8.11  ? 69 LYS A HE3  1 
ATOM 1120 H HZ1  . LYS A 1 69 ? 9.317   8.630   16.495  1.00 8.88  ? 69 LYS A HZ1  1 
ATOM 1121 H HZ2  . LYS A 1 69 ? 8.194   7.361   16.609  1.00 8.56  ? 69 LYS A HZ2  1 
ATOM 1122 H HZ3  . LYS A 1 69 ? 8.278   8.300   15.196  1.00 8.49  ? 69 LYS A HZ3  1 
ATOM 1123 N N    . ALA A 1 70 ? 10.120  1.317   15.159  1.00 6.55  ? 70 ALA A N    1 
ATOM 1124 C CA   . ALA A 1 70 ? 10.803  0.283   15.987  1.00 7.46  ? 70 ALA A CA   1 
ATOM 1125 C C    . ALA A 1 70 ? 11.658  0.950   17.067  1.00 7.96  ? 70 ALA A C    1 
ATOM 1126 O O    . ALA A 1 70 ? 11.247  1.091   18.201  1.00 8.30  ? 70 ALA A O    1 
ATOM 1127 C CB   . ALA A 1 70 ? 11.681  -0.493  15.006  1.00 7.84  ? 70 ALA A CB   1 
ATOM 1128 H H    . ALA A 1 70 ? 10.229  1.316   14.186  1.00 6.67  ? 70 ALA A H    1 
ATOM 1129 H HA   . ALA A 1 70 ? 10.080  -0.378  16.436  1.00 7.76  ? 70 ALA A HA   1 
ATOM 1130 H HB1  . ALA A 1 70 ? 11.794  0.077   14.095  1.00 8.00  ? 70 ALA A HB1  1 
ATOM 1131 H HB2  . ALA A 1 70 ? 11.219  -1.443  14.782  1.00 8.00  ? 70 ALA A HB2  1 
ATOM 1132 H HB3  . ALA A 1 70 ? 12.653  -0.661  15.448  1.00 8.09  ? 70 ALA A HB3  1 
ATOM 1133 N N    . SER A 1 71 ? 12.847  1.360   16.722  1.00 8.29  ? 71 SER A N    1 
ATOM 1134 C CA   . SER A 1 71 ? 13.729  2.018   17.728  1.00 9.07  ? 71 SER A CA   1 
ATOM 1135 C C    . SER A 1 71 ? 14.831  2.817   17.023  1.00 9.78  ? 71 SER A C    1 
ATOM 1136 O O    . SER A 1 71 ? 15.112  2.595   15.862  1.00 10.10 ? 71 SER A O    1 
ATOM 1137 C CB   . SER A 1 71 ? 14.334  0.871   18.536  1.00 9.33  ? 71 SER A CB   1 
ATOM 1138 O OG   . SER A 1 71 ? 15.303  0.198   17.743  1.00 9.51  ? 71 SER A OG   1 
ATOM 1139 H H    . SER A 1 71 ? 13.159  1.237   15.802  1.00 8.20  ? 71 SER A H    1 
ATOM 1140 H HA   . SER A 1 71 ? 13.152  2.660   18.374  1.00 9.16  ? 71 SER A HA   1 
ATOM 1141 H HB2  . SER A 1 71 ? 14.808  1.262   19.421  1.00 9.41  ? 71 SER A HB2  1 
ATOM 1142 H HB3  . SER A 1 71 ? 13.549  0.184   18.824  1.00 9.57  ? 71 SER A HB3  1 
ATOM 1143 H HG   . SER A 1 71 ? 14.855  -0.174  16.980  1.00 9.73  ? 71 SER A HG   1 
ATOM 1144 N N    . PRO A 1 72 ? 15.421  3.725   17.755  1.00 10.23 ? 72 PRO A N    1 
ATOM 1145 C CA   . PRO A 1 72 ? 16.505  4.568   17.195  1.00 11.13 ? 72 PRO A CA   1 
ATOM 1146 C C    . PRO A 1 72 ? 17.783  3.744   17.006  1.00 11.94 ? 72 PRO A C    1 
ATOM 1147 O O    . PRO A 1 72 ? 18.609  4.046   16.168  1.00 12.41 ? 72 PRO A O    1 
ATOM 1148 C CB   . PRO A 1 72 ? 16.705  5.646   18.251  1.00 11.51 ? 72 PRO A CB   1 
ATOM 1149 C CG   . PRO A 1 72 ? 16.221  5.034   19.522  1.00 11.12 ? 72 PRO A CG   1 
ATOM 1150 C CD   . PRO A 1 72 ? 15.140  4.051   19.157  1.00 10.17 ? 72 PRO A CD   1 
ATOM 1151 H HA   . PRO A 1 72 ? 16.197  5.015   16.270  1.00 11.11 ? 72 PRO A HA   1 
ATOM 1152 H HB2  . PRO A 1 72 ? 17.753  5.904   18.330  1.00 12.33 ? 72 PRO A HB2  1 
ATOM 1153 H HB3  . PRO A 1 72 ? 16.118  6.520   18.014  1.00 11.39 ? 72 PRO A HB3  1 
ATOM 1154 H HG2  . PRO A 1 72 ? 17.035  4.524   20.014  1.00 11.65 ? 72 PRO A HG2  1 
ATOM 1155 H HG3  . PRO A 1 72 ? 15.814  5.797   20.165  1.00 11.15 ? 72 PRO A HG3  1 
ATOM 1156 H HD2  . PRO A 1 72 ? 15.207  3.167   19.777  1.00 10.21 ? 72 PRO A HD2  1 
ATOM 1157 H HD3  . PRO A 1 72 ? 14.165  4.506   19.245  1.00 9.67  ? 72 PRO A HD3  1 
ATOM 1158 N N    . ARG A 1 73 ? 17.948  2.706   17.779  1.00 12.27 ? 73 ARG A N    1 
ATOM 1159 C CA   . ARG A 1 73 ? 19.171  1.864   17.644  1.00 13.19 ? 73 ARG A CA   1 
ATOM 1160 C C    . ARG A 1 73 ? 19.096  1.026   16.363  1.00 13.52 ? 73 ARG A C    1 
ATOM 1161 O O    . ARG A 1 73 ? 20.141  0.751   15.797  1.00 13.78 ? 73 ARG A O    1 
ATOM 1162 C CB   . ARG A 1 73 ? 19.168  0.962   18.879  1.00 13.52 ? 73 ARG A CB   1 
ATOM 1163 C CG   . ARG A 1 73 ? 20.305  -0.056  18.774  1.00 14.25 ? 73 ARG A CG   1 
ATOM 1164 C CD   . ARG A 1 73 ? 19.733  -1.472  18.864  1.00 14.79 ? 73 ARG A CD   1 
ATOM 1165 N NE   . ARG A 1 73 ? 18.810  -1.589  17.702  1.00 15.36 ? 73 ARG A NE   1 
ATOM 1166 C CZ   . ARG A 1 73 ? 18.887  -2.622  16.908  1.00 15.79 ? 73 ARG A CZ   1 
ATOM 1167 N NH1  . ARG A 1 73 ? 18.429  -3.780  17.299  1.00 16.28 ? 73 ARG A NH1  1 
ATOM 1168 N NH2  . ARG A 1 73 ? 19.421  -2.497  15.724  1.00 15.86 ? 73 ARG A NH2  1 
ATOM 1169 O OXT  . ARG A 1 73 ? 17.996  0.675   15.973  1.00 13.65 ? 73 ARG A OXT  1 
ATOM 1170 H H    . ARG A 1 73 ? 17.269  2.480   18.447  1.00 12.02 ? 73 ARG A H    1 
ATOM 1171 H HA   . ARG A 1 73 ? 20.056  2.480   17.640  1.00 13.55 ? 73 ARG A HA   1 
ATOM 1172 H HB2  . ARG A 1 73 ? 19.305  1.565   19.765  1.00 13.21 ? 73 ARG A HB2  1 
ATOM 1173 H HB3  . ARG A 1 73 ? 18.225  0.439   18.941  1.00 13.72 ? 73 ARG A HB3  1 
ATOM 1174 H HG2  . ARG A 1 73 ? 20.812  0.069   17.828  1.00 14.54 ? 73 ARG A HG2  1 
ATOM 1175 H HG3  . ARG A 1 73 ? 21.005  0.099   19.581  1.00 14.25 ? 73 ARG A HG3  1 
ATOM 1176 H HD2  . ARG A 1 73 ? 20.527  -2.203  18.792  1.00 14.67 ? 73 ARG A HD2  1 
ATOM 1177 H HD3  . ARG A 1 73 ? 19.185  -1.599  19.785  1.00 15.04 ? 73 ARG A HD3  1 
ATOM 1178 H HE   . ARG A 1 73 ? 18.145  -0.889  17.531  1.00 15.53 ? 73 ARG A HE   1 
ATOM 1179 H HH11 . ARG A 1 73 ? 18.019  -3.876  18.206  1.00 16.31 ? 73 ARG A HH11 1 
ATOM 1180 H HH12 . ARG A 1 73 ? 18.488  -4.571  16.691  1.00 16.70 ? 73 ARG A HH12 1 
ATOM 1181 H HH21 . ARG A 1 73 ? 19.773  -1.610  15.426  1.00 15.56 ? 73 ARG A HH21 1 
ATOM 1182 H HH22 . ARG A 1 73 ? 19.481  -3.289  15.117  1.00 16.30 ? 73 ARG A HH22 1 
# 
